data_8VD6
# 
_entry.id   8VD6 
# 
_audit_conform.dict_name       mmcif_pdbx.dic 
_audit_conform.dict_version    5.404 
_audit_conform.dict_location   http://mmcif.pdb.org/dictionaries/ascii/mmcif_pdbx.dic 
# 
loop_
_database_2.database_id 
_database_2.database_code 
_database_2.pdbx_database_accession 
_database_2.pdbx_DOI 
PDB   8VD6         pdb_00008vd6 10.2210/pdb8vd6/pdb 
WWPDB D_1000279937 ?            ?                   
# 
loop_
_pdbx_audit_revision_history.ordinal 
_pdbx_audit_revision_history.data_content_type 
_pdbx_audit_revision_history.major_revision 
_pdbx_audit_revision_history.minor_revision 
_pdbx_audit_revision_history.revision_date 
_pdbx_audit_revision_history.part_number 
1 'Structure model' 1 0 2024-09-18 ? 
2 'Structure model' 1 1 2024-10-02 ? 
3 'Structure model' 1 2 2024-10-09 ? 
4 'Structure model' 1 3 2025-08-20 ? 
# 
_pdbx_audit_revision_details.ordinal             1 
_pdbx_audit_revision_details.revision_ordinal    1 
_pdbx_audit_revision_details.data_content_type   'Structure model' 
_pdbx_audit_revision_details.provider            repository 
_pdbx_audit_revision_details.type                'Initial release' 
_pdbx_audit_revision_details.description         ? 
_pdbx_audit_revision_details.details             ? 
# 
loop_
_pdbx_audit_revision_group.ordinal 
_pdbx_audit_revision_group.revision_ordinal 
_pdbx_audit_revision_group.data_content_type 
_pdbx_audit_revision_group.group 
1 2 'Structure model' 'Database references' 
2 3 'Structure model' 'Database references' 
3 3 'Structure model' 'Structure summary'   
4 4 'Structure model' 'Database references' 
# 
loop_
_pdbx_audit_revision_category.ordinal 
_pdbx_audit_revision_category.revision_ordinal 
_pdbx_audit_revision_category.data_content_type 
_pdbx_audit_revision_category.category 
1 2 'Structure model' citation           
2 2 'Structure model' citation_author    
3 3 'Structure model' citation           
4 3 'Structure model' citation_author    
5 3 'Structure model' pdbx_entry_details 
6 4 'Structure model' citation           
7 4 'Structure model' citation_author    
# 
loop_
_pdbx_audit_revision_item.ordinal 
_pdbx_audit_revision_item.revision_ordinal 
_pdbx_audit_revision_item.data_content_type 
_pdbx_audit_revision_item.item 
1  2 'Structure model' '_citation.country'                 
2  2 'Structure model' '_citation.journal_abbrev'          
3  2 'Structure model' '_citation.journal_id_ASTM'         
4  2 'Structure model' '_citation.journal_id_CSD'          
5  2 'Structure model' '_citation.journal_id_ISSN'         
6  2 'Structure model' '_citation.pdbx_database_id_DOI'    
7  2 'Structure model' '_citation.title'                   
8  2 'Structure model' '_citation.year'                    
9  3 'Structure model' '_citation.pdbx_database_id_PubMed' 
10 4 'Structure model' '_citation.journal_volume'          
11 4 'Structure model' '_citation.page_first'              
12 4 'Structure model' '_citation.page_last'               
13 4 'Structure model' '_citation.year'                    
14 4 'Structure model' '_citation_author.identifier_ORCID' 
# 
_pdbx_database_status.status_code                     REL 
_pdbx_database_status.status_code_sf                  REL 
_pdbx_database_status.status_code_mr                  ? 
_pdbx_database_status.entry_id                        8VD6 
_pdbx_database_status.recvd_initial_deposition_date   2023-12-14 
_pdbx_database_status.SG_entry                        N 
_pdbx_database_status.deposit_site                    RCSB 
_pdbx_database_status.process_site                    RCSB 
_pdbx_database_status.status_code_cs                  ? 
_pdbx_database_status.status_code_nmr_data            ? 
_pdbx_database_status.methods_development_category    ? 
_pdbx_database_status.pdb_format_compatible           Y 
# 
_pdbx_contact_author.id                 2 
_pdbx_contact_author.email              dabaker@uw.edu 
_pdbx_contact_author.name_first         David 
_pdbx_contact_author.name_last          Baker 
_pdbx_contact_author.name_mi            K 
_pdbx_contact_author.role               'principal investigator/group leader' 
_pdbx_contact_author.identifier_ORCID   0000-0001-7896-6217 
# 
loop_
_audit_author.name 
_audit_author.pdbx_ordinal 
_audit_author.identifier_ORCID 
'Bera, A.K.'    1 ? 
'Gershon, J.M.' 2 ? 
'Kang, A.'      3 ? 
'Baker, D.'     4 ? 
# 
_citation.abstract                  ? 
_citation.abstract_id_CAS           ? 
_citation.book_id_ISBN              ? 
_citation.book_publisher            ? 
_citation.book_publisher_city       ? 
_citation.book_title                ? 
_citation.coordinate_linkage        ? 
_citation.country                   US 
_citation.database_id_Medline       ? 
_citation.details                   ? 
_citation.id                        primary 
_citation.journal_abbrev            Nat.Biotechnol. 
_citation.journal_id_ASTM           NABIF9 
_citation.journal_id_CSD            2119 
_citation.journal_id_ISSN           1087-0156 
_citation.journal_full              ? 
_citation.journal_issue             ? 
_citation.journal_volume            43 
_citation.language                  ? 
_citation.page_first                1288 
_citation.page_last                 1298 
_citation.title                     'Multistate and functional protein design using RoseTTAFold sequence space diffusion.' 
_citation.year                      2025 
_citation.database_id_CSD           ? 
_citation.pdbx_database_id_DOI      10.1038/s41587-024-02395-w 
_citation.pdbx_database_id_PubMed   39322764 
_citation.pdbx_database_id_patent   ? 
_citation.unpublished_flag          ? 
# 
loop_
_citation_author.citation_id 
_citation_author.name 
_citation_author.ordinal 
_citation_author.identifier_ORCID 
primary 'Lisanza, S.L.'     1  ?                   
primary 'Gershon, J.M.'     2  ?                   
primary 'Tipps, S.W.K.'     3  0000-0001-9056-8959 
primary 'Sims, J.N.'        4  ?                   
primary 'Arnoldt, L.'       5  0000-0001-6218-7729 
primary 'Hendel, S.J.'      6  ?                   
primary 'Simma, M.K.'       7  ?                   
primary 'Liu, G.'           8  ?                   
primary 'Yase, M.'          9  ?                   
primary 'Wu, H.'            10 ?                   
primary 'Tharp, C.D.'       11 ?                   
primary 'Li, X.'            12 ?                   
primary 'Kang, A.'          13 0000-0001-5487-0499 
primary 'Brackenbrough, E.' 14 ?                   
primary 'Bera, A.K.'        15 0000-0001-9473-2912 
primary 'Gerben, S.'        16 0000-0003-0313-6248 
primary 'Wittmann, B.J.'    17 0000-0001-8144-9157 
primary 'McShan, A.C.'      18 0000-0002-3212-9867 
primary 'Baker, D.'         19 0000-0001-7896-6217 
# 
_entity.id                         1 
_entity.type                       polymer 
_entity.src_method                 man 
_entity.pdbx_description           'CAP REPEAT' 
_entity.formula_weight             21141.961 
_entity.pdbx_number_of_molecules   1 
_entity.pdbx_ec                    ? 
_entity.pdbx_mutation              ? 
_entity.pdbx_fragment              ? 
_entity.details                    ? 
# 
_entity_poly.entity_id                      1 
_entity_poly.type                           'polypeptide(L)' 
_entity_poly.nstd_linkage                   no 
_entity_poly.nstd_monomer                   no 
_entity_poly.pdbx_seq_one_letter_code       
;LHEAKEREELRREVRELIEEGKTAEEIAEILGLSVDEIKELIGRREVRELIEEGKTAEEIAEILGLSVDEIKELIGRREV
RELIEEGKTAEEIAEILGLSVDEIKELIGRREVRELIEEGKTAEEIAEILGLSVDEIKELIGRREVRELIEEGKTAEEIA
EILGLSVDEIKELIGEEEIKKIEEK
;
_entity_poly.pdbx_seq_one_letter_code_can   
;LHEAKEREELRREVRELIEEGKTAEEIAEILGLSVDEIKELIGRREVRELIEEGKTAEEIAEILGLSVDEIKELIGRREV
RELIEEGKTAEEIAEILGLSVDEIKELIGRREVRELIEEGKTAEEIAEILGLSVDEIKELIGRREVRELIEEGKTAEEIA
EILGLSVDEIKELIGEEEIKKIEEK
;
_entity_poly.pdbx_strand_id                 A 
_entity_poly.pdbx_target_identifier         ? 
# 
loop_
_entity_poly_seq.entity_id 
_entity_poly_seq.num 
_entity_poly_seq.mon_id 
_entity_poly_seq.hetero 
1 1   LEU n 
1 2   HIS n 
1 3   GLU n 
1 4   ALA n 
1 5   LYS n 
1 6   GLU n 
1 7   ARG n 
1 8   GLU n 
1 9   GLU n 
1 10  LEU n 
1 11  ARG n 
1 12  ARG n 
1 13  GLU n 
1 14  VAL n 
1 15  ARG n 
1 16  GLU n 
1 17  LEU n 
1 18  ILE n 
1 19  GLU n 
1 20  GLU n 
1 21  GLY n 
1 22  LYS n 
1 23  THR n 
1 24  ALA n 
1 25  GLU n 
1 26  GLU n 
1 27  ILE n 
1 28  ALA n 
1 29  GLU n 
1 30  ILE n 
1 31  LEU n 
1 32  GLY n 
1 33  LEU n 
1 34  SER n 
1 35  VAL n 
1 36  ASP n 
1 37  GLU n 
1 38  ILE n 
1 39  LYS n 
1 40  GLU n 
1 41  LEU n 
1 42  ILE n 
1 43  GLY n 
1 44  ARG n 
1 45  ARG n 
1 46  GLU n 
1 47  VAL n 
1 48  ARG n 
1 49  GLU n 
1 50  LEU n 
1 51  ILE n 
1 52  GLU n 
1 53  GLU n 
1 54  GLY n 
1 55  LYS n 
1 56  THR n 
1 57  ALA n 
1 58  GLU n 
1 59  GLU n 
1 60  ILE n 
1 61  ALA n 
1 62  GLU n 
1 63  ILE n 
1 64  LEU n 
1 65  GLY n 
1 66  LEU n 
1 67  SER n 
1 68  VAL n 
1 69  ASP n 
1 70  GLU n 
1 71  ILE n 
1 72  LYS n 
1 73  GLU n 
1 74  LEU n 
1 75  ILE n 
1 76  GLY n 
1 77  ARG n 
1 78  ARG n 
1 79  GLU n 
1 80  VAL n 
1 81  ARG n 
1 82  GLU n 
1 83  LEU n 
1 84  ILE n 
1 85  GLU n 
1 86  GLU n 
1 87  GLY n 
1 88  LYS n 
1 89  THR n 
1 90  ALA n 
1 91  GLU n 
1 92  GLU n 
1 93  ILE n 
1 94  ALA n 
1 95  GLU n 
1 96  ILE n 
1 97  LEU n 
1 98  GLY n 
1 99  LEU n 
1 100 SER n 
1 101 VAL n 
1 102 ASP n 
1 103 GLU n 
1 104 ILE n 
1 105 LYS n 
1 106 GLU n 
1 107 LEU n 
1 108 ILE n 
1 109 GLY n 
1 110 ARG n 
1 111 ARG n 
1 112 GLU n 
1 113 VAL n 
1 114 ARG n 
1 115 GLU n 
1 116 LEU n 
1 117 ILE n 
1 118 GLU n 
1 119 GLU n 
1 120 GLY n 
1 121 LYS n 
1 122 THR n 
1 123 ALA n 
1 124 GLU n 
1 125 GLU n 
1 126 ILE n 
1 127 ALA n 
1 128 GLU n 
1 129 ILE n 
1 130 LEU n 
1 131 GLY n 
1 132 LEU n 
1 133 SER n 
1 134 VAL n 
1 135 ASP n 
1 136 GLU n 
1 137 ILE n 
1 138 LYS n 
1 139 GLU n 
1 140 LEU n 
1 141 ILE n 
1 142 GLY n 
1 143 ARG n 
1 144 ARG n 
1 145 GLU n 
1 146 VAL n 
1 147 ARG n 
1 148 GLU n 
1 149 LEU n 
1 150 ILE n 
1 151 GLU n 
1 152 GLU n 
1 153 GLY n 
1 154 LYS n 
1 155 THR n 
1 156 ALA n 
1 157 GLU n 
1 158 GLU n 
1 159 ILE n 
1 160 ALA n 
1 161 GLU n 
1 162 ILE n 
1 163 LEU n 
1 164 GLY n 
1 165 LEU n 
1 166 SER n 
1 167 VAL n 
1 168 ASP n 
1 169 GLU n 
1 170 ILE n 
1 171 LYS n 
1 172 GLU n 
1 173 LEU n 
1 174 ILE n 
1 175 GLY n 
1 176 GLU n 
1 177 GLU n 
1 178 GLU n 
1 179 ILE n 
1 180 LYS n 
1 181 LYS n 
1 182 ILE n 
1 183 GLU n 
1 184 GLU n 
1 185 LYS n 
# 
_entity_src_gen.entity_id                          1 
_entity_src_gen.pdbx_src_id                        1 
_entity_src_gen.pdbx_alt_source_flag               sample 
_entity_src_gen.pdbx_seq_type                      'Biological sequence' 
_entity_src_gen.pdbx_beg_seq_num                   1 
_entity_src_gen.pdbx_end_seq_num                   185 
_entity_src_gen.gene_src_common_name               ? 
_entity_src_gen.gene_src_genus                     ? 
_entity_src_gen.pdbx_gene_src_gene                 ? 
_entity_src_gen.gene_src_species                   ? 
_entity_src_gen.gene_src_strain                    ? 
_entity_src_gen.gene_src_tissue                    ? 
_entity_src_gen.gene_src_tissue_fraction           ? 
_entity_src_gen.gene_src_details                   ? 
_entity_src_gen.pdbx_gene_src_fragment             ? 
_entity_src_gen.pdbx_gene_src_scientific_name      'synthetic construct' 
_entity_src_gen.pdbx_gene_src_ncbi_taxonomy_id     32630 
_entity_src_gen.pdbx_gene_src_variant              ? 
_entity_src_gen.pdbx_gene_src_cell_line            ? 
_entity_src_gen.pdbx_gene_src_atcc                 ? 
_entity_src_gen.pdbx_gene_src_organ                ? 
_entity_src_gen.pdbx_gene_src_organelle            ? 
_entity_src_gen.pdbx_gene_src_cell                 ? 
_entity_src_gen.pdbx_gene_src_cellular_location    ? 
_entity_src_gen.host_org_common_name               ? 
_entity_src_gen.pdbx_host_org_scientific_name      'Escherichia coli' 
_entity_src_gen.pdbx_host_org_ncbi_taxonomy_id     562 
_entity_src_gen.host_org_genus                     ? 
_entity_src_gen.pdbx_host_org_gene                 ? 
_entity_src_gen.pdbx_host_org_organ                ? 
_entity_src_gen.host_org_species                   ? 
_entity_src_gen.pdbx_host_org_tissue               ? 
_entity_src_gen.pdbx_host_org_tissue_fraction      ? 
_entity_src_gen.pdbx_host_org_strain               ? 
_entity_src_gen.pdbx_host_org_variant              ? 
_entity_src_gen.pdbx_host_org_cell_line            ? 
_entity_src_gen.pdbx_host_org_atcc                 ? 
_entity_src_gen.pdbx_host_org_culture_collection   ? 
_entity_src_gen.pdbx_host_org_cell                 ? 
_entity_src_gen.pdbx_host_org_organelle            ? 
_entity_src_gen.pdbx_host_org_cellular_location    ? 
_entity_src_gen.pdbx_host_org_vector_type          ? 
_entity_src_gen.pdbx_host_org_vector               ? 
_entity_src_gen.host_org_details                   ? 
_entity_src_gen.expression_system_id               ? 
_entity_src_gen.plasmid_name                       ? 
_entity_src_gen.plasmid_details                    ? 
_entity_src_gen.pdbx_description                   ? 
# 
loop_
_chem_comp.id 
_chem_comp.type 
_chem_comp.mon_nstd_flag 
_chem_comp.name 
_chem_comp.pdbx_synonyms 
_chem_comp.formula 
_chem_comp.formula_weight 
ALA 'L-peptide linking' y ALANINE         ? 'C3 H7 N O2'     89.093  
ARG 'L-peptide linking' y ARGININE        ? 'C6 H15 N4 O2 1' 175.209 
ASP 'L-peptide linking' y 'ASPARTIC ACID' ? 'C4 H7 N O4'     133.103 
GLU 'L-peptide linking' y 'GLUTAMIC ACID' ? 'C5 H9 N O4'     147.129 
GLY 'peptide linking'   y GLYCINE         ? 'C2 H5 N O2'     75.067  
HIS 'L-peptide linking' y HISTIDINE       ? 'C6 H10 N3 O2 1' 156.162 
ILE 'L-peptide linking' y ISOLEUCINE      ? 'C6 H13 N O2'    131.173 
LEU 'L-peptide linking' y LEUCINE         ? 'C6 H13 N O2'    131.173 
LYS 'L-peptide linking' y LYSINE          ? 'C6 H15 N2 O2 1' 147.195 
SER 'L-peptide linking' y SERINE          ? 'C3 H7 N O3'     105.093 
THR 'L-peptide linking' y THREONINE       ? 'C4 H9 N O3'     119.119 
VAL 'L-peptide linking' y VALINE          ? 'C5 H11 N O2'    117.146 
# 
loop_
_pdbx_poly_seq_scheme.asym_id 
_pdbx_poly_seq_scheme.entity_id 
_pdbx_poly_seq_scheme.seq_id 
_pdbx_poly_seq_scheme.mon_id 
_pdbx_poly_seq_scheme.ndb_seq_num 
_pdbx_poly_seq_scheme.pdb_seq_num 
_pdbx_poly_seq_scheme.auth_seq_num 
_pdbx_poly_seq_scheme.pdb_mon_id 
_pdbx_poly_seq_scheme.auth_mon_id 
_pdbx_poly_seq_scheme.pdb_strand_id 
_pdbx_poly_seq_scheme.pdb_ins_code 
_pdbx_poly_seq_scheme.hetero 
A 1 1   LEU 1   1   ?   ?   ?   A . n 
A 1 2   HIS 2   2   ?   ?   ?   A . n 
A 1 3   GLU 3   3   ?   ?   ?   A . n 
A 1 4   ALA 4   4   ?   ?   ?   A . n 
A 1 5   LYS 5   5   ?   ?   ?   A . n 
A 1 6   GLU 6   6   ?   ?   ?   A . n 
A 1 7   ARG 7   7   ?   ?   ?   A . n 
A 1 8   GLU 8   8   8   GLU GLU A . n 
A 1 9   GLU 9   9   9   GLU GLU A . n 
A 1 10  LEU 10  10  10  LEU LEU A . n 
A 1 11  ARG 11  11  11  ARG ARG A . n 
A 1 12  ARG 12  12  12  ARG ARG A . n 
A 1 13  GLU 13  13  13  GLU GLU A . n 
A 1 14  VAL 14  14  14  VAL VAL A . n 
A 1 15  ARG 15  15  15  ARG ARG A . n 
A 1 16  GLU 16  16  16  GLU GLU A . n 
A 1 17  LEU 17  17  17  LEU LEU A . n 
A 1 18  ILE 18  18  18  ILE ILE A . n 
A 1 19  GLU 19  19  19  GLU GLU A . n 
A 1 20  GLU 20  20  20  GLU GLU A . n 
A 1 21  GLY 21  21  21  GLY GLY A . n 
A 1 22  LYS 22  22  22  LYS LYS A . n 
A 1 23  THR 23  23  23  THR THR A . n 
A 1 24  ALA 24  24  24  ALA ALA A . n 
A 1 25  GLU 25  25  25  GLU GLU A . n 
A 1 26  GLU 26  26  26  GLU GLU A . n 
A 1 27  ILE 27  27  27  ILE ILE A . n 
A 1 28  ALA 28  28  28  ALA ALA A . n 
A 1 29  GLU 29  29  29  GLU GLU A . n 
A 1 30  ILE 30  30  30  ILE ILE A . n 
A 1 31  LEU 31  31  31  LEU LEU A . n 
A 1 32  GLY 32  32  32  GLY GLY A . n 
A 1 33  LEU 33  33  33  LEU LEU A . n 
A 1 34  SER 34  34  34  SER SER A . n 
A 1 35  VAL 35  35  35  VAL VAL A . n 
A 1 36  ASP 36  36  36  ASP ASP A . n 
A 1 37  GLU 37  37  37  GLU GLU A . n 
A 1 38  ILE 38  38  38  ILE ILE A . n 
A 1 39  LYS 39  39  39  LYS LYS A . n 
A 1 40  GLU 40  40  40  GLU GLU A . n 
A 1 41  LEU 41  41  41  LEU LEU A . n 
A 1 42  ILE 42  42  42  ILE ILE A . n 
A 1 43  GLY 43  43  43  GLY GLY A . n 
A 1 44  ARG 44  44  44  ARG ARG A . n 
A 1 45  ARG 45  45  45  ARG ARG A . n 
A 1 46  GLU 46  46  46  GLU GLU A . n 
A 1 47  VAL 47  47  47  VAL VAL A . n 
A 1 48  ARG 48  48  48  ARG ARG A . n 
A 1 49  GLU 49  49  49  GLU GLU A . n 
A 1 50  LEU 50  50  50  LEU LEU A . n 
A 1 51  ILE 51  51  51  ILE ILE A . n 
A 1 52  GLU 52  52  52  GLU GLU A . n 
A 1 53  GLU 53  53  53  GLU GLU A . n 
A 1 54  GLY 54  54  54  GLY GLY A . n 
A 1 55  LYS 55  55  55  LYS LYS A . n 
A 1 56  THR 56  56  56  THR THR A . n 
A 1 57  ALA 57  57  57  ALA ALA A . n 
A 1 58  GLU 58  58  58  GLU GLU A . n 
A 1 59  GLU 59  59  59  GLU GLU A . n 
A 1 60  ILE 60  60  60  ILE ILE A . n 
A 1 61  ALA 61  61  61  ALA ALA A . n 
A 1 62  GLU 62  62  62  GLU GLU A . n 
A 1 63  ILE 63  63  63  ILE ILE A . n 
A 1 64  LEU 64  64  64  LEU LEU A . n 
A 1 65  GLY 65  65  65  GLY GLY A . n 
A 1 66  LEU 66  66  66  LEU LEU A . n 
A 1 67  SER 67  67  67  SER SER A . n 
A 1 68  VAL 68  68  68  VAL VAL A . n 
A 1 69  ASP 69  69  69  ASP ASP A . n 
A 1 70  GLU 70  70  70  GLU GLU A . n 
A 1 71  ILE 71  71  71  ILE ILE A . n 
A 1 72  LYS 72  72  72  LYS LYS A . n 
A 1 73  GLU 73  73  73  GLU GLU A . n 
A 1 74  LEU 74  74  74  LEU LEU A . n 
A 1 75  ILE 75  75  75  ILE ILE A . n 
A 1 76  GLY 76  76  76  GLY GLY A . n 
A 1 77  ARG 77  77  77  ARG ARG A . n 
A 1 78  ARG 78  78  78  ARG ARG A . n 
A 1 79  GLU 79  79  79  GLU GLU A . n 
A 1 80  VAL 80  80  80  VAL VAL A . n 
A 1 81  ARG 81  81  81  ARG ARG A . n 
A 1 82  GLU 82  82  82  GLU GLU A . n 
A 1 83  LEU 83  83  83  LEU LEU A . n 
A 1 84  ILE 84  84  84  ILE ILE A . n 
A 1 85  GLU 85  85  85  GLU GLU A . n 
A 1 86  GLU 86  86  86  GLU GLU A . n 
A 1 87  GLY 87  87  87  GLY GLY A . n 
A 1 88  LYS 88  88  88  LYS LYS A . n 
A 1 89  THR 89  89  89  THR THR A . n 
A 1 90  ALA 90  90  90  ALA ALA A . n 
A 1 91  GLU 91  91  91  GLU GLU A . n 
A 1 92  GLU 92  92  92  GLU GLU A . n 
A 1 93  ILE 93  93  93  ILE ILE A . n 
A 1 94  ALA 94  94  94  ALA ALA A . n 
A 1 95  GLU 95  95  95  GLU GLU A . n 
A 1 96  ILE 96  96  96  ILE ILE A . n 
A 1 97  LEU 97  97  97  LEU LEU A . n 
A 1 98  GLY 98  98  98  GLY GLY A . n 
A 1 99  LEU 99  99  99  LEU LEU A . n 
A 1 100 SER 100 100 100 SER SER A . n 
A 1 101 VAL 101 101 101 VAL VAL A . n 
A 1 102 ASP 102 102 102 ASP ASP A . n 
A 1 103 GLU 103 103 103 GLU GLU A . n 
A 1 104 ILE 104 104 104 ILE ILE A . n 
A 1 105 LYS 105 105 105 LYS LYS A . n 
A 1 106 GLU 106 106 106 GLU GLU A . n 
A 1 107 LEU 107 107 107 LEU LEU A . n 
A 1 108 ILE 108 108 108 ILE ILE A . n 
A 1 109 GLY 109 109 109 GLY GLY A . n 
A 1 110 ARG 110 110 110 ARG ARG A . n 
A 1 111 ARG 111 111 111 ARG ARG A . n 
A 1 112 GLU 112 112 112 GLU GLU A . n 
A 1 113 VAL 113 113 113 VAL VAL A . n 
A 1 114 ARG 114 114 114 ARG ARG A . n 
A 1 115 GLU 115 115 115 GLU GLU A . n 
A 1 116 LEU 116 116 116 LEU LEU A . n 
A 1 117 ILE 117 117 117 ILE ILE A . n 
A 1 118 GLU 118 118 118 GLU GLU A . n 
A 1 119 GLU 119 119 119 GLU GLU A . n 
A 1 120 GLY 120 120 120 GLY GLY A . n 
A 1 121 LYS 121 121 121 LYS LYS A . n 
A 1 122 THR 122 122 122 THR THR A . n 
A 1 123 ALA 123 123 123 ALA ALA A . n 
A 1 124 GLU 124 124 124 GLU GLU A . n 
A 1 125 GLU 125 125 125 GLU GLU A . n 
A 1 126 ILE 126 126 126 ILE ILE A . n 
A 1 127 ALA 127 127 127 ALA ALA A . n 
A 1 128 GLU 128 128 128 GLU GLU A . n 
A 1 129 ILE 129 129 129 ILE ILE A . n 
A 1 130 LEU 130 130 130 LEU LEU A . n 
A 1 131 GLY 131 131 131 GLY GLY A . n 
A 1 132 LEU 132 132 132 LEU LEU A . n 
A 1 133 SER 133 133 133 SER SER A . n 
A 1 134 VAL 134 134 134 VAL VAL A . n 
A 1 135 ASP 135 135 135 ASP ASP A . n 
A 1 136 GLU 136 136 136 GLU GLU A . n 
A 1 137 ILE 137 137 137 ILE ILE A . n 
A 1 138 LYS 138 138 138 LYS LYS A . n 
A 1 139 GLU 139 139 139 GLU GLU A . n 
A 1 140 LEU 140 140 140 LEU LEU A . n 
A 1 141 ILE 141 141 141 ILE ILE A . n 
A 1 142 GLY 142 142 142 GLY GLY A . n 
A 1 143 ARG 143 143 143 ARG ARG A . n 
A 1 144 ARG 144 144 144 ARG ARG A . n 
A 1 145 GLU 145 145 145 GLU GLU A . n 
A 1 146 VAL 146 146 146 VAL VAL A . n 
A 1 147 ARG 147 147 147 ARG ARG A . n 
A 1 148 GLU 148 148 148 GLU GLU A . n 
A 1 149 LEU 149 149 149 LEU LEU A . n 
A 1 150 ILE 150 150 150 ILE ILE A . n 
A 1 151 GLU 151 151 151 GLU GLU A . n 
A 1 152 GLU 152 152 152 GLU GLU A . n 
A 1 153 GLY 153 153 153 GLY GLY A . n 
A 1 154 LYS 154 154 154 LYS LYS A . n 
A 1 155 THR 155 155 155 THR THR A . n 
A 1 156 ALA 156 156 156 ALA ALA A . n 
A 1 157 GLU 157 157 157 GLU GLU A . n 
A 1 158 GLU 158 158 158 GLU GLU A . n 
A 1 159 ILE 159 159 159 ILE ILE A . n 
A 1 160 ALA 160 160 160 ALA ALA A . n 
A 1 161 GLU 161 161 161 GLU GLU A . n 
A 1 162 ILE 162 162 162 ILE ILE A . n 
A 1 163 LEU 163 163 163 LEU LEU A . n 
A 1 164 GLY 164 164 164 GLY GLY A . n 
A 1 165 LEU 165 165 165 LEU LEU A . n 
A 1 166 SER 166 166 166 SER SER A . n 
A 1 167 VAL 167 167 167 VAL VAL A . n 
A 1 168 ASP 168 168 168 ASP ASP A . n 
A 1 169 GLU 169 169 169 GLU GLU A . n 
A 1 170 ILE 170 170 170 ILE ILE A . n 
A 1 171 LYS 171 171 171 LYS LYS A . n 
A 1 172 GLU 172 172 172 GLU GLU A . n 
A 1 173 LEU 173 173 173 LEU LEU A . n 
A 1 174 ILE 174 174 174 ILE ILE A . n 
A 1 175 GLY 175 175 175 GLY GLY A . n 
A 1 176 GLU 176 176 176 GLU GLU A . n 
A 1 177 GLU 177 177 177 GLU GLU A . n 
A 1 178 GLU 178 178 178 GLU GLU A . n 
A 1 179 ILE 179 179 179 ILE ILE A . n 
A 1 180 LYS 180 180 180 LYS LYS A . n 
A 1 181 LYS 181 181 181 LYS LYS A . n 
A 1 182 ILE 182 182 ?   ?   ?   A . n 
A 1 183 GLU 183 183 ?   ?   ?   A . n 
A 1 184 GLU 184 184 ?   ?   ?   A . n 
A 1 185 LYS 185 185 ?   ?   ?   A . n 
# 
loop_
_software.citation_id 
_software.classification 
_software.compiler_name 
_software.compiler_version 
_software.contact_author 
_software.contact_author_email 
_software.date 
_software.description 
_software.dependencies 
_software.hardware 
_software.language 
_software.location 
_software.mods 
_software.name 
_software.os 
_software.os_version 
_software.type 
_software.version 
_software.pdbx_ordinal 
? refinement       ? ? ? ? ? ? ? ? ? ? ? PHENIX ? ? ? dev_4761 1 
? refinement       ? ? ? ? ? ? ? ? ? ? ? PHENIX ? ? ? dev_4761 2 
? 'data reduction' ? ? ? ? ? ? ? ? ? ? ? XDS    ? ? ? .        3 
? 'data scaling'   ? ? ? ? ? ? ? ? ? ? ? XSCALE ? ? ? .        4 
? phasing          ? ? ? ? ? ? ? ? ? ? ? PHASER ? ? ? .        5 
# 
_cell.angle_alpha                  90.000 
_cell.angle_alpha_esd              ? 
_cell.angle_beta                   91.550 
_cell.angle_beta_esd               ? 
_cell.angle_gamma                  90.000 
_cell.angle_gamma_esd              ? 
_cell.entry_id                     8VD6 
_cell.details                      ? 
_cell.formula_units_Z              ? 
_cell.length_a                     21.627 
_cell.length_a_esd                 ? 
_cell.length_b                     45.055 
_cell.length_b_esd                 ? 
_cell.length_c                     72.111 
_cell.length_c_esd                 ? 
_cell.volume                       70239.572 
_cell.volume_esd                   ? 
_cell.Z_PDB                        2 
_cell.reciprocal_angle_alpha       ? 
_cell.reciprocal_angle_beta        ? 
_cell.reciprocal_angle_gamma       ? 
_cell.reciprocal_angle_alpha_esd   ? 
_cell.reciprocal_angle_beta_esd    ? 
_cell.reciprocal_angle_gamma_esd   ? 
_cell.reciprocal_length_a          ? 
_cell.reciprocal_length_b          ? 
_cell.reciprocal_length_c          ? 
_cell.reciprocal_length_a_esd      ? 
_cell.reciprocal_length_b_esd      ? 
_cell.reciprocal_length_c_esd      ? 
_cell.pdbx_unique_axis             ? 
_cell.pdbx_esd_method              ? 
# 
_symmetry.entry_id                         8VD6 
_symmetry.cell_setting                     ? 
_symmetry.Int_Tables_number                4 
_symmetry.space_group_name_Hall            'P 2yb' 
_symmetry.space_group_name_H-M             'P 1 21 1' 
_symmetry.pdbx_full_space_group_name_H-M   ? 
# 
_exptl.absorpt_coefficient_mu     ? 
_exptl.absorpt_correction_T_max   ? 
_exptl.absorpt_correction_T_min   ? 
_exptl.absorpt_correction_type    ? 
_exptl.absorpt_process_details    ? 
_exptl.entry_id                   8VD6 
_exptl.crystals_number            1 
_exptl.details                    ? 
_exptl.method                     'X-RAY DIFFRACTION' 
_exptl.method_details             ? 
# 
_exptl_crystal.colour                       ? 
_exptl_crystal.density_diffrn               ? 
_exptl_crystal.density_Matthews             1.69 
_exptl_crystal.density_method               ? 
_exptl_crystal.density_percent_sol          25.95 
_exptl_crystal.description                  ? 
_exptl_crystal.F_000                        ? 
_exptl_crystal.id                           1 
_exptl_crystal.preparation                  ? 
_exptl_crystal.size_max                     ? 
_exptl_crystal.size_mid                     ? 
_exptl_crystal.size_min                     ? 
_exptl_crystal.size_rad                     ? 
_exptl_crystal.colour_lustre                ? 
_exptl_crystal.colour_modifier              ? 
_exptl_crystal.colour_primary               ? 
_exptl_crystal.density_meas                 ? 
_exptl_crystal.density_meas_esd             ? 
_exptl_crystal.density_meas_gt              ? 
_exptl_crystal.density_meas_lt              ? 
_exptl_crystal.density_meas_temp            ? 
_exptl_crystal.density_meas_temp_esd        ? 
_exptl_crystal.density_meas_temp_gt         ? 
_exptl_crystal.density_meas_temp_lt         ? 
_exptl_crystal.pdbx_crystal_image_url       ? 
_exptl_crystal.pdbx_crystal_image_format    ? 
_exptl_crystal.pdbx_mosaicity               ? 
_exptl_crystal.pdbx_mosaicity_esd           ? 
_exptl_crystal.pdbx_mosaic_method           ? 
_exptl_crystal.pdbx_mosaic_block_size       ? 
_exptl_crystal.pdbx_mosaic_block_size_esd   ? 
# 
_exptl_crystal_grow.apparatus       ? 
_exptl_crystal_grow.atmosphere      ? 
_exptl_crystal_grow.crystal_id      1 
_exptl_crystal_grow.details         ? 
_exptl_crystal_grow.method          'VAPOR DIFFUSION, SITTING DROP' 
_exptl_crystal_grow.method_ref      ? 
_exptl_crystal_grow.pH              4 
_exptl_crystal_grow.pressure        ? 
_exptl_crystal_grow.pressure_esd    ? 
_exptl_crystal_grow.seeding         ? 
_exptl_crystal_grow.seeding_ref     ? 
_exptl_crystal_grow.temp_details    ? 
_exptl_crystal_grow.temp_esd        ? 
_exptl_crystal_grow.time            ? 
_exptl_crystal_grow.pdbx_details    '0.1 M PCB buffer, pH 4, 25% PEG1500' 
_exptl_crystal_grow.pdbx_pH_range   ? 
_exptl_crystal_grow.temp            293 
# 
_diffrn.ambient_environment              ? 
_diffrn.ambient_temp                     100 
_diffrn.ambient_temp_details             ? 
_diffrn.ambient_temp_esd                 ? 
_diffrn.crystal_id                       1 
_diffrn.crystal_support                  ? 
_diffrn.crystal_treatment                ? 
_diffrn.details                          ? 
_diffrn.id                               1 
_diffrn.ambient_pressure                 ? 
_diffrn.ambient_pressure_esd             ? 
_diffrn.ambient_pressure_gt              ? 
_diffrn.ambient_pressure_lt              ? 
_diffrn.ambient_temp_gt                  ? 
_diffrn.ambient_temp_lt                  ? 
_diffrn.pdbx_serial_crystal_experiment   N 
# 
_diffrn_detector.details                      ? 
_diffrn_detector.detector                     PIXEL 
_diffrn_detector.diffrn_id                    1 
_diffrn_detector.type                         'DECTRIS EIGER X 16M' 
_diffrn_detector.area_resol_mean              ? 
_diffrn_detector.dtime                        ? 
_diffrn_detector.pdbx_frames_total            ? 
_diffrn_detector.pdbx_collection_time_total   ? 
_diffrn_detector.pdbx_collection_date         2023-10-13 
_diffrn_detector.pdbx_frequency               ? 
_diffrn_detector.id                           ? 
_diffrn_detector.number_of_axes               ? 
# 
_diffrn_radiation.collimation                      ? 
_diffrn_radiation.diffrn_id                        1 
_diffrn_radiation.filter_edge                      ? 
_diffrn_radiation.inhomogeneity                    ? 
_diffrn_radiation.monochromator                    ? 
_diffrn_radiation.polarisn_norm                    ? 
_diffrn_radiation.polarisn_ratio                   ? 
_diffrn_radiation.probe                            ? 
_diffrn_radiation.type                             ? 
_diffrn_radiation.xray_symbol                      ? 
_diffrn_radiation.wavelength_id                    1 
_diffrn_radiation.pdbx_monochromatic_or_laue_m_l   M 
_diffrn_radiation.pdbx_wavelength_list             ? 
_diffrn_radiation.pdbx_wavelength                  ? 
_diffrn_radiation.pdbx_diffrn_protocol             'SINGLE WAVELENGTH' 
_diffrn_radiation.pdbx_analyzer                    ? 
_diffrn_radiation.pdbx_scattering_type             x-ray 
# 
_diffrn_radiation_wavelength.id           1 
_diffrn_radiation_wavelength.wavelength   0.97934 
_diffrn_radiation_wavelength.wt           1.0 
# 
_diffrn_source.current                     ? 
_diffrn_source.details                     ? 
_diffrn_source.diffrn_id                   1 
_diffrn_source.power                       ? 
_diffrn_source.size                        ? 
_diffrn_source.source                      SYNCHROTRON 
_diffrn_source.target                      ? 
_diffrn_source.type                        'NSLS-II BEAMLINE 17-ID-2' 
_diffrn_source.voltage                     ? 
_diffrn_source.take-off_angle              ? 
_diffrn_source.pdbx_wavelength_list        0.97934 
_diffrn_source.pdbx_wavelength             ? 
_diffrn_source.pdbx_synchrotron_beamline   17-ID-2 
_diffrn_source.pdbx_synchrotron_site       NSLS-II 
# 
_reflns.B_iso_Wilson_estimate                          76.23 
_reflns.entry_id                                       8VD6 
_reflns.data_reduction_details                         ? 
_reflns.data_reduction_method                          ? 
_reflns.d_resolution_high                              3.7 
_reflns.d_resolution_low                               72.08 
_reflns.details                                        ? 
_reflns.limit_h_max                                    ? 
_reflns.limit_h_min                                    ? 
_reflns.limit_k_max                                    ? 
_reflns.limit_k_min                                    ? 
_reflns.limit_l_max                                    ? 
_reflns.limit_l_min                                    ? 
_reflns.number_all                                     ? 
_reflns.number_obs                                     1543 
_reflns.observed_criterion                             ? 
_reflns.observed_criterion_F_max                       ? 
_reflns.observed_criterion_F_min                       ? 
_reflns.observed_criterion_I_max                       ? 
_reflns.observed_criterion_I_min                       ? 
_reflns.observed_criterion_sigma_F                     ? 
_reflns.observed_criterion_sigma_I                     ? 
_reflns.percent_possible_obs                           99.8 
_reflns.R_free_details                                 ? 
_reflns.Rmerge_F_all                                   ? 
_reflns.Rmerge_F_obs                                   ? 
_reflns.Friedel_coverage                               ? 
_reflns.number_gt                                      ? 
_reflns.threshold_expression                           ? 
_reflns.pdbx_redundancy                                2 
_reflns.pdbx_netI_over_av_sigmaI                       ? 
_reflns.pdbx_netI_over_sigmaI                          11.6 
_reflns.pdbx_res_netI_over_av_sigmaI_2                 ? 
_reflns.pdbx_res_netI_over_sigmaI_2                    ? 
_reflns.pdbx_chi_squared                               ? 
_reflns.pdbx_scaling_rejects                           ? 
_reflns.pdbx_d_res_high_opt                            ? 
_reflns.pdbx_d_res_low_opt                             ? 
_reflns.pdbx_d_res_opt_method                          ? 
_reflns.phase_calculation_details                      ? 
_reflns.pdbx_Rrim_I_all                                ? 
_reflns.pdbx_Rpim_I_all                                ? 
_reflns.pdbx_d_opt                                     ? 
_reflns.pdbx_number_measured_all                       ? 
_reflns.pdbx_diffrn_id                                 1 
_reflns.pdbx_ordinal                                   1 
_reflns.pdbx_CC_half                                   0.997 
_reflns.pdbx_CC_star                                   ? 
_reflns.pdbx_R_split                                   ? 
_reflns.pdbx_Rmerge_I_obs                              0.047 
_reflns.pdbx_Rmerge_I_all                              ? 
_reflns.pdbx_Rsym_value                                ? 
_reflns.pdbx_CC_split_method                           ? 
_reflns.pdbx_aniso_diffraction_limit_axis_1_ortho[1]   ? 
_reflns.pdbx_aniso_diffraction_limit_axis_1_ortho[2]   ? 
_reflns.pdbx_aniso_diffraction_limit_axis_1_ortho[3]   ? 
_reflns.pdbx_aniso_diffraction_limit_axis_2_ortho[1]   ? 
_reflns.pdbx_aniso_diffraction_limit_axis_2_ortho[2]   ? 
_reflns.pdbx_aniso_diffraction_limit_axis_2_ortho[3]   ? 
_reflns.pdbx_aniso_diffraction_limit_axis_3_ortho[1]   ? 
_reflns.pdbx_aniso_diffraction_limit_axis_3_ortho[2]   ? 
_reflns.pdbx_aniso_diffraction_limit_axis_3_ortho[3]   ? 
_reflns.pdbx_aniso_diffraction_limit_1                 ? 
_reflns.pdbx_aniso_diffraction_limit_2                 ? 
_reflns.pdbx_aniso_diffraction_limit_3                 ? 
_reflns.pdbx_aniso_B_tensor_eigenvector_1_ortho[1]     ? 
_reflns.pdbx_aniso_B_tensor_eigenvector_1_ortho[2]     ? 
_reflns.pdbx_aniso_B_tensor_eigenvector_1_ortho[3]     ? 
_reflns.pdbx_aniso_B_tensor_eigenvector_2_ortho[1]     ? 
_reflns.pdbx_aniso_B_tensor_eigenvector_2_ortho[2]     ? 
_reflns.pdbx_aniso_B_tensor_eigenvector_2_ortho[3]     ? 
_reflns.pdbx_aniso_B_tensor_eigenvector_3_ortho[1]     ? 
_reflns.pdbx_aniso_B_tensor_eigenvector_3_ortho[2]     ? 
_reflns.pdbx_aniso_B_tensor_eigenvector_3_ortho[3]     ? 
_reflns.pdbx_aniso_B_tensor_eigenvalue_1               ? 
_reflns.pdbx_aniso_B_tensor_eigenvalue_2               ? 
_reflns.pdbx_aniso_B_tensor_eigenvalue_3               ? 
_reflns.pdbx_orthogonalization_convention              ? 
_reflns.pdbx_percent_possible_ellipsoidal              ? 
_reflns.pdbx_percent_possible_spherical                ? 
_reflns.pdbx_percent_possible_ellipsoidal_anomalous    ? 
_reflns.pdbx_percent_possible_spherical_anomalous      ? 
_reflns.pdbx_redundancy_anomalous                      ? 
_reflns.pdbx_CC_half_anomalous                         ? 
_reflns.pdbx_absDiff_over_sigma_anomalous              ? 
_reflns.pdbx_percent_possible_anomalous                ? 
_reflns.pdbx_observed_signal_threshold                 ? 
_reflns.pdbx_signal_type                               ? 
_reflns.pdbx_signal_details                            ? 
_reflns.pdbx_signal_software_id                        ? 
# 
_reflns_shell.d_res_high                                    3.70 
_reflns_shell.d_res_low                                     4.05 
_reflns_shell.meanI_over_sigI_all                           ? 
_reflns_shell.meanI_over_sigI_obs                           7.6 
_reflns_shell.number_measured_all                           ? 
_reflns_shell.number_measured_obs                           ? 
_reflns_shell.number_possible                               ? 
_reflns_shell.number_unique_all                             ? 
_reflns_shell.number_unique_obs                             359 
_reflns_shell.percent_possible_obs                          ? 
_reflns_shell.Rmerge_F_all                                  ? 
_reflns_shell.Rmerge_F_obs                                  ? 
_reflns_shell.meanI_over_sigI_gt                            ? 
_reflns_shell.meanI_over_uI_all                             ? 
_reflns_shell.meanI_over_uI_gt                              ? 
_reflns_shell.number_measured_gt                            ? 
_reflns_shell.number_unique_gt                              ? 
_reflns_shell.percent_possible_gt                           ? 
_reflns_shell.Rmerge_F_gt                                   ? 
_reflns_shell.Rmerge_I_gt                                   ? 
_reflns_shell.pdbx_redundancy                               2 
_reflns_shell.pdbx_chi_squared                              ? 
_reflns_shell.pdbx_netI_over_sigmaI_all                     ? 
_reflns_shell.pdbx_netI_over_sigmaI_obs                     ? 
_reflns_shell.pdbx_Rrim_I_all                               ? 
_reflns_shell.pdbx_Rpim_I_all                               ? 
_reflns_shell.pdbx_rejects                                  ? 
_reflns_shell.pdbx_ordinal                                  1 
_reflns_shell.pdbx_diffrn_id                                1 
_reflns_shell.pdbx_CC_half                                  0.974 
_reflns_shell.pdbx_CC_star                                  ? 
_reflns_shell.pdbx_R_split                                  ? 
_reflns_shell.percent_possible_all                          99.7 
_reflns_shell.Rmerge_I_all                                  ? 
_reflns_shell.Rmerge_I_obs                                  0.093 
_reflns_shell.pdbx_Rsym_value                               ? 
_reflns_shell.pdbx_percent_possible_ellipsoidal             ? 
_reflns_shell.pdbx_percent_possible_spherical               ? 
_reflns_shell.pdbx_percent_possible_ellipsoidal_anomalous   ? 
_reflns_shell.pdbx_percent_possible_spherical_anomalous     ? 
_reflns_shell.pdbx_redundancy_anomalous                     ? 
_reflns_shell.pdbx_CC_half_anomalous                        ? 
_reflns_shell.pdbx_absDiff_over_sigma_anomalous             ? 
_reflns_shell.pdbx_percent_possible_anomalous               ? 
# 
_refine.aniso_B[1][1]                            ? 
_refine.aniso_B[1][2]                            ? 
_refine.aniso_B[1][3]                            ? 
_refine.aniso_B[2][2]                            ? 
_refine.aniso_B[2][3]                            ? 
_refine.aniso_B[3][3]                            ? 
_refine.B_iso_max                                ? 
_refine.B_iso_mean                               62.38 
_refine.B_iso_min                                ? 
_refine.correlation_coeff_Fo_to_Fc               ? 
_refine.correlation_coeff_Fo_to_Fc_free          ? 
_refine.details                                  ? 
_refine.diff_density_max                         ? 
_refine.diff_density_max_esd                     ? 
_refine.diff_density_min                         ? 
_refine.diff_density_min_esd                     ? 
_refine.diff_density_rms                         ? 
_refine.diff_density_rms_esd                     ? 
_refine.entry_id                                 8VD6 
_refine.pdbx_refine_id                           'X-RAY DIFFRACTION' 
_refine.ls_abs_structure_details                 ? 
_refine.ls_abs_structure_Flack                   ? 
_refine.ls_abs_structure_Flack_esd               ? 
_refine.ls_abs_structure_Rogers                  ? 
_refine.ls_abs_structure_Rogers_esd              ? 
_refine.ls_d_res_high                            3.70 
_refine.ls_d_res_low                             38.21 
_refine.ls_extinction_coef                       ? 
_refine.ls_extinction_coef_esd                   ? 
_refine.ls_extinction_expression                 ? 
_refine.ls_extinction_method                     ? 
_refine.ls_goodness_of_fit_all                   ? 
_refine.ls_goodness_of_fit_all_esd               ? 
_refine.ls_goodness_of_fit_obs                   ? 
_refine.ls_goodness_of_fit_obs_esd               ? 
_refine.ls_hydrogen_treatment                    ? 
_refine.ls_matrix_type                           ? 
_refine.ls_number_constraints                    ? 
_refine.ls_number_parameters                     ? 
_refine.ls_number_reflns_all                     ? 
_refine.ls_number_reflns_obs                     1534 
_refine.ls_number_reflns_R_free                  79 
_refine.ls_number_reflns_R_work                  1455 
_refine.ls_number_restraints                     ? 
_refine.ls_percent_reflns_obs                    99.68 
_refine.ls_percent_reflns_R_free                 5.15 
_refine.ls_R_factor_all                          ? 
_refine.ls_R_factor_obs                          0.2485 
_refine.ls_R_factor_R_free                       0.2849 
_refine.ls_R_factor_R_free_error                 ? 
_refine.ls_R_factor_R_free_error_details         ? 
_refine.ls_R_factor_R_work                       0.2465 
_refine.ls_R_Fsqd_factor_obs                     ? 
_refine.ls_R_I_factor_obs                        ? 
_refine.ls_redundancy_reflns_all                 ? 
_refine.ls_redundancy_reflns_obs                 ? 
_refine.ls_restrained_S_all                      ? 
_refine.ls_restrained_S_obs                      ? 
_refine.ls_shift_over_esd_max                    ? 
_refine.ls_shift_over_esd_mean                   ? 
_refine.ls_structure_factor_coef                 ? 
_refine.ls_weighting_details                     ? 
_refine.ls_weighting_scheme                      ? 
_refine.ls_wR_factor_all                         ? 
_refine.ls_wR_factor_obs                         ? 
_refine.ls_wR_factor_R_free                      ? 
_refine.ls_wR_factor_R_work                      ? 
_refine.occupancy_max                            ? 
_refine.occupancy_min                            ? 
_refine.solvent_model_details                    'FLAT BULK SOLVENT MODEL' 
_refine.solvent_model_param_bsol                 ? 
_refine.solvent_model_param_ksol                 ? 
_refine.pdbx_R_complete                          ? 
_refine.ls_R_factor_gt                           ? 
_refine.ls_goodness_of_fit_gt                    ? 
_refine.ls_goodness_of_fit_ref                   ? 
_refine.ls_shift_over_su_max                     ? 
_refine.ls_shift_over_su_max_lt                  ? 
_refine.ls_shift_over_su_mean                    ? 
_refine.ls_shift_over_su_mean_lt                 ? 
_refine.pdbx_ls_sigma_I                          ? 
_refine.pdbx_ls_sigma_F                          1.43 
_refine.pdbx_ls_sigma_Fsqd                       ? 
_refine.pdbx_data_cutoff_high_absF               ? 
_refine.pdbx_data_cutoff_high_rms_absF           ? 
_refine.pdbx_data_cutoff_low_absF                ? 
_refine.pdbx_isotropic_thermal_model             ? 
_refine.pdbx_ls_cross_valid_method               'FREE R-VALUE' 
_refine.pdbx_method_to_determine_struct          'MOLECULAR REPLACEMENT' 
_refine.pdbx_starting_model                      ? 
_refine.pdbx_stereochemistry_target_values       'GeoStd + Monomer Library + CDL v1.2' 
_refine.pdbx_R_Free_selection_details            ? 
_refine.pdbx_stereochem_target_val_spec_case     ? 
_refine.pdbx_overall_ESU_R                       ? 
_refine.pdbx_overall_ESU_R_Free                  ? 
_refine.pdbx_solvent_vdw_probe_radii             1.1000 
_refine.pdbx_solvent_ion_probe_radii             ? 
_refine.pdbx_solvent_shrinkage_radii             0.9000 
_refine.pdbx_real_space_R                        ? 
_refine.pdbx_density_correlation                 ? 
_refine.pdbx_pd_number_of_powder_patterns        ? 
_refine.pdbx_pd_number_of_points                 ? 
_refine.pdbx_pd_meas_number_of_points            ? 
_refine.pdbx_pd_proc_ls_prof_R_factor            ? 
_refine.pdbx_pd_proc_ls_prof_wR_factor           ? 
_refine.pdbx_pd_Marquardt_correlation_coeff      ? 
_refine.pdbx_pd_Fsqrd_R_factor                   ? 
_refine.pdbx_pd_ls_matrix_band_width             ? 
_refine.pdbx_overall_phase_error                 24.1582 
_refine.pdbx_overall_SU_R_free_Cruickshank_DPI   ? 
_refine.pdbx_overall_SU_R_free_Blow_DPI          ? 
_refine.pdbx_overall_SU_R_Blow_DPI               ? 
_refine.pdbx_TLS_residual_ADP_flag               ? 
_refine.pdbx_diffrn_id                           1 
_refine.overall_SU_B                             ? 
_refine.overall_SU_ML                            0.3348 
_refine.overall_SU_R_Cruickshank_DPI             ? 
_refine.overall_SU_R_free                        ? 
_refine.overall_FOM_free_R_set                   ? 
_refine.overall_FOM_work_R_set                   ? 
_refine.pdbx_average_fsc_overall                 ? 
_refine.pdbx_average_fsc_work                    ? 
_refine.pdbx_average_fsc_free                    ? 
# 
_refine_hist.pdbx_refine_id                   'X-RAY DIFFRACTION' 
_refine_hist.cycle_id                         LAST 
_refine_hist.details                          ? 
_refine_hist.d_res_high                       3.70 
_refine_hist.d_res_low                        38.21 
_refine_hist.number_atoms_solvent             0 
_refine_hist.number_atoms_total               1384 
_refine_hist.number_reflns_all                ? 
_refine_hist.number_reflns_obs                ? 
_refine_hist.number_reflns_R_free             ? 
_refine_hist.number_reflns_R_work             ? 
_refine_hist.R_factor_all                     ? 
_refine_hist.R_factor_obs                     ? 
_refine_hist.R_factor_R_free                  ? 
_refine_hist.R_factor_R_work                  ? 
_refine_hist.pdbx_number_residues_total       ? 
_refine_hist.pdbx_B_iso_mean_ligand           ? 
_refine_hist.pdbx_B_iso_mean_solvent          ? 
_refine_hist.pdbx_number_atoms_protein        1384 
_refine_hist.pdbx_number_atoms_nucleic_acid   0 
_refine_hist.pdbx_number_atoms_ligand         0 
_refine_hist.pdbx_number_atoms_lipid          ? 
_refine_hist.pdbx_number_atoms_carb           ? 
_refine_hist.pdbx_pseudo_atom_details         ? 
# 
loop_
_refine_ls_restr.pdbx_refine_id 
_refine_ls_restr.criterion 
_refine_ls_restr.dev_ideal 
_refine_ls_restr.dev_ideal_target 
_refine_ls_restr.number 
_refine_ls_restr.rejects 
_refine_ls_restr.type 
_refine_ls_restr.weight 
_refine_ls_restr.pdbx_restraint_function 
'X-RAY DIFFRACTION' ? 0.0024  ? 1383 ? f_bond_d           ? ? 
'X-RAY DIFFRACTION' ? 0.5447  ? 1846 ? f_angle_d          ? ? 
'X-RAY DIFFRACTION' ? 0.0404  ? 221  ? f_chiral_restr     ? ? 
'X-RAY DIFFRACTION' ? 0.0027  ? 243  ? f_plane_restr      ? ? 
'X-RAY DIFFRACTION' ? 19.9110 ? 570  ? f_dihedral_angle_d ? ? 
# 
_refine_ls_shell.pdbx_refine_id                   'X-RAY DIFFRACTION' 
_refine_ls_shell.d_res_high                       3.70 
_refine_ls_shell.d_res_low                        38.21 
_refine_ls_shell.number_reflns_all                ? 
_refine_ls_shell.number_reflns_obs                ? 
_refine_ls_shell.number_reflns_R_free             79 
_refine_ls_shell.number_reflns_R_work             1455 
_refine_ls_shell.percent_reflns_obs               99.68 
_refine_ls_shell.percent_reflns_R_free            ? 
_refine_ls_shell.R_factor_all                     ? 
_refine_ls_shell.R_factor_obs                     ? 
_refine_ls_shell.R_factor_R_free_error            ? 
_refine_ls_shell.R_factor_R_work                  0.2465 
_refine_ls_shell.redundancy_reflns_all            ? 
_refine_ls_shell.redundancy_reflns_obs            ? 
_refine_ls_shell.wR_factor_all                    ? 
_refine_ls_shell.wR_factor_obs                    ? 
_refine_ls_shell.wR_factor_R_free                 ? 
_refine_ls_shell.wR_factor_R_work                 ? 
_refine_ls_shell.pdbx_R_complete                  ? 
_refine_ls_shell.pdbx_total_number_of_bins_used   ? 
_refine_ls_shell.pdbx_phase_error                 ? 
_refine_ls_shell.pdbx_fsc_work                    ? 
_refine_ls_shell.pdbx_fsc_free                    ? 
_refine_ls_shell.R_factor_R_free                  0.2849 
# 
_struct.entry_id                     8VD6 
_struct.title                        'Crystal structure of CAP Repeat' 
_struct.pdbx_model_details           ? 
_struct.pdbx_formula_weight          ? 
_struct.pdbx_formula_weight_method   ? 
_struct.pdbx_model_type_details      ? 
_struct.pdbx_CASP_flag               N 
# 
_struct_keywords.entry_id        8VD6 
_struct_keywords.text            
;diffusion, generation, de novo, RoseTTAFold, sequence, ProteinGenerator, PROTEIN GENERATOR, deep learning, machine learning, generative model, DE NOVO PROTEIN
;
_struct_keywords.pdbx_keywords   'DE NOVO PROTEIN' 
# 
_struct_asym.id                            A 
_struct_asym.pdbx_blank_PDB_chainid_flag   N 
_struct_asym.pdbx_modified                 N 
_struct_asym.entity_id                     1 
_struct_asym.details                       ? 
# 
_struct_ref.id                         1 
_struct_ref.db_name                    PDB 
_struct_ref.db_code                    8VD6 
_struct_ref.pdbx_db_accession          8VD6 
_struct_ref.pdbx_db_isoform            ? 
_struct_ref.entity_id                  1 
_struct_ref.pdbx_seq_one_letter_code   ? 
_struct_ref.pdbx_align_begin           1 
# 
_struct_ref_seq.align_id                      1 
_struct_ref_seq.ref_id                        1 
_struct_ref_seq.pdbx_PDB_id_code              8VD6 
_struct_ref_seq.pdbx_strand_id                A 
_struct_ref_seq.seq_align_beg                 1 
_struct_ref_seq.pdbx_seq_align_beg_ins_code   ? 
_struct_ref_seq.seq_align_end                 185 
_struct_ref_seq.pdbx_seq_align_end_ins_code   ? 
_struct_ref_seq.pdbx_db_accession             8VD6 
_struct_ref_seq.db_align_beg                  1 
_struct_ref_seq.pdbx_db_align_beg_ins_code    ? 
_struct_ref_seq.db_align_end                  185 
_struct_ref_seq.pdbx_db_align_end_ins_code    ? 
_struct_ref_seq.pdbx_auth_seq_align_beg       1 
_struct_ref_seq.pdbx_auth_seq_align_end       185 
# 
_pdbx_struct_assembly.id                   1 
_pdbx_struct_assembly.details              author_and_software_defined_assembly 
_pdbx_struct_assembly.method_details       PISA 
_pdbx_struct_assembly.oligomeric_details   monomeric 
_pdbx_struct_assembly.oligomeric_count     1 
# 
loop_
_pdbx_struct_assembly_prop.biol_id 
_pdbx_struct_assembly_prop.type 
_pdbx_struct_assembly_prop.value 
_pdbx_struct_assembly_prop.details 
1 'ABSA (A^2)' 0     ? 
1 MORE         0     ? 
1 'SSA (A^2)'  10570 ? 
# 
_pdbx_struct_assembly_gen.assembly_id       1 
_pdbx_struct_assembly_gen.oper_expression   1 
_pdbx_struct_assembly_gen.asym_id_list      A 
# 
_pdbx_struct_oper_list.id                   1 
_pdbx_struct_oper_list.type                 'identity operation' 
_pdbx_struct_oper_list.name                 1_555 
_pdbx_struct_oper_list.symmetry_operation   x,y,z 
_pdbx_struct_oper_list.matrix[1][1]         1.0000000000 
_pdbx_struct_oper_list.matrix[1][2]         0.0000000000 
_pdbx_struct_oper_list.matrix[1][3]         0.0000000000 
_pdbx_struct_oper_list.vector[1]            0.0000000000 
_pdbx_struct_oper_list.matrix[2][1]         0.0000000000 
_pdbx_struct_oper_list.matrix[2][2]         1.0000000000 
_pdbx_struct_oper_list.matrix[2][3]         0.0000000000 
_pdbx_struct_oper_list.vector[2]            0.0000000000 
_pdbx_struct_oper_list.matrix[3][1]         0.0000000000 
_pdbx_struct_oper_list.matrix[3][2]         0.0000000000 
_pdbx_struct_oper_list.matrix[3][3]         1.0000000000 
_pdbx_struct_oper_list.vector[3]            0.0000000000 
# 
loop_
_struct_conf.conf_type_id 
_struct_conf.id 
_struct_conf.pdbx_PDB_helix_id 
_struct_conf.beg_label_comp_id 
_struct_conf.beg_label_asym_id 
_struct_conf.beg_label_seq_id 
_struct_conf.pdbx_beg_PDB_ins_code 
_struct_conf.end_label_comp_id 
_struct_conf.end_label_asym_id 
_struct_conf.end_label_seq_id 
_struct_conf.pdbx_end_PDB_ins_code 
_struct_conf.beg_auth_comp_id 
_struct_conf.beg_auth_asym_id 
_struct_conf.beg_auth_seq_id 
_struct_conf.end_auth_comp_id 
_struct_conf.end_auth_asym_id 
_struct_conf.end_auth_seq_id 
_struct_conf.pdbx_PDB_helix_class 
_struct_conf.details 
_struct_conf.pdbx_PDB_helix_length 
HELX_P HELX_P1  AA1 ARG A 11  ? GLU A 20  ? ARG A 11  GLU A 20  1 ? 10 
HELX_P HELX_P2  AA2 THR A 23  ? LEU A 31  ? THR A 23  LEU A 31  1 ? 9  
HELX_P HELX_P3  AA3 SER A 34  ? GLU A 40  ? SER A 34  GLU A 40  1 ? 7  
HELX_P HELX_P4  AA4 ARG A 44  ? GLU A 49  ? ARG A 44  GLU A 49  1 ? 6  
HELX_P HELX_P5  AA5 THR A 56  ? GLU A 62  ? THR A 56  GLU A 62  1 ? 7  
HELX_P HELX_P6  AA6 SER A 67  ? LYS A 72  ? SER A 67  LYS A 72  1 ? 6  
HELX_P HELX_P7  AA7 GLY A 76  ? GLY A 87  ? GLY A 76  GLY A 87  1 ? 12 
HELX_P HELX_P8  AA8 THR A 89  ? GLY A 98  ? THR A 89  GLY A 98  1 ? 10 
HELX_P HELX_P9  AA9 SER A 100 ? GLU A 106 ? SER A 100 GLU A 106 1 ? 7  
HELX_P HELX_P10 AB1 ARG A 110 ? GLU A 118 ? ARG A 110 GLU A 118 1 ? 9  
HELX_P HELX_P11 AB2 THR A 122 ? LEU A 130 ? THR A 122 LEU A 130 1 ? 9  
HELX_P HELX_P12 AB3 VAL A 134 ? LEU A 140 ? VAL A 134 LEU A 140 1 ? 7  
HELX_P HELX_P13 AB4 GLY A 142 ? LEU A 149 ? GLY A 142 LEU A 149 1 ? 8  
HELX_P HELX_P14 AB5 ASP A 168 ? LEU A 173 ? ASP A 168 LEU A 173 1 ? 6  
# 
_struct_conf_type.id          HELX_P 
_struct_conf_type.criteria    ? 
_struct_conf_type.reference   ? 
# 
_pdbx_entry_details.entry_id                   8VD6 
_pdbx_entry_details.compound_details           ? 
_pdbx_entry_details.source_details             ? 
_pdbx_entry_details.nonpolymer_details         ? 
_pdbx_entry_details.sequence_details           ? 
_pdbx_entry_details.has_ligand_of_interest     ? 
_pdbx_entry_details.has_protein_modification   N 
# 
loop_
_pdbx_validate_torsion.id 
_pdbx_validate_torsion.PDB_model_num 
_pdbx_validate_torsion.auth_comp_id 
_pdbx_validate_torsion.auth_asym_id 
_pdbx_validate_torsion.auth_seq_id 
_pdbx_validate_torsion.PDB_ins_code 
_pdbx_validate_torsion.label_alt_id 
_pdbx_validate_torsion.phi 
_pdbx_validate_torsion.psi 
1 1 GLU A 86  ? ? -48.88  -77.55  
2 1 THR A 89  ? ? -125.34 -141.91 
3 1 ALA A 90  ? ? -70.80  -85.05  
4 1 LEU A 132 ? ? 51.41   70.74   
5 1 VAL A 134 ? ? -161.44 -86.90  
6 1 LYS A 154 ? ? -168.83 43.36   
7 1 LEU A 165 ? ? -143.29 -103.65 
8 1 SER A 166 ? ? -129.52 -163.75 
9 1 LYS A 180 ? ? -118.23 69.42   
# 
loop_
_space_group_symop.id 
_space_group_symop.operation_xyz 
1 x,y,z       
2 -x,y+1/2,-z 
# 
loop_
_pdbx_unobs_or_zero_occ_residues.id 
_pdbx_unobs_or_zero_occ_residues.PDB_model_num 
_pdbx_unobs_or_zero_occ_residues.polymer_flag 
_pdbx_unobs_or_zero_occ_residues.occupancy_flag 
_pdbx_unobs_or_zero_occ_residues.auth_asym_id 
_pdbx_unobs_or_zero_occ_residues.auth_comp_id 
_pdbx_unobs_or_zero_occ_residues.auth_seq_id 
_pdbx_unobs_or_zero_occ_residues.PDB_ins_code 
_pdbx_unobs_or_zero_occ_residues.label_asym_id 
_pdbx_unobs_or_zero_occ_residues.label_comp_id 
_pdbx_unobs_or_zero_occ_residues.label_seq_id 
1  1 Y 1 A LEU 1   ? A LEU 1   
2  1 Y 1 A HIS 2   ? A HIS 2   
3  1 Y 1 A GLU 3   ? A GLU 3   
4  1 Y 1 A ALA 4   ? A ALA 4   
5  1 Y 1 A LYS 5   ? A LYS 5   
6  1 Y 1 A GLU 6   ? A GLU 6   
7  1 Y 1 A ARG 7   ? A ARG 7   
8  1 Y 1 A ILE 182 ? A ILE 182 
9  1 Y 1 A GLU 183 ? A GLU 183 
10 1 Y 1 A GLU 184 ? A GLU 184 
11 1 Y 1 A LYS 185 ? A LYS 185 
# 
loop_
_chem_comp_atom.comp_id 
_chem_comp_atom.atom_id 
_chem_comp_atom.type_symbol 
_chem_comp_atom.pdbx_aromatic_flag 
_chem_comp_atom.pdbx_stereo_config 
_chem_comp_atom.pdbx_ordinal 
ALA N    N N N 1   
ALA CA   C N S 2   
ALA C    C N N 3   
ALA O    O N N 4   
ALA CB   C N N 5   
ALA OXT  O N N 6   
ALA H    H N N 7   
ALA H2   H N N 8   
ALA HA   H N N 9   
ALA HB1  H N N 10  
ALA HB2  H N N 11  
ALA HB3  H N N 12  
ALA HXT  H N N 13  
ARG N    N N N 14  
ARG CA   C N S 15  
ARG C    C N N 16  
ARG O    O N N 17  
ARG CB   C N N 18  
ARG CG   C N N 19  
ARG CD   C N N 20  
ARG NE   N N N 21  
ARG CZ   C N N 22  
ARG NH1  N N N 23  
ARG NH2  N N N 24  
ARG OXT  O N N 25  
ARG H    H N N 26  
ARG H2   H N N 27  
ARG HA   H N N 28  
ARG HB2  H N N 29  
ARG HB3  H N N 30  
ARG HG2  H N N 31  
ARG HG3  H N N 32  
ARG HD2  H N N 33  
ARG HD3  H N N 34  
ARG HE   H N N 35  
ARG HH11 H N N 36  
ARG HH12 H N N 37  
ARG HH21 H N N 38  
ARG HH22 H N N 39  
ARG HXT  H N N 40  
ASP N    N N N 41  
ASP CA   C N S 42  
ASP C    C N N 43  
ASP O    O N N 44  
ASP CB   C N N 45  
ASP CG   C N N 46  
ASP OD1  O N N 47  
ASP OD2  O N N 48  
ASP OXT  O N N 49  
ASP H    H N N 50  
ASP H2   H N N 51  
ASP HA   H N N 52  
ASP HB2  H N N 53  
ASP HB3  H N N 54  
ASP HD2  H N N 55  
ASP HXT  H N N 56  
GLU N    N N N 57  
GLU CA   C N S 58  
GLU C    C N N 59  
GLU O    O N N 60  
GLU CB   C N N 61  
GLU CG   C N N 62  
GLU CD   C N N 63  
GLU OE1  O N N 64  
GLU OE2  O N N 65  
GLU OXT  O N N 66  
GLU H    H N N 67  
GLU H2   H N N 68  
GLU HA   H N N 69  
GLU HB2  H N N 70  
GLU HB3  H N N 71  
GLU HG2  H N N 72  
GLU HG3  H N N 73  
GLU HE2  H N N 74  
GLU HXT  H N N 75  
GLY N    N N N 76  
GLY CA   C N N 77  
GLY C    C N N 78  
GLY O    O N N 79  
GLY OXT  O N N 80  
GLY H    H N N 81  
GLY H2   H N N 82  
GLY HA2  H N N 83  
GLY HA3  H N N 84  
GLY HXT  H N N 85  
HIS N    N N N 86  
HIS CA   C N S 87  
HIS C    C N N 88  
HIS O    O N N 89  
HIS CB   C N N 90  
HIS CG   C Y N 91  
HIS ND1  N Y N 92  
HIS CD2  C Y N 93  
HIS CE1  C Y N 94  
HIS NE2  N Y N 95  
HIS OXT  O N N 96  
HIS H    H N N 97  
HIS H2   H N N 98  
HIS HA   H N N 99  
HIS HB2  H N N 100 
HIS HB3  H N N 101 
HIS HD1  H N N 102 
HIS HD2  H N N 103 
HIS HE1  H N N 104 
HIS HE2  H N N 105 
HIS HXT  H N N 106 
ILE N    N N N 107 
ILE CA   C N S 108 
ILE C    C N N 109 
ILE O    O N N 110 
ILE CB   C N S 111 
ILE CG1  C N N 112 
ILE CG2  C N N 113 
ILE CD1  C N N 114 
ILE OXT  O N N 115 
ILE H    H N N 116 
ILE H2   H N N 117 
ILE HA   H N N 118 
ILE HB   H N N 119 
ILE HG12 H N N 120 
ILE HG13 H N N 121 
ILE HG21 H N N 122 
ILE HG22 H N N 123 
ILE HG23 H N N 124 
ILE HD11 H N N 125 
ILE HD12 H N N 126 
ILE HD13 H N N 127 
ILE HXT  H N N 128 
LEU N    N N N 129 
LEU CA   C N S 130 
LEU C    C N N 131 
LEU O    O N N 132 
LEU CB   C N N 133 
LEU CG   C N N 134 
LEU CD1  C N N 135 
LEU CD2  C N N 136 
LEU OXT  O N N 137 
LEU H    H N N 138 
LEU H2   H N N 139 
LEU HA   H N N 140 
LEU HB2  H N N 141 
LEU HB3  H N N 142 
LEU HG   H N N 143 
LEU HD11 H N N 144 
LEU HD12 H N N 145 
LEU HD13 H N N 146 
LEU HD21 H N N 147 
LEU HD22 H N N 148 
LEU HD23 H N N 149 
LEU HXT  H N N 150 
LYS N    N N N 151 
LYS CA   C N S 152 
LYS C    C N N 153 
LYS O    O N N 154 
LYS CB   C N N 155 
LYS CG   C N N 156 
LYS CD   C N N 157 
LYS CE   C N N 158 
LYS NZ   N N N 159 
LYS OXT  O N N 160 
LYS H    H N N 161 
LYS H2   H N N 162 
LYS HA   H N N 163 
LYS HB2  H N N 164 
LYS HB3  H N N 165 
LYS HG2  H N N 166 
LYS HG3  H N N 167 
LYS HD2  H N N 168 
LYS HD3  H N N 169 
LYS HE2  H N N 170 
LYS HE3  H N N 171 
LYS HZ1  H N N 172 
LYS HZ2  H N N 173 
LYS HZ3  H N N 174 
LYS HXT  H N N 175 
SER N    N N N 176 
SER CA   C N S 177 
SER C    C N N 178 
SER O    O N N 179 
SER CB   C N N 180 
SER OG   O N N 181 
SER OXT  O N N 182 
SER H    H N N 183 
SER H2   H N N 184 
SER HA   H N N 185 
SER HB2  H N N 186 
SER HB3  H N N 187 
SER HG   H N N 188 
SER HXT  H N N 189 
THR N    N N N 190 
THR CA   C N S 191 
THR C    C N N 192 
THR O    O N N 193 
THR CB   C N R 194 
THR OG1  O N N 195 
THR CG2  C N N 196 
THR OXT  O N N 197 
THR H    H N N 198 
THR H2   H N N 199 
THR HA   H N N 200 
THR HB   H N N 201 
THR HG1  H N N 202 
THR HG21 H N N 203 
THR HG22 H N N 204 
THR HG23 H N N 205 
THR HXT  H N N 206 
VAL N    N N N 207 
VAL CA   C N S 208 
VAL C    C N N 209 
VAL O    O N N 210 
VAL CB   C N N 211 
VAL CG1  C N N 212 
VAL CG2  C N N 213 
VAL OXT  O N N 214 
VAL H    H N N 215 
VAL H2   H N N 216 
VAL HA   H N N 217 
VAL HB   H N N 218 
VAL HG11 H N N 219 
VAL HG12 H N N 220 
VAL HG13 H N N 221 
VAL HG21 H N N 222 
VAL HG22 H N N 223 
VAL HG23 H N N 224 
VAL HXT  H N N 225 
# 
loop_
_chem_comp_bond.comp_id 
_chem_comp_bond.atom_id_1 
_chem_comp_bond.atom_id_2 
_chem_comp_bond.value_order 
_chem_comp_bond.pdbx_aromatic_flag 
_chem_comp_bond.pdbx_stereo_config 
_chem_comp_bond.pdbx_ordinal 
ALA N   CA   sing N N 1   
ALA N   H    sing N N 2   
ALA N   H2   sing N N 3   
ALA CA  C    sing N N 4   
ALA CA  CB   sing N N 5   
ALA CA  HA   sing N N 6   
ALA C   O    doub N N 7   
ALA C   OXT  sing N N 8   
ALA CB  HB1  sing N N 9   
ALA CB  HB2  sing N N 10  
ALA CB  HB3  sing N N 11  
ALA OXT HXT  sing N N 12  
ARG N   CA   sing N N 13  
ARG N   H    sing N N 14  
ARG N   H2   sing N N 15  
ARG CA  C    sing N N 16  
ARG CA  CB   sing N N 17  
ARG CA  HA   sing N N 18  
ARG C   O    doub N N 19  
ARG C   OXT  sing N N 20  
ARG CB  CG   sing N N 21  
ARG CB  HB2  sing N N 22  
ARG CB  HB3  sing N N 23  
ARG CG  CD   sing N N 24  
ARG CG  HG2  sing N N 25  
ARG CG  HG3  sing N N 26  
ARG CD  NE   sing N N 27  
ARG CD  HD2  sing N N 28  
ARG CD  HD3  sing N N 29  
ARG NE  CZ   sing N N 30  
ARG NE  HE   sing N N 31  
ARG CZ  NH1  sing N N 32  
ARG CZ  NH2  doub N N 33  
ARG NH1 HH11 sing N N 34  
ARG NH1 HH12 sing N N 35  
ARG NH2 HH21 sing N N 36  
ARG NH2 HH22 sing N N 37  
ARG OXT HXT  sing N N 38  
ASP N   CA   sing N N 39  
ASP N   H    sing N N 40  
ASP N   H2   sing N N 41  
ASP CA  C    sing N N 42  
ASP CA  CB   sing N N 43  
ASP CA  HA   sing N N 44  
ASP C   O    doub N N 45  
ASP C   OXT  sing N N 46  
ASP CB  CG   sing N N 47  
ASP CB  HB2  sing N N 48  
ASP CB  HB3  sing N N 49  
ASP CG  OD1  doub N N 50  
ASP CG  OD2  sing N N 51  
ASP OD2 HD2  sing N N 52  
ASP OXT HXT  sing N N 53  
GLU N   CA   sing N N 54  
GLU N   H    sing N N 55  
GLU N   H2   sing N N 56  
GLU CA  C    sing N N 57  
GLU CA  CB   sing N N 58  
GLU CA  HA   sing N N 59  
GLU C   O    doub N N 60  
GLU C   OXT  sing N N 61  
GLU CB  CG   sing N N 62  
GLU CB  HB2  sing N N 63  
GLU CB  HB3  sing N N 64  
GLU CG  CD   sing N N 65  
GLU CG  HG2  sing N N 66  
GLU CG  HG3  sing N N 67  
GLU CD  OE1  doub N N 68  
GLU CD  OE2  sing N N 69  
GLU OE2 HE2  sing N N 70  
GLU OXT HXT  sing N N 71  
GLY N   CA   sing N N 72  
GLY N   H    sing N N 73  
GLY N   H2   sing N N 74  
GLY CA  C    sing N N 75  
GLY CA  HA2  sing N N 76  
GLY CA  HA3  sing N N 77  
GLY C   O    doub N N 78  
GLY C   OXT  sing N N 79  
GLY OXT HXT  sing N N 80  
HIS N   CA   sing N N 81  
HIS N   H    sing N N 82  
HIS N   H2   sing N N 83  
HIS CA  C    sing N N 84  
HIS CA  CB   sing N N 85  
HIS CA  HA   sing N N 86  
HIS C   O    doub N N 87  
HIS C   OXT  sing N N 88  
HIS CB  CG   sing N N 89  
HIS CB  HB2  sing N N 90  
HIS CB  HB3  sing N N 91  
HIS CG  ND1  sing Y N 92  
HIS CG  CD2  doub Y N 93  
HIS ND1 CE1  doub Y N 94  
HIS ND1 HD1  sing N N 95  
HIS CD2 NE2  sing Y N 96  
HIS CD2 HD2  sing N N 97  
HIS CE1 NE2  sing Y N 98  
HIS CE1 HE1  sing N N 99  
HIS NE2 HE2  sing N N 100 
HIS OXT HXT  sing N N 101 
ILE N   CA   sing N N 102 
ILE N   H    sing N N 103 
ILE N   H2   sing N N 104 
ILE CA  C    sing N N 105 
ILE CA  CB   sing N N 106 
ILE CA  HA   sing N N 107 
ILE C   O    doub N N 108 
ILE C   OXT  sing N N 109 
ILE CB  CG1  sing N N 110 
ILE CB  CG2  sing N N 111 
ILE CB  HB   sing N N 112 
ILE CG1 CD1  sing N N 113 
ILE CG1 HG12 sing N N 114 
ILE CG1 HG13 sing N N 115 
ILE CG2 HG21 sing N N 116 
ILE CG2 HG22 sing N N 117 
ILE CG2 HG23 sing N N 118 
ILE CD1 HD11 sing N N 119 
ILE CD1 HD12 sing N N 120 
ILE CD1 HD13 sing N N 121 
ILE OXT HXT  sing N N 122 
LEU N   CA   sing N N 123 
LEU N   H    sing N N 124 
LEU N   H2   sing N N 125 
LEU CA  C    sing N N 126 
LEU CA  CB   sing N N 127 
LEU CA  HA   sing N N 128 
LEU C   O    doub N N 129 
LEU C   OXT  sing N N 130 
LEU CB  CG   sing N N 131 
LEU CB  HB2  sing N N 132 
LEU CB  HB3  sing N N 133 
LEU CG  CD1  sing N N 134 
LEU CG  CD2  sing N N 135 
LEU CG  HG   sing N N 136 
LEU CD1 HD11 sing N N 137 
LEU CD1 HD12 sing N N 138 
LEU CD1 HD13 sing N N 139 
LEU CD2 HD21 sing N N 140 
LEU CD2 HD22 sing N N 141 
LEU CD2 HD23 sing N N 142 
LEU OXT HXT  sing N N 143 
LYS N   CA   sing N N 144 
LYS N   H    sing N N 145 
LYS N   H2   sing N N 146 
LYS CA  C    sing N N 147 
LYS CA  CB   sing N N 148 
LYS CA  HA   sing N N 149 
LYS C   O    doub N N 150 
LYS C   OXT  sing N N 151 
LYS CB  CG   sing N N 152 
LYS CB  HB2  sing N N 153 
LYS CB  HB3  sing N N 154 
LYS CG  CD   sing N N 155 
LYS CG  HG2  sing N N 156 
LYS CG  HG3  sing N N 157 
LYS CD  CE   sing N N 158 
LYS CD  HD2  sing N N 159 
LYS CD  HD3  sing N N 160 
LYS CE  NZ   sing N N 161 
LYS CE  HE2  sing N N 162 
LYS CE  HE3  sing N N 163 
LYS NZ  HZ1  sing N N 164 
LYS NZ  HZ2  sing N N 165 
LYS NZ  HZ3  sing N N 166 
LYS OXT HXT  sing N N 167 
SER N   CA   sing N N 168 
SER N   H    sing N N 169 
SER N   H2   sing N N 170 
SER CA  C    sing N N 171 
SER CA  CB   sing N N 172 
SER CA  HA   sing N N 173 
SER C   O    doub N N 174 
SER C   OXT  sing N N 175 
SER CB  OG   sing N N 176 
SER CB  HB2  sing N N 177 
SER CB  HB3  sing N N 178 
SER OG  HG   sing N N 179 
SER OXT HXT  sing N N 180 
THR N   CA   sing N N 181 
THR N   H    sing N N 182 
THR N   H2   sing N N 183 
THR CA  C    sing N N 184 
THR CA  CB   sing N N 185 
THR CA  HA   sing N N 186 
THR C   O    doub N N 187 
THR C   OXT  sing N N 188 
THR CB  OG1  sing N N 189 
THR CB  CG2  sing N N 190 
THR CB  HB   sing N N 191 
THR OG1 HG1  sing N N 192 
THR CG2 HG21 sing N N 193 
THR CG2 HG22 sing N N 194 
THR CG2 HG23 sing N N 195 
THR OXT HXT  sing N N 196 
VAL N   CA   sing N N 197 
VAL N   H    sing N N 198 
VAL N   H2   sing N N 199 
VAL CA  C    sing N N 200 
VAL CA  CB   sing N N 201 
VAL CA  HA   sing N N 202 
VAL C   O    doub N N 203 
VAL C   OXT  sing N N 204 
VAL CB  CG1  sing N N 205 
VAL CB  CG2  sing N N 206 
VAL CB  HB   sing N N 207 
VAL CG1 HG11 sing N N 208 
VAL CG1 HG12 sing N N 209 
VAL CG1 HG13 sing N N 210 
VAL CG2 HG21 sing N N 211 
VAL CG2 HG22 sing N N 212 
VAL CG2 HG23 sing N N 213 
VAL OXT HXT  sing N N 214 
# 
_pdbx_audit_support.funding_organization   'Howard Hughes Medical Institute (HHMI)' 
_pdbx_audit_support.country                'United States' 
_pdbx_audit_support.grant_number           ? 
_pdbx_audit_support.ordinal                1 
# 
_pdbx_initial_refinement_model.id               1 
_pdbx_initial_refinement_model.entity_id_list   ? 
_pdbx_initial_refinement_model.type             other 
_pdbx_initial_refinement_model.source_name      Other 
_pdbx_initial_refinement_model.accession_code   ? 
_pdbx_initial_refinement_model.details          'In house de novo design' 
# 
_space_group.name_H-M_alt     'P 1 21 1' 
_space_group.name_Hall        'P 2yb' 
_space_group.IT_number        4 
_space_group.crystal_system   monoclinic 
_space_group.id               1 
# 
_atom_sites.entry_id                    8VD6 
_atom_sites.Cartn_transf_matrix[1][1]   ? 
_atom_sites.Cartn_transf_matrix[1][2]   ? 
_atom_sites.Cartn_transf_matrix[1][3]   ? 
_atom_sites.Cartn_transf_matrix[2][1]   ? 
_atom_sites.Cartn_transf_matrix[2][2]   ? 
_atom_sites.Cartn_transf_matrix[2][3]   ? 
_atom_sites.Cartn_transf_matrix[3][1]   ? 
_atom_sites.Cartn_transf_matrix[3][2]   ? 
_atom_sites.Cartn_transf_matrix[3][3]   ? 
_atom_sites.Cartn_transf_vector[1]      ? 
_atom_sites.Cartn_transf_vector[2]      ? 
_atom_sites.Cartn_transf_vector[3]      ? 
_atom_sites.Cartn_transform_axes        ? 
_atom_sites.fract_transf_matrix[1][1]   0.03808440 
_atom_sites.fract_transf_matrix[1][2]   -0.00622376 
_atom_sites.fract_transf_matrix[1][3]   0.02550218 
_atom_sites.fract_transf_matrix[2][1]   0.00717171 
_atom_sites.fract_transf_matrix[2][2]   0.02019289 
_atom_sites.fract_transf_matrix[2][3]   -0.00578203 
_atom_sites.fract_transf_matrix[3][1]   -0.00616120 
_atom_sites.fract_transf_matrix[3][2]   0.00539467 
_atom_sites.fract_transf_matrix[3][3]   0.01119809 
_atom_sites.fract_transf_vector[1]      0.153336 
_atom_sites.fract_transf_vector[2]      0.108999 
_atom_sites.fract_transf_vector[3]      0.195390 
_atom_sites.solution_primary            ? 
_atom_sites.solution_secondary          ? 
_atom_sites.solution_hydrogens          ? 
_atom_sites.special_details             ? 
# 
loop_
_atom_type.symbol 
_atom_type.scat_dispersion_real 
_atom_type.scat_dispersion_imag 
_atom_type.scat_Cromer_Mann_a1 
_atom_type.scat_Cromer_Mann_a2 
_atom_type.scat_Cromer_Mann_a3 
_atom_type.scat_Cromer_Mann_a4 
_atom_type.scat_Cromer_Mann_b1 
_atom_type.scat_Cromer_Mann_b2 
_atom_type.scat_Cromer_Mann_b3 
_atom_type.scat_Cromer_Mann_b4 
_atom_type.scat_Cromer_Mann_c 
_atom_type.scat_source 
_atom_type.scat_dispersion_source 
C ? ? 5.96793 ? ? ? 14.89577 ? ? ? 0.0 
;1-Gaussian fit: Grosse-Kunstleve RW, Sauter NK, Adams PD: Newsletter of the IUCr Commission on Crystallographic Computing 2004, 3, 22-31.
;
? 
N ? ? 6.96715 ? ? ? 11.43723 ? ? ? 0.0 
;1-Gaussian fit: Grosse-Kunstleve RW, Sauter NK, Adams PD: Newsletter of the IUCr Commission on Crystallographic Computing 2004, 3, 22-31.
;
? 
O ? ? 7.96527 ? ? ? 9.05267  ? ? ? 0.0 
;1-Gaussian fit: Grosse-Kunstleve RW, Sauter NK, Adams PD: Newsletter of the IUCr Commission on Crystallographic Computing 2004, 3, 22-31.
;
? 
# 
loop_
_atom_site.group_PDB 
_atom_site.id 
_atom_site.type_symbol 
_atom_site.label_atom_id 
_atom_site.label_alt_id 
_atom_site.label_comp_id 
_atom_site.label_asym_id 
_atom_site.label_entity_id 
_atom_site.label_seq_id 
_atom_site.pdbx_PDB_ins_code 
_atom_site.Cartn_x 
_atom_site.Cartn_y 
_atom_site.Cartn_z 
_atom_site.occupancy 
_atom_site.B_iso_or_equiv 
_atom_site.pdbx_formal_charge 
_atom_site.auth_seq_id 
_atom_site.auth_comp_id 
_atom_site.auth_asym_id 
_atom_site.auth_atom_id 
_atom_site.pdbx_PDB_model_num 
ATOM 1    N N   . GLU A 1 8   ? 14.35975  -11.41080 -24.45618 1.000 37.44344  ? 8   GLU A N   1 
ATOM 2    C CA  . GLU A 1 8   ? 13.05151  -11.85132 -23.98633 1.000 52.85511  ? 8   GLU A CA  1 
ATOM 3    C C   . GLU A 1 8   ? 12.93260  -11.71074 -22.47456 1.000 60.97710  ? 8   GLU A C   1 
ATOM 4    O O   . GLU A 1 8   ? 11.86853  -11.37662 -21.95138 1.000 61.27584  ? 8   GLU A O   1 
ATOM 5    C CB  . GLU A 1 8   ? 12.79260  -13.30099 -24.40168 1.000 49.77467  ? 8   GLU A CB  1 
ATOM 6    C CG  . GLU A 1 8   ? 11.89159  -13.43765 -25.61319 1.000 48.07661  ? 8   GLU A CG  1 
ATOM 7    C CD  . GLU A 1 8   ? 10.48107  -12.95466 -25.33808 1.000 51.17354  ? 8   GLU A CD  1 
ATOM 8    O OE1 . GLU A 1 8   ? 9.79797   -13.56927 -24.49314 1.000 62.53707  ? 8   GLU A OE1 1 
ATOM 9    O OE2 . GLU A 1 8   ? 10.05939  -11.95371 -25.95562 1.000 44.44905  ? 8   GLU A OE2 1 
ATOM 10   N N   . GLU A 1 9   ? 14.03673  -11.96849 -21.77468 1.000 61.52999  ? 9   GLU A N   1 
ATOM 11   C CA  . GLU A 1 9   ? 14.07361  -11.88778 -20.32005 1.000 59.11923  ? 9   GLU A CA  1 
ATOM 12   C C   . GLU A 1 9   ? 15.30702  -11.12924 -19.84417 1.000 54.64942  ? 9   GLU A C   1 
ATOM 13   O O   . GLU A 1 9   ? 15.81947  -11.38400 -18.75036 1.000 48.35343  ? 9   GLU A O   1 
ATOM 14   C CB  . GLU A 1 9   ? 14.02077  -13.28286 -19.69860 1.000 65.19683  ? 9   GLU A CB  1 
ATOM 15   C CG  . GLU A 1 9   ? 15.17945  -14.18852 -20.08570 1.000 57.06500  ? 9   GLU A CG  1 
ATOM 16   C CD  . GLU A 1 9   ? 14.93366  -15.63388 -19.70402 1.000 66.24137  ? 9   GLU A CD  1 
ATOM 17   O OE1 . GLU A 1 9   ? 14.11247  -16.29286 -20.37796 1.000 63.37529  ? 9   GLU A OE1 1 
ATOM 18   O OE2 . GLU A 1 9   ? 15.54978  -16.10550 -18.72368 1.000 67.18486  ? 9   GLU A OE2 1 
ATOM 19   N N   . LEU A 1 10  ? 15.79284  -10.18975 -20.65971 1.000 59.79138  ? 10  LEU A N   1 
ATOM 20   C CA  . LEU A 1 10  ? 16.94750  -9.39021  -20.26608 1.000 49.73078  ? 10  LEU A CA  1 
ATOM 21   C C   . LEU A 1 10  ? 16.64391  -8.54800  -19.03357 1.000 51.93588  ? 10  LEU A C   1 
ATOM 22   O O   . LEU A 1 10  ? 17.55310  -8.23043  -18.25898 1.000 49.93362  ? 10  LEU A O   1 
ATOM 23   C CB  . LEU A 1 10  ? 17.38634  -8.50477  -21.43387 1.000 44.79672  ? 10  LEU A CB  1 
ATOM 24   C CG  . LEU A 1 10  ? 18.88403  -8.28040  -21.65477 1.000 40.59467  ? 10  LEU A CG  1 
ATOM 25   C CD1 . LEU A 1 10  ? 19.12658  -7.72375  -23.04461 1.000 58.34810  ? 10  LEU A CD1 1 
ATOM 26   C CD2 . LEU A 1 10  ? 19.46369  -7.34543  -20.61128 1.000 47.61318  ? 10  LEU A CD2 1 
ATOM 27   N N   . ARG A 1 11  ? 15.37360  -8.18866  -18.82860 1.000 58.39260  ? 11  ARG A N   1 
ATOM 28   C CA  . ARG A 1 11  ? 14.98329  -7.45362  -17.63057 1.000 49.60433  ? 11  ARG A CA  1 
ATOM 29   C C   . ARG A 1 11  ? 15.19106  -8.26729  -16.36167 1.000 40.21876  ? 11  ARG A C   1 
ATOM 30   O O   . ARG A 1 11  ? 15.27317  -7.68714  -15.27376 1.000 39.40491  ? 11  ARG A O   1 
ATOM 31   C CB  . ARG A 1 11  ? 13.52222  -7.01271  -17.74048 1.000 55.23787  ? 11  ARG A CB  1 
ATOM 32   C CG  . ARG A 1 11  ? 13.31082  -5.82098  -18.65768 1.000 52.80585  ? 11  ARG A CG  1 
ATOM 33   C CD  . ARG A 1 11  ? 11.94218  -5.84403  -19.31494 1.000 48.79501  ? 11  ARG A CD  1 
ATOM 34   N NE  . ARG A 1 11  ? 11.74260  -4.67505  -20.16327 1.000 59.43317  ? 11  ARG A NE  1 
ATOM 35   C CZ  . ARG A 1 11  ? 10.79867  -4.56703  -21.08855 1.000 64.98042  ? 11  ARG A CZ  1 
ATOM 36   N NH1 . ARG A 1 11  ? 9.94994   -5.55296  -21.33055 1.000 54.20159  ? 11  ARG A NH1 1 
ATOM 37   N NH2 . ARG A 1 11  ? 10.70699  -3.44268  -21.79236 1.000 56.78165  ? 11  ARG A NH2 1 
ATOM 38   N N   . ARG A 1 12  ? 15.27205  -9.59442  -16.47350 1.000 46.91351  ? 12  ARG A N   1 
ATOM 39   C CA  . ARG A 1 12  ? 15.61238  -10.41360 -15.31645 1.000 53.21948  ? 12  ARG A CA  1 
ATOM 40   C C   . ARG A 1 12  ? 17.09584  -10.31573 -14.98394 1.000 55.05462  ? 12  ARG A C   1 
ATOM 41   O O   . ARG A 1 12  ? 17.47393  -10.32890 -13.80745 1.000 57.67765  ? 12  ARG A O   1 
ATOM 42   C CB  . ARG A 1 12  ? 15.22466  -11.87221 -15.56207 1.000 52.57935  ? 12  ARG A CB  1 
ATOM 43   C CG  . ARG A 1 12  ? 13.76487  -12.09448 -15.93383 1.000 52.52879  ? 12  ARG A CG  1 
ATOM 44   C CD  . ARG A 1 12  ? 13.34738  -13.53363 -15.65371 1.000 55.55774  ? 12  ARG A CD  1 
ATOM 45   N NE  . ARG A 1 12  ? 12.33474  -14.03344 -16.57713 1.000 64.55380  ? 12  ARG A NE  1 
ATOM 46   C CZ  . ARG A 1 12  ? 11.03030  -14.03159 -16.33823 1.000 66.94439  ? 12  ARG A CZ  1 
ATOM 47   N NH1 . ARG A 1 12  ? 10.53319  -13.53351 -15.21815 1.000 60.58781  ? 12  ARG A NH1 1 
ATOM 48   N NH2 . ARG A 1 12  ? 10.20391  -14.54564 -17.24520 1.000 73.47709  ? 12  ARG A NH2 1 
ATOM 49   N N   . GLU A 1 13  ? 17.95050  -10.22018 -16.00238 1.000 52.19775  ? 13  GLU A N   1 
ATOM 50   C CA  . GLU A 1 13  ? 19.39043  -10.10569 -15.78468 1.000 45.75746  ? 13  GLU A CA  1 
ATOM 51   C C   . GLU A 1 13  ? 19.76659  -8.67193  -15.43105 1.000 42.82012  ? 13  GLU A C   1 
ATOM 52   O O   . GLU A 1 13  ? 20.92838  -8.26980  -15.56364 1.000 46.03898  ? 13  GLU A O   1 
ATOM 53   C CB  . GLU A 1 13  ? 20.16886  -10.55427 -17.02248 1.000 60.52028  ? 13  GLU A CB  1 
ATOM 54   C CG  . GLU A 1 13  ? 20.03765  -12.03317 -17.37737 1.000 76.88165  ? 13  GLU A CG  1 
ATOM 55   C CD  . GLU A 1 13  ? 21.03638  -12.91803 -16.65216 1.000 78.15602  ? 13  GLU A CD  1 
ATOM 56   O OE1 . GLU A 1 13  ? 21.26775  -12.69853 -15.44348 1.000 61.48995  ? 13  GLU A OE1 1 
ATOM 57   O OE2 . GLU A 1 13  ? 21.58503  -13.83788 -17.30079 1.000 80.65074  ? 13  GLU A OE2 1 
ATOM 58   N N   . VAL A 1 14  ? 18.78312  -7.89276  -14.99653 1.000 43.58853  ? 14  VAL A N   1 
ATOM 59   C CA  . VAL A 1 14  ? 19.01884  -6.52034  -14.58788 1.000 46.45330  ? 14  VAL A CA  1 
ATOM 60   C C   . VAL A 1 14  ? 18.49859  -6.34753  -13.16899 1.000 38.17913  ? 14  VAL A C   1 
ATOM 61   O O   . VAL A 1 14  ? 19.09799  -5.62680  -12.36437 1.000 47.89693  ? 14  VAL A O   1 
ATOM 62   C CB  . VAL A 1 14  ? 18.36358  -5.52134  -15.55698 1.000 53.48802  ? 14  VAL A CB  1 
ATOM 63   C CG1 . VAL A 1 14  ? 18.52474  -4.10240  -15.03863 1.000 38.71220  ? 14  VAL A CG1 1 
ATOM 64   C CG2 . VAL A 1 14  ? 18.97768  -5.65033  -16.94006 1.000 44.78949  ? 14  VAL A CG2 1 
ATOM 65   N N   . ARG A 1 15  ? 17.39294  -7.01978  -12.83812 1.000 41.56891  ? 15  ARG A N   1 
ATOM 66   C CA  . ARG A 1 15  ? 16.86452  -6.91249  -11.48282 1.000 40.81003  ? 15  ARG A CA  1 
ATOM 67   C C   . ARG A 1 15  ? 17.75526  -7.61103  -10.46325 1.000 48.97459  ? 15  ARG A C   1 
ATOM 68   O O   . ARG A 1 15  ? 17.59445  -7.38771  -9.25781  1.000 52.47905  ? 15  ARG A O   1 
ATOM 69   C CB  . ARG A 1 15  ? 15.44624  -7.48042  -11.40571 1.000 39.66450  ? 15  ARG A CB  1 
ATOM 70   C CG  . ARG A 1 15  ? 15.35003  -8.95945  -11.72200 1.000 40.04148  ? 15  ARG A CG  1 
ATOM 71   C CD  . ARG A 1 15  ? 13.97248  -9.51424  -11.38600 1.000 54.75368  ? 15  ARG A CD  1 
ATOM 72   N NE  . ARG A 1 15  ? 13.84544  -9.87439  -9.97760  1.000 77.73512  ? 15  ARG A NE  1 
ATOM 73   C CZ  . ARG A 1 15  ? 13.35484  -9.07833  -9.03664  1.000 61.40487  ? 15  ARG A CZ  1 
ATOM 74   N NH1 . ARG A 1 15  ? 12.92861  -7.85773  -9.31686  1.000 56.61651  ? 15  ARG A NH1 1 
ATOM 75   N NH2 . ARG A 1 15  ? 13.28834  -9.51919  -7.78283  1.000 41.54720  ? 15  ARG A NH2 1 
ATOM 76   N N   . GLU A 1 16  ? 18.68932  -8.44760  -10.91636 1.000 44.47220  ? 16  GLU A N   1 
ATOM 77   C CA  . GLU A 1 16  ? 19.60573  -9.10422  -9.99474  1.000 37.78312  ? 16  GLU A CA  1 
ATOM 78   C C   . GLU A 1 16  ? 20.79568  -8.21698  -9.65250  1.000 36.84820  ? 16  GLU A C   1 
ATOM 79   O O   . GLU A 1 16  ? 21.33768  -8.31536  -8.54656  1.000 40.57620  ? 16  GLU A O   1 
ATOM 80   C CB  . GLU A 1 16  ? 20.07217  -10.43532 -10.58648 1.000 52.12747  ? 16  GLU A CB  1 
ATOM 81   C CG  . GLU A 1 16  ? 20.72248  -10.32407 -11.95345 1.000 62.97643  ? 16  GLU A CG  1 
ATOM 82   C CD  . GLU A 1 16  ? 20.90499  -11.67356 -12.62657 1.000 71.19670  ? 16  GLU A CD  1 
ATOM 83   O OE1 . GLU A 1 16  ? 19.88794  -12.32617 -12.95172 1.000 51.55344  ? 16  GLU A OE1 1 
ATOM 84   O OE2 . GLU A 1 16  ? 22.06827  -12.08435 -12.82591 1.000 78.84307  ? 16  GLU A OE2 1 
ATOM 85   N N   . LEU A 1 17  ? 21.21145  -7.34877  -10.57723 1.000 43.67496  ? 17  LEU A N   1 
ATOM 86   C CA  . LEU A 1 17  ? 22.23076  -6.34898  -10.28000 1.000 37.93758  ? 17  LEU A CA  1 
ATOM 87   C C   . LEU A 1 17  ? 21.69200  -5.20201  -9.43660  1.000 41.30074  ? 17  LEU A C   1 
ATOM 88   O O   . LEU A 1 17  ? 22.46658  -4.55747  -8.72166  1.000 46.16248  ? 17  LEU A O   1 
ATOM 89   C CB  . LEU A 1 17  ? 22.82372  -5.80079  -11.57898 1.000 38.54240  ? 17  LEU A CB  1 
ATOM 90   C CG  . LEU A 1 17  ? 23.84276  -6.70422  -12.27321 1.000 39.19383  ? 17  LEU A CG  1 
ATOM 91   C CD1 . LEU A 1 17  ? 23.91782  -6.40058  -13.76011 1.000 40.19695  ? 17  LEU A CD1 1 
ATOM 92   C CD2 . LEU A 1 17  ? 25.21197  -6.54657  -11.62519 1.000 50.72036  ? 17  LEU A CD2 1 
ATOM 93   N N   . ILE A 1 18  ? 20.38739  -4.93452  -9.50425  1.000 44.59706  ? 18  ILE A N   1 
ATOM 94   C CA  . ILE A 1 18  ? 19.79210  -3.91399  -8.64819  1.000 49.11005  ? 18  ILE A CA  1 
ATOM 95   C C   . ILE A 1 18  ? 19.78414  -4.37962  -7.19792  1.000 56.53675  ? 18  ILE A C   1 
ATOM 96   O O   . ILE A 1 18  ? 20.21058  -3.65288  -6.29159  1.000 47.38115  ? 18  ILE A O   1 
ATOM 97   C CB  . ILE A 1 18  ? 18.37594  -3.56256  -9.13873  1.000 47.73521  ? 18  ILE A CB  1 
ATOM 98   C CG1 . ILE A 1 18  ? 18.44876  -2.66978  -10.37880 1.000 46.38668  ? 18  ILE A CG1 1 
ATOM 99   C CG2 . ILE A 1 18  ? 17.56775  -2.89725  -8.03191  1.000 55.28688  ? 18  ILE A CG2 1 
ATOM 100  C CD1 . ILE A 1 18  ? 17.10187  -2.18594  -10.86447 1.000 52.68358  ? 18  ILE A CD1 1 
ATOM 101  N N   . GLU A 1 19  ? 19.30567  -5.60402  -6.95760  1.000 53.55789  ? 19  GLU A N   1 
ATOM 102  C CA  . GLU A 1 19  ? 19.29021  -6.14429  -5.60437  1.000 47.66428  ? 19  GLU A CA  1 
ATOM 103  C C   . GLU A 1 19  ? 20.69442  -6.36141  -5.06100  1.000 42.82236  ? 19  GLU A C   1 
ATOM 104  O O   . GLU A 1 19  ? 20.86145  -6.51805  -3.84744  1.000 45.63988  ? 19  GLU A O   1 
ATOM 105  C CB  . GLU A 1 19  ? 18.51158  -7.45849  -5.56751  1.000 45.62216  ? 19  GLU A CB  1 
ATOM 106  C CG  . GLU A 1 19  ? 17.86020  -7.73937  -4.22805  1.000 59.43605  ? 19  GLU A CG  1 
ATOM 107  C CD  . GLU A 1 19  ? 16.44584  -7.20560  -4.14947  1.000 59.46866  ? 19  GLU A CD  1 
ATOM 108  O OE1 . GLU A 1 19  ? 15.57141  -7.74942  -4.85389  1.000 55.81843  ? 19  GLU A OE1 1 
ATOM 109  O OE2 . GLU A 1 19  ? 16.20890  -6.24111  -3.39153  1.000 65.80773  ? 19  GLU A OE2 1 
ATOM 110  N N   . GLU A 1 20  ? 21.70118  -6.38219  -5.93321  1.000 47.91150  ? 20  GLU A N   1 
ATOM 111  C CA  . GLU A 1 20  ? 23.08790  -6.47219  -5.50174  1.000 53.69613  ? 20  GLU A CA  1 
ATOM 112  C C   . GLU A 1 20  ? 23.61501  -5.14713  -4.96789  1.000 55.53690  ? 20  GLU A C   1 
ATOM 113  O O   . GLU A 1 20  ? 24.63196  -5.13555  -4.26654  1.000 56.68356  ? 20  GLU A O   1 
ATOM 114  C CB  . GLU A 1 20  ? 23.95782  -6.94691  -6.66718  1.000 56.18135  ? 20  GLU A CB  1 
ATOM 115  C CG  . GLU A 1 20  ? 25.27023  -7.58549  -6.26344  1.000 51.56511  ? 20  GLU A CG  1 
ATOM 116  C CD  . GLU A 1 20  ? 26.06730  -8.06031  -7.46111  1.000 57.56991  ? 20  GLU A CD  1 
ATOM 117  O OE1 . GLU A 1 20  ? 26.02386  -7.38211  -8.50948  1.000 54.73904  ? 20  GLU A OE1 1 
ATOM 118  O OE2 . GLU A 1 20  ? 26.72843  -9.11531  -7.35887  1.000 63.59955  ? 20  GLU A OE2 1 
ATOM 119  N N   . GLY A 1 21  ? 22.94625  -4.03839  -5.27791  1.000 52.57534  ? 21  GLY A N   1 
ATOM 120  C CA  . GLY A 1 21  ? 23.36261  -2.72062  -4.84430  1.000 46.08345  ? 21  GLY A CA  1 
ATOM 121  C C   . GLY A 1 21  ? 23.84863  -1.82164  -5.95708  1.000 39.85732  ? 21  GLY A C   1 
ATOM 122  O O   . GLY A 1 21  ? 24.04686  -0.62360  -5.71917  1.000 37.72181  ? 21  GLY A O   1 
ATOM 123  N N   . LYS A 1 22  ? 24.03826  -2.35081  -7.16222  1.000 49.61011  ? 22  LYS A N   1 
ATOM 124  C CA  . LYS A 1 22  ? 24.56038  -1.54987  -8.25729  1.000 46.81486  ? 22  LYS A CA  1 
ATOM 125  C C   . LYS A 1 22  ? 23.52089  -0.54399  -8.74407  1.000 46.62055  ? 22  LYS A C   1 
ATOM 126  O O   . LYS A 1 22  ? 22.32118  -0.65989  -8.47771  1.000 51.24334  ? 22  LYS A O   1 
ATOM 127  C CB  . LYS A 1 22  ? 25.00573  -2.44287  -9.41635  1.000 37.76074  ? 22  LYS A CB  1 
ATOM 128  C CG  . LYS A 1 22  ? 26.49783  -2.72663  -9.44030  1.000 37.94806  ? 22  LYS A CG  1 
ATOM 129  C CD  . LYS A 1 22  ? 26.95000  -3.45195  -8.18449  1.000 48.94457  ? 22  LYS A CD  1 
ATOM 130  C CE  . LYS A 1 22  ? 28.46403  -3.45584  -8.07042  1.000 48.89637  ? 22  LYS A CE  1 
ATOM 131  N NZ  . LYS A 1 22  ? 29.00971  -2.07215  -7.96621  1.000 37.16155  ? 22  LYS A NZ  1 
ATOM 132  N N   . THR A 1 23  ? 24.00666  0.45731   -9.46785  1.000 43.51727  ? 23  THR A N   1 
ATOM 133  C CA  . THR A 1 23  ? 23.18448  1.50727   -10.04382 1.000 40.46913  ? 23  THR A CA  1 
ATOM 134  C C   . THR A 1 23  ? 23.07814  1.31330   -11.54971 1.000 43.91684  ? 23  THR A C   1 
ATOM 135  O O   . THR A 1 23  ? 23.89474  0.62321   -12.16539 1.000 54.26495  ? 23  THR A O   1 
ATOM 136  C CB  . THR A 1 23  ? 23.76816  2.88761   -9.72915  1.000 54.66627  ? 23  THR A CB  1 
ATOM 137  O OG1 . THR A 1 23  ? 25.19836  2.82367   -9.79059  1.000 49.43656  ? 23  THR A OG1 1 
ATOM 138  C CG2 . THR A 1 23  ? 23.35236  3.33466   -8.34100  1.000 69.01967  ? 23  THR A CG2 1 
ATOM 139  N N   . ALA A 1 24  ? 22.05194  1.93796   -12.13787 1.000 48.76922  ? 24  ALA A N   1 
ATOM 140  C CA  . ALA A 1 24  ? 21.81423  1.79808   -13.57268 1.000 54.74173  ? 24  ALA A CA  1 
ATOM 141  C C   . ALA A 1 24  ? 23.03194  2.20748   -14.38866 1.000 54.55210  ? 24  ALA A C   1 
ATOM 142  O O   . ALA A 1 24  ? 23.25180  1.67925   -15.48523 1.000 47.80829  ? 24  ALA A O   1 
ATOM 143  C CB  . ALA A 1 24  ? 20.59752  2.62448   -13.98722 1.000 53.52900  ? 24  ALA A CB  1 
ATOM 144  N N   . GLU A 1 25  ? 23.82839  3.14651   -13.87399 1.000 58.47079  ? 25  GLU A N   1 
ATOM 145  C CA  . GLU A 1 25  ? 25.08714  3.49057   -14.52432 1.000 59.23857  ? 25  GLU A CA  1 
ATOM 146  C C   . GLU A 1 25  ? 26.03941  2.30047   -14.53791 1.000 53.66501  ? 25  GLU A C   1 
ATOM 147  O O   . GLU A 1 25  ? 26.68137  2.02071   -15.55690 1.000 54.50261  ? 25  GLU A O   1 
ATOM 148  C CB  . GLU A 1 25  ? 25.72280  4.68766   -13.81656 1.000 64.30014  ? 25  GLU A CB  1 
ATOM 149  C CG  . GLU A 1 25  ? 25.79599  4.52219   -12.30566 1.000 74.89967  ? 25  GLU A CG  1 
ATOM 150  C CD  . GLU A 1 25  ? 26.41336  5.70819   -11.59609 1.000 80.05522  ? 25  GLU A CD  1 
ATOM 151  O OE1 . GLU A 1 25  ? 26.11385  6.85850   -11.98143 1.000 73.19132  ? 25  GLU A OE1 1 
ATOM 152  O OE2 . GLU A 1 25  ? 27.20281  5.48599   -10.65224 1.000 73.72888  ? 25  GLU A OE2 1 
ATOM 153  N N   . GLU A 1 26  ? 26.13344  1.57937   -13.41742 1.000 50.31271  ? 26  GLU A N   1 
ATOM 154  C CA  . GLU A 1 26  ? 27.01952  0.42441   -13.33412 1.000 48.20439  ? 26  GLU A CA  1 
ATOM 155  C C   . GLU A 1 26  ? 26.43769  -0.79758  -14.03387 1.000 54.25528  ? 26  GLU A C   1 
ATOM 156  O O   . GLU A 1 26  ? 27.19422  -1.66638  -14.48106 1.000 54.73355  ? 26  GLU A O   1 
ATOM 157  C CB  . GLU A 1 26  ? 27.31987  0.10206   -11.86934 1.000 46.73720  ? 26  GLU A CB  1 
ATOM 158  C CG  . GLU A 1 26  ? 28.14901  1.16346   -11.16047 1.000 57.46577  ? 26  GLU A CG  1 
ATOM 159  C CD  . GLU A 1 26  ? 28.09568  1.03814   -9.64827  1.000 54.45190  ? 26  GLU A CD  1 
ATOM 160  O OE1 . GLU A 1 26  ? 27.06408  1.41695   -9.05413  1.000 45.82167  ? 26  GLU A OE1 1 
ATOM 161  O OE2 . GLU A 1 26  ? 29.08201  0.55493   -9.05380  1.000 57.36667  ? 26  GLU A OE2 1 
ATOM 162  N N   . ILE A 1 27  ? 25.10912  -0.88631  -14.13650 1.000 56.01403  ? 27  ILE A N   1 
ATOM 163  C CA  . ILE A 1 27  ? 24.49737  -1.99543  -14.86118 1.000 41.56480  ? 27  ILE A CA  1 
ATOM 164  C C   . ILE A 1 27  ? 24.78207  -1.88012  -16.35282 1.000 44.81634  ? 27  ILE A C   1 
ATOM 165  O O   . ILE A 1 27  ? 24.91807  -2.89443  -17.04841 1.000 40.05772  ? 27  ILE A O   1 
ATOM 166  C CB  . ILE A 1 27  ? 22.98647  -2.04877  -14.56836 1.000 39.65832  ? 27  ILE A CB  1 
ATOM 167  C CG1 . ILE A 1 27  ? 22.74653  -2.19926  -13.06650 1.000 40.95907  ? 27  ILE A CG1 1 
ATOM 168  C CG2 . ILE A 1 27  ? 22.33045  -3.19764  -15.31298 1.000 43.62827  ? 27  ILE A CG2 1 
ATOM 169  C CD1 . ILE A 1 27  ? 21.28847  -2.22989  -12.68319 1.000 47.74635  ? 27  ILE A CD1 1 
ATOM 170  N N   . ALA A 1 28  ? 24.89297  -0.65308  -16.86665 1.000 53.16931  ? 28  ALA A N   1 
ATOM 171  C CA  . ALA A 1 28  ? 25.21474  -0.46666  -18.27744 1.000 49.21137  ? 28  ALA A CA  1 
ATOM 172  C C   . ALA A 1 28  ? 26.65081  -0.87723  -18.57750 1.000 45.60754  ? 28  ALA A C   1 
ATOM 173  O O   . ALA A 1 28  ? 26.92121  -1.49747  -19.61244 1.000 48.38272  ? 28  ALA A O   1 
ATOM 174  C CB  . ALA A 1 28  ? 24.97799  0.98773   -18.68189 1.000 51.57340  ? 28  ALA A CB  1 
ATOM 175  N N   . GLU A 1 29  ? 27.58541  -0.53960  -17.68659 1.000 46.63176  ? 29  GLU A N   1 
ATOM 176  C CA  . GLU A 1 29  ? 28.98269  -0.89670  -17.90974 1.000 51.36135  ? 29  GLU A CA  1 
ATOM 177  C C   . GLU A 1 29  ? 29.18995  -2.40038  -17.78581 1.000 54.16525  ? 29  GLU A C   1 
ATOM 178  O O   . GLU A 1 29  ? 29.79488  -3.02855  -18.66235 1.000 53.01086  ? 29  GLU A O   1 
ATOM 179  C CB  . GLU A 1 29  ? 29.88323  -0.15626  -16.92069 1.000 48.77670  ? 29  GLU A CB  1 
ATOM 180  C CG  . GLU A 1 29  ? 29.56347  1.31542   -16.74109 1.000 62.76199  ? 29  GLU A CG  1 
ATOM 181  C CD  . GLU A 1 29  ? 30.56321  2.01764   -15.84170 1.000 66.49082  ? 29  GLU A CD  1 
ATOM 182  O OE1 . GLU A 1 29  ? 31.72100  1.55292   -15.76802 1.000 62.20896  ? 29  GLU A OE1 1 
ATOM 183  O OE2 . GLU A 1 29  ? 30.19121  3.02858   -15.20599 1.000 57.55293  ? 29  GLU A OE2 1 
ATOM 184  N N   . ILE A 1 30  ? 28.69569  -2.99169  -16.69516 1.000 55.61579  ? 30  ILE A N   1 
ATOM 185  C CA  . ILE A 1 30  ? 28.89757  -4.41773  -16.45136 1.000 59.62968  ? 30  ILE A CA  1 
ATOM 186  C C   . ILE A 1 30  ? 28.32450  -5.24395  -17.59546 1.000 54.74576  ? 30  ILE A C   1 
ATOM 187  O O   . ILE A 1 30  ? 28.96624  -6.17907  -18.08926 1.000 55.73427  ? 30  ILE A O   1 
ATOM 188  C CB  . ILE A 1 30  ? 28.28354  -4.81360  -15.09505 1.000 54.45498  ? 30  ILE A CB  1 
ATOM 189  C CG1 . ILE A 1 30  ? 29.07856  -4.18084  -13.94994 1.000 55.07186  ? 30  ILE A CG1 1 
ATOM 190  C CG2 . ILE A 1 30  ? 28.23320  -6.32706  -14.94426 1.000 60.89189  ? 30  ILE A CG2 1 
ATOM 191  C CD1 . ILE A 1 30  ? 28.39980  -4.28031  -12.60718 1.000 48.60743  ? 30  ILE A CD1 1 
ATOM 192  N N   . LEU A 1 31  ? 27.11910  -4.90800  -18.04385 1.000 48.42922  ? 31  LEU A N   1 
ATOM 193  C CA  . LEU A 1 31  ? 26.51669  -5.59930  -19.17427 1.000 49.88916  ? 31  LEU A CA  1 
ATOM 194  C C   . LEU A 1 31  ? 26.96893  -5.03690  -20.51590 1.000 54.17747  ? 31  LEU A C   1 
ATOM 195  O O   . LEU A 1 31  ? 26.46488  -5.47627  -21.55541 1.000 59.74285  ? 31  LEU A O   1 
ATOM 196  C CB  . LEU A 1 31  ? 24.99022  -5.54460  -19.06399 1.000 51.31449  ? 31  LEU A CB  1 
ATOM 197  C CG  . LEU A 1 31  ? 24.42321  -6.11898  -17.76124 1.000 44.31061  ? 31  LEU A CG  1 
ATOM 198  C CD1 . LEU A 1 31  ? 22.90607  -6.01971  -17.72762 1.000 43.87916  ? 31  LEU A CD1 1 
ATOM 199  C CD2 . LEU A 1 31  ? 24.87322  -7.55963  -17.56507 1.000 39.91113  ? 31  LEU A CD2 1 
ATOM 200  N N   . GLY A 1 32  ? 27.89874  -4.08203  -20.51797 1.000 52.11113  ? 32  GLY A N   1 
ATOM 201  C CA  . GLY A 1 32  ? 28.42832  -3.52514  -21.74668 1.000 51.76083  ? 32  GLY A CA  1 
ATOM 202  C C   . GLY A 1 32  ? 27.45838  -2.70371  -22.56212 1.000 44.44459  ? 32  GLY A C   1 
ATOM 203  O O   . GLY A 1 32  ? 27.80231  -2.29578  -23.67459 1.000 56.39966  ? 32  GLY A O   1 
ATOM 204  N N   . LEU A 1 33  ? 26.26332  -2.43760  -22.04602 1.000 41.37991  ? 33  LEU A N   1 
ATOM 205  C CA  . LEU A 1 33  ? 25.23915  -1.72460  -22.79208 1.000 44.35819  ? 33  LEU A CA  1 
ATOM 206  C C   . LEU A 1 33  ? 25.30997  -0.23047  -22.47311 1.000 46.15142  ? 33  LEU A C   1 
ATOM 207  O O   . LEU A 1 33  ? 26.23877  0.24367   -21.81396 1.000 53.26410  ? 33  LEU A O   1 
ATOM 208  C CB  . LEU A 1 33  ? 23.86638  -2.31356  -22.47834 1.000 50.03237  ? 33  LEU A CB  1 
ATOM 209  C CG  . LEU A 1 33  ? 23.77521  -3.84149  -22.49310 1.000 47.30414  ? 33  LEU A CG  1 
ATOM 210  C CD1 . LEU A 1 33  ? 22.36035  -4.30155  -22.17545 1.000 52.07128  ? 33  LEU A CD1 1 
ATOM 211  C CD2 . LEU A 1 33  ? 24.24179  -4.40559  -23.82761 1.000 55.94285  ? 33  LEU A CD2 1 
ATOM 212  N N   . SER A 1 34  ? 24.32198  0.52803   -22.93898 1.000 45.83490  ? 34  SER A N   1 
ATOM 213  C CA  . SER A 1 34  ? 24.25335  1.96424   -22.71312 1.000 56.91185  ? 34  SER A CA  1 
ATOM 214  C C   . SER A 1 34  ? 23.29983  2.28233   -21.56603 1.000 60.28967  ? 34  SER A C   1 
ATOM 215  O O   . SER A 1 34  ? 22.46619  1.46287   -21.17310 1.000 51.74046  ? 34  SER A O   1 
ATOM 216  C CB  . SER A 1 34  ? 23.80771  2.69281   -23.98362 1.000 55.97464  ? 34  SER A CB  1 
ATOM 217  O OG  . SER A 1 34  ? 24.69086  2.42231   -25.05715 1.000 53.80004  ? 34  SER A OG  1 
ATOM 218  N N   . VAL A 1 35  ? 23.43294  3.50013   -21.03190 1.000 70.99722  ? 35  VAL A N   1 
ATOM 219  C CA  . VAL A 1 35  ? 22.63950  3.88811   -19.86869 1.000 60.45011  ? 35  VAL A CA  1 
ATOM 220  C C   . VAL A 1 35  ? 21.18220  4.11397   -20.24919 1.000 62.90911  ? 35  VAL A C   1 
ATOM 221  O O   . VAL A 1 35  ? 20.27827  3.83828   -19.45109 1.000 60.97918  ? 35  VAL A O   1 
ATOM 222  C CB  . VAL A 1 35  ? 23.24653  5.13232   -19.19176 1.000 58.88676  ? 35  VAL A CB  1 
ATOM 223  C CG1 . VAL A 1 35  ? 24.66656  4.84237   -18.73504 1.000 65.27054  ? 35  VAL A CG1 1 
ATOM 224  C CG2 . VAL A 1 35  ? 23.21952  6.33138   -20.13095 1.000 72.61494  ? 35  VAL A CG2 1 
ATOM 225  N N   . ASP A 1 36  ? 20.92287  4.61110   -21.46168 1.000 63.16841  ? 36  ASP A N   1 
ATOM 226  C CA  . ASP A 1 36  ? 19.54430  4.80795   -21.89524 1.000 63.32090  ? 36  ASP A CA  1 
ATOM 227  C C   . ASP A 1 36  ? 18.82008  3.48217   -22.07258 1.000 58.94514  ? 36  ASP A C   1 
ATOM 228  O O   . ASP A 1 36  ? 17.61865  3.39130   -21.79622 1.000 59.95314  ? 36  ASP A O   1 
ATOM 229  C CB  . ASP A 1 36  ? 19.51081  5.61013   -23.19496 1.000 67.98826  ? 36  ASP A CB  1 
ATOM 230  C CG  . ASP A 1 36  ? 19.54137  7.10242   -22.95658 1.000 70.16685  ? 36  ASP A CG  1 
ATOM 231  O OD1 . ASP A 1 36  ? 18.62695  7.61235   -22.27512 1.000 67.75007  ? 36  ASP A OD1 1 
ATOM 232  O OD2 . ASP A 1 36  ? 20.48488  7.76182   -23.43970 1.000 77.29559  ? 36  ASP A OD2 1 
ATOM 233  N N   . GLU A 1 37  ? 19.52980  2.44816   -22.52708 1.000 57.03994  ? 37  GLU A N   1 
ATOM 234  C CA  . GLU A 1 37  ? 18.91091  1.13725   -22.67374 1.000 57.48687  ? 37  GLU A CA  1 
ATOM 235  C C   . GLU A 1 37  ? 18.55049  0.53832   -21.32114 1.000 59.09424  ? 37  GLU A C   1 
ATOM 236  O O   . GLU A 1 37  ? 17.55384  -0.18365  -21.21156 1.000 58.64288  ? 37  GLU A O   1 
ATOM 237  C CB  . GLU A 1 37  ? 19.84411  0.21064   -23.45056 1.000 62.61094  ? 37  GLU A CB  1 
ATOM 238  C CG  . GLU A 1 37  ? 20.24060  0.76161   -24.81286 1.000 68.31435  ? 37  GLU A CG  1 
ATOM 239  C CD  . GLU A 1 37  ? 21.58952  0.25432   -25.27953 1.000 64.77293  ? 37  GLU A CD  1 
ATOM 240  O OE1 . GLU A 1 37  ? 22.12120  -0.68363  -24.65093 1.000 63.44787  ? 37  GLU A OE1 1 
ATOM 241  O OE2 . GLU A 1 37  ? 22.12193  0.79480   -26.27155 1.000 62.48757  ? 37  GLU A OE2 1 
ATOM 242  N N   . ILE A 1 38  ? 19.33726  0.83051   -20.28284 1.000 62.55175  ? 38  ILE A N   1 
ATOM 243  C CA  . ILE A 1 38  ? 18.97269  0.39711   -18.93710 1.000 59.73258  ? 38  ILE A CA  1 
ATOM 244  C C   . ILE A 1 38  ? 17.68249  1.07801   -18.49796 1.000 55.04358  ? 38  ILE A C   1 
ATOM 245  O O   . ILE A 1 38  ? 16.83115  0.46573   -17.84193 1.000 52.53471  ? 38  ILE A O   1 
ATOM 246  C CB  . ILE A 1 38  ? 20.12642  0.66919   -17.95295 1.000 61.07514  ? 38  ILE A CB  1 
ATOM 247  C CG1 . ILE A 1 38  ? 21.42624  0.04469   -18.46489 1.000 47.38599  ? 38  ILE A CG1 1 
ATOM 248  C CG2 . ILE A 1 38  ? 19.79201  0.12596   -16.56971 1.000 56.84331  ? 38  ILE A CG2 1 
ATOM 249  C CD1 . ILE A 1 38  ? 21.38486  -1.46485  -18.56946 1.000 39.97771  ? 38  ILE A CD1 1 
ATOM 250  N N   . LYS A 1 39  ? 17.51059  2.35183   -18.86356 1.000 47.71936  ? 39  LYS A N   1 
ATOM 251  C CA  . LYS A 1 39  ? 16.25712  3.04286   -18.58472 1.000 50.61797  ? 39  LYS A CA  1 
ATOM 252  C C   . LYS A 1 39  ? 15.09082  2.43663   -19.35101 1.000 61.20036  ? 39  LYS A C   1 
ATOM 253  O O   . LYS A 1 39  ? 13.93922  2.57971   -18.92484 1.000 66.85085  ? 39  LYS A O   1 
ATOM 254  C CB  . LYS A 1 39  ? 16.38423  4.52815   -18.92680 1.000 51.87405  ? 39  LYS A CB  1 
ATOM 255  C CG  . LYS A 1 39  ? 17.61386  5.19650   -18.34067 1.000 62.32159  ? 39  LYS A CG  1 
ATOM 256  C CD  . LYS A 1 39  ? 17.67763  6.66822   -18.71846 1.000 71.22686  ? 39  LYS A CD  1 
ATOM 257  C CE  . LYS A 1 39  ? 16.68370  7.49026   -17.91398 1.000 63.77891  ? 39  LYS A CE  1 
ATOM 258  N NZ  . LYS A 1 39  ? 17.02775  7.49622   -16.46356 1.000 54.59805  ? 39  LYS A NZ  1 
ATOM 259  N N   . GLU A 1 40  ? 15.36449  1.76433   -20.46793 1.000 62.32794  ? 40  GLU A N   1 
ATOM 260  C CA  . GLU A 1 40  ? 14.33721  1.11732   -21.27087 1.000 55.28206  ? 40  GLU A CA  1 
ATOM 261  C C   . GLU A 1 40  ? 13.98776  -0.27965  -20.77697 1.000 53.13040  ? 40  GLU A C   1 
ATOM 262  O O   . GLU A 1 40  ? 13.05558  -0.89227  -21.30930 1.000 52.75056  ? 40  GLU A O   1 
ATOM 263  C CB  . GLU A 1 40  ? 14.78892  1.04262   -22.73122 1.000 58.27085  ? 40  GLU A CB  1 
ATOM 264  C CG  . GLU A 1 40  ? 13.67500  1.24079   -23.73595 1.000 58.57820  ? 40  GLU A CG  1 
ATOM 265  C CD  . GLU A 1 40  ? 14.19520  1.35453   -25.15316 1.000 76.96138  ? 40  GLU A CD  1 
ATOM 266  O OE1 . GLU A 1 40  ? 15.19022  0.67239   -25.47884 1.000 78.67549  ? 40  GLU A OE1 1 
ATOM 267  O OE2 . GLU A 1 40  ? 13.61575  2.13358   -25.93796 1.000 70.02605  ? 40  GLU A OE2 1 
ATOM 268  N N   . LEU A 1 41  ? 14.71561  -0.79903  -19.78886 1.000 53.47204  ? 41  LEU A N   1 
ATOM 269  C CA  . LEU A 1 41  ? 14.41097  -2.08624  -19.18093 1.000 55.51120  ? 41  LEU A CA  1 
ATOM 270  C C   . LEU A 1 41  ? 13.94122  -1.96263  -17.73816 1.000 50.28820  ? 41  LEU A C   1 
ATOM 271  O O   . LEU A 1 41  ? 13.70280  -2.98631  -17.08876 1.000 47.17232  ? 41  LEU A O   1 
ATOM 272  C CB  . LEU A 1 41  ? 15.63196  -3.01410  -19.24676 1.000 53.92933  ? 41  LEU A CB  1 
ATOM 273  C CG  . LEU A 1 41  ? 15.81999  -3.86741  -20.50688 1.000 57.97777  ? 41  LEU A CG  1 
ATOM 274  C CD1 . LEU A 1 41  ? 16.44293  -3.07653  -21.64693 1.000 50.13357  ? 41  LEU A CD1 1 
ATOM 275  C CD2 . LEU A 1 41  ? 16.64916  -5.10258  -20.19376 1.000 58.54315  ? 41  LEU A CD2 1 
ATOM 276  N N   . ILE A 1 42  ? 13.80230  -0.74616  -17.22058 1.000 48.63828  ? 42  ILE A N   1 
ATOM 277  C CA  . ILE A 1 42  ? 13.31840  -0.52361  -15.86307 1.000 40.43836  ? 42  ILE A CA  1 
ATOM 278  C C   . ILE A 1 42  ? 11.79675  -0.47502  -15.91296 1.000 48.26538  ? 42  ILE A C   1 
ATOM 279  O O   . ILE A 1 42  ? 11.21331  0.44599   -16.49057 1.000 59.00850  ? 42  ILE A O   1 
ATOM 280  C CB  . ILE A 1 42  ? 13.89616  0.76238   -15.26282 1.000 37.46672  ? 42  ILE A CB  1 
ATOM 281  C CG1 . ILE A 1 42  ? 15.39582  0.60624   -15.01912 1.000 47.39622  ? 42  ILE A CG1 1 
ATOM 282  C CG2 . ILE A 1 42  ? 13.18212  1.11543   -13.96951 1.000 36.45932  ? 42  ILE A CG2 1 
ATOM 283  C CD1 . ILE A 1 42  ? 16.07824  1.88922   -14.62819 1.000 49.33528  ? 42  ILE A CD1 1 
ATOM 284  N N   . GLY A 1 43  ? 11.15098  -1.47142  -15.30617 1.000 47.09364  ? 43  GLY A N   1 
ATOM 285  C CA  . GLY A 1 43  ? 9.71683   -1.55794  -15.26721 1.000 62.75923  ? 43  GLY A CA  1 
ATOM 286  C C   . GLY A 1 43  ? 9.15229   -1.36716  -13.87457 1.000 58.84576  ? 43  GLY A C   1 
ATOM 287  O O   . GLY A 1 43  ? 9.82385   -0.87672  -12.95695 1.000 49.53895  ? 43  GLY A O   1 
ATOM 288  N N   . ARG A 1 44  ? 7.88314   -1.75208  -13.71740 1.000 64.34721  ? 44  ARG A N   1 
ATOM 289  C CA  . ARG A 1 44  ? 7.24774   -1.68567  -12.40591 1.000 53.31951  ? 44  ARG A CA  1 
ATOM 290  C C   . ARG A 1 44  ? 7.92178   -2.62832  -11.42031 1.000 56.63933  ? 44  ARG A C   1 
ATOM 291  O O   . ARG A 1 44  ? 8.17831   -2.25626  -10.26946 1.000 62.28961  ? 44  ARG A O   1 
ATOM 292  C CB  . ARG A 1 44  ? 5.76104   -2.02063  -12.51949 1.000 40.04366  ? 44  ARG A CB  1 
ATOM 293  C CG  . ARG A 1 44  ? 4.87948   -0.86201  -12.93750 1.000 41.55852  ? 44  ARG A CG  1 
ATOM 294  C CD  . ARG A 1 44  ? 3.42031   -1.27829  -12.93895 1.000 43.50652  ? 44  ARG A CD  1 
ATOM 295  N NE  . ARG A 1 44  ? 2.52916   -0.18743  -13.31451 1.000 53.22930  ? 44  ARG A NE  1 
ATOM 296  C CZ  . ARG A 1 44  ? 1.22790   -0.32732  -13.52813 1.000 59.17756  ? 44  ARG A CZ  1 
ATOM 297  N NH1 . ARG A 1 44  ? 0.63332   -1.50461  -13.42171 1.000 63.46592  ? 44  ARG A NH1 1 
ATOM 298  N NH2 . ARG A 1 44  ? 0.50556   0.73947   -13.85989 1.000 54.00916  ? 44  ARG A NH2 1 
ATOM 299  N N   . ARG A 1 45  ? 8.22523   -3.85200  -11.85885 1.000 56.67092  ? 45  ARG A N   1 
ATOM 300  C CA  . ARG A 1 45  ? 8.75127   -4.86216  -10.94742 1.000 63.08144  ? 45  ARG A CA  1 
ATOM 301  C C   . ARG A 1 45  ? 10.12758  -4.48473  -10.41394 1.000 50.85185  ? 45  ARG A C   1 
ATOM 302  O O   . ARG A 1 45  ? 10.47173  -4.85196  -9.28633  1.000 42.42025  ? 45  ARG A O   1 
ATOM 303  C CB  . ARG A 1 45  ? 8.80801   -6.22683  -11.64064 1.000 73.95533  ? 45  ARG A CB  1 
ATOM 304  C CG  . ARG A 1 45  ? 7.45003   -6.84512  -11.98840 1.000 57.28657  ? 45  ARG A CG  1 
ATOM 305  C CD  . ARG A 1 45  ? 6.86160   -6.25496  -13.26315 1.000 55.33729  ? 45  ARG A CD  1 
ATOM 306  N NE  . ARG A 1 45  ? 7.90785   -5.86503  -14.20071 1.000 64.50726  ? 45  ARG A NE  1 
ATOM 307  C CZ  . ARG A 1 45  ? 8.39908   -6.65113  -15.14893 1.000 71.72405  ? 45  ARG A CZ  1 
ATOM 308  N NH1 . ARG A 1 45  ? 7.93876   -7.87713  -15.33853 1.000 68.04684  ? 45  ARG A NH1 1 
ATOM 309  N NH2 . ARG A 1 45  ? 9.37847   -6.19622  -15.92542 1.000 69.66031  ? 45  ARG A NH2 1 
ATOM 310  N N   . GLU A 1 46  ? 10.92425  -3.75527  -11.19524 1.000 48.92671  ? 46  GLU A N   1 
ATOM 311  C CA  . GLU A 1 46  ? 12.25104  -3.35833  -10.74201 1.000 41.05362  ? 46  GLU A CA  1 
ATOM 312  C C   . GLU A 1 46  ? 12.22436  -2.19716  -9.75754  1.000 41.07725  ? 46  GLU A C   1 
ATOM 313  O O   . GLU A 1 46  ? 13.27701  -1.84764  -9.21365  1.000 44.29584  ? 46  GLU A O   1 
ATOM 314  C CB  . GLU A 1 46  ? 13.13481  -2.98762  -11.93438 1.000 37.68013  ? 46  GLU A CB  1 
ATOM 315  C CG  . GLU A 1 46  ? 13.49501  -4.15324  -12.83258 1.000 38.78413  ? 46  GLU A CG  1 
ATOM 316  C CD  . GLU A 1 46  ? 14.64418  -3.82463  -13.76171 1.000 45.45627  ? 46  GLU A CD  1 
ATOM 317  O OE1 . GLU A 1 46  ? 15.31971  -2.80103  -13.52781 1.000 46.48099  ? 46  GLU A OE1 1 
ATOM 318  O OE2 . GLU A 1 46  ? 14.87353  -4.58663  -14.72421 1.000 52.37278  ? 46  GLU A OE2 1 
ATOM 319  N N   . VAL A 1 47  ? 11.06433  -1.59507  -9.51592  1.000 42.13261  ? 47  VAL A N   1 
ATOM 320  C CA  . VAL A 1 47  ? 10.94267  -0.48764  -8.57791  1.000 38.74830  ? 47  VAL A CA  1 
ATOM 321  C C   . VAL A 1 47  ? 10.47979  -0.96180  -7.20663  1.000 36.39893  ? 47  VAL A C   1 
ATOM 322  O O   . VAL A 1 47  ? 10.94639  -0.45698  -6.18511  1.000 37.75078  ? 47  VAL A O   1 
ATOM 323  C CB  . VAL A 1 47  ? 9.99421   0.58962   -9.14817  1.000 47.26168  ? 47  VAL A CB  1 
ATOM 324  C CG1 . VAL A 1 47  ? 9.60779   1.59925   -8.07677  1.000 37.68631  ? 47  VAL A CG1 1 
ATOM 325  C CG2 . VAL A 1 47  ? 10.65105  1.29278   -10.32106 1.000 49.44432  ? 47  VAL A CG2 1 
ATOM 326  N N   . ARG A 1 48  ? 9.57436   -1.94239  -7.16986  1.000 40.05443  ? 48  ARG A N   1 
ATOM 327  C CA  . ARG A 1 48  ? 9.07206   -2.43976  -5.89309  1.000 52.17630  ? 48  ARG A CA  1 
ATOM 328  C C   . ARG A 1 48  ? 10.20651  -2.94599  -5.01094  1.000 58.37887  ? 48  ARG A C   1 
ATOM 329  O O   . ARG A 1 48  ? 10.23537  -2.67012  -3.80599  1.000 58.20341  ? 48  ARG A O   1 
ATOM 330  C CB  . ARG A 1 48  ? 8.04558   -3.54730  -6.12773  1.000 52.89512  ? 48  ARG A CB  1 
ATOM 331  C CG  . ARG A 1 48  ? 7.26311   -3.40667  -7.42062  1.000 49.33362  ? 48  ARG A CG  1 
ATOM 332  C CD  . ARG A 1 48  ? 6.09056   -4.37710  -7.48595  1.000 58.91289  ? 48  ARG A CD  1 
ATOM 333  N NE  . ARG A 1 48  ? 6.48916   -5.76686  -7.29175  1.000 66.92554  ? 48  ARG A NE  1 
ATOM 334  C CZ  . ARG A 1 48  ? 6.34744   -6.43529  -6.15499  1.000 64.26198  ? 48  ARG A CZ  1 
ATOM 335  N NH1 . ARG A 1 48  ? 5.83243   -5.86525  -5.07803  1.000 66.86010  ? 48  ARG A NH1 1 
ATOM 336  N NH2 . ARG A 1 48  ? 6.73137   -7.70730  -6.09775  1.000 62.04549  ? 48  ARG A NH2 1 
ATOM 337  N N   . GLU A 1 49  ? 11.15832  -3.67750  -5.59710  1.000 57.41095  ? 49  GLU A N   1 
ATOM 338  C CA  . GLU A 1 49  ? 12.27821  -4.20907  -4.82839  1.000 56.00650  ? 49  GLU A CA  1 
ATOM 339  C C   . GLU A 1 49  ? 13.12140  -3.11155  -4.19364  1.000 54.36979  ? 49  GLU A C   1 
ATOM 340  O O   . GLU A 1 49  ? 13.80578  -3.37045  -3.19777  1.000 65.89554  ? 49  GLU A O   1 
ATOM 341  C CB  . GLU A 1 49  ? 13.14849  -5.09624  -5.72268  1.000 53.87827  ? 49  GLU A CB  1 
ATOM 342  C CG  . GLU A 1 49  ? 12.76661  -6.57718  -5.71523  1.000 64.37976  ? 49  GLU A CG  1 
ATOM 343  C CD  . GLU A 1 49  ? 11.38008  -6.85751  -6.27654  1.000 62.29057  ? 49  GLU A CD  1 
ATOM 344  O OE1 . GLU A 1 49  ? 10.76417  -5.94501  -6.86287  1.000 55.50037  ? 49  GLU A OE1 1 
ATOM 345  O OE2 . GLU A 1 49  ? 10.90455  -8.00377  -6.13162  1.000 65.66905  ? 49  GLU A OE2 1 
ATOM 346  N N   . LEU A 1 50  ? 13.08865  -1.89863  -4.73812  1.000 43.34293  ? 50  LEU A N   1 
ATOM 347  C CA  . LEU A 1 50  ? 13.79288  -0.77184  -4.14483  1.000 42.99867  ? 50  LEU A CA  1 
ATOM 348  C C   . LEU A 1 50  ? 12.90221  0.06390   -3.23541  1.000 52.97168  ? 50  LEU A C   1 
ATOM 349  O O   . LEU A 1 50  ? 13.38870  1.01605   -2.61640  1.000 61.93835  ? 50  LEU A O   1 
ATOM 350  C CB  . LEU A 1 50  ? 14.40485  0.10097   -5.24090  1.000 36.83364  ? 50  LEU A CB  1 
ATOM 351  C CG  . LEU A 1 50  ? 15.64712  -0.50993  -5.89173  1.000 37.48922  ? 50  LEU A CG  1 
ATOM 352  C CD1 . LEU A 1 50  ? 16.15982  0.37152   -7.01726  1.000 44.47445  ? 50  LEU A CD1 1 
ATOM 353  C CD2 . LEU A 1 50  ? 16.73233  -0.74574  -4.84918  1.000 33.42374  ? 50  LEU A CD2 1 
ATOM 354  N N   . ILE A 1 51  ? 11.61669  -0.26085  -3.14826  1.000 48.12535  ? 51  ILE A N   1 
ATOM 355  C CA  . ILE A 1 51  ? 10.76804  0.21920   -2.06951  1.000 48.59759  ? 51  ILE A CA  1 
ATOM 356  C C   . ILE A 1 51  ? 10.59646  -0.85802  -0.99529  1.000 53.98154  ? 51  ILE A C   1 
ATOM 357  O O   . ILE A 1 51  ? 9.69930   -0.77002  -0.15878  1.000 59.69838  ? 51  ILE A O   1 
ATOM 358  C CB  . ILE A 1 51  ? 9.41228   0.71753   -2.59579  1.000 45.80071  ? 51  ILE A CB  1 
ATOM 359  C CG1 . ILE A 1 51  ? 9.59299   1.41094   -3.94655  1.000 53.17337  ? 51  ILE A CG1 1 
ATOM 360  C CG2 . ILE A 1 51  ? 8.77293   1.70418   -1.62256  1.000 39.80623  ? 51  ILE A CG2 1 
ATOM 361  C CD1 . ILE A 1 51  ? 8.31578   2.02818   -4.49842  1.000 60.83524  ? 51  ILE A CD1 1 
ATOM 362  N N   . GLU A 1 52  ? 11.44658  -1.88545  -1.01830  1.000 52.21383  ? 52  GLU A N   1 
ATOM 363  C CA  . GLU A 1 52  ? 11.46809  -2.91503  0.00838   1.000 54.71083  ? 52  GLU A CA  1 
ATOM 364  C C   . GLU A 1 52  ? 12.71738  -2.86681  0.87685   1.000 51.57017  ? 52  GLU A C   1 
ATOM 365  O O   . GLU A 1 52  ? 12.74885  -3.52564  1.92145   1.000 53.57226  ? 52  GLU A O   1 
ATOM 366  C CB  . GLU A 1 52  ? 11.34465  -4.30649  -0.63125  1.000 58.83673  ? 52  GLU A CB  1 
ATOM 367  C CG  . GLU A 1 52  ? 10.01277  -4.55232  -1.32371  1.000 58.45380  ? 52  GLU A CG  1 
ATOM 368  C CD  . GLU A 1 52  ? 10.01819  -5.80397  -2.18447  1.000 65.17608  ? 52  GLU A CD  1 
ATOM 369  O OE1 . GLU A 1 52  ? 10.68816  -6.78949  -1.80859  1.000 65.20585  ? 52  GLU A OE1 1 
ATOM 370  O OE2 . GLU A 1 52  ? 9.35599   -5.79855  -3.24435  1.000 60.79890  ? 52  GLU A OE2 1 
ATOM 371  N N   . GLU A 1 53  ? 13.74807  -2.12566  0.46762   1.000 49.83724  ? 53  GLU A N   1 
ATOM 372  C CA  . GLU A 1 53  ? 14.91371  -1.85856  1.29835   1.000 39.73359  ? 53  GLU A CA  1 
ATOM 373  C C   . GLU A 1 53  ? 14.82588  -0.50187  1.98316   1.000 40.82127  ? 53  GLU A C   1 
ATOM 374  O O   . GLU A 1 53  ? 15.85381  0.05356   2.38389   1.000 44.99430  ? 53  GLU A O   1 
ATOM 375  C CB  . GLU A 1 53  ? 16.19419  -1.95157  0.46696   1.000 38.47263  ? 53  GLU A CB  1 
ATOM 376  C CG  . GLU A 1 53  ? 16.68726  -3.37093  0.25655   1.000 49.62142  ? 53  GLU A CG  1 
ATOM 377  C CD  . GLU A 1 53  ? 17.34830  -3.94611  1.49518   1.000 58.88038  ? 53  GLU A CD  1 
ATOM 378  O OE1 . GLU A 1 53  ? 18.41942  -3.43931  1.88959   1.000 62.65062  ? 53  GLU A OE1 1 
ATOM 379  O OE2 . GLU A 1 53  ? 16.79345  -4.89854  2.08149   1.000 55.49271  ? 53  GLU A OE2 1 
ATOM 380  N N   . GLY A 1 54  ? 13.61615  0.04207   2.11998   1.000 53.06692  ? 54  GLY A N   1 
ATOM 381  C CA  . GLY A 1 54  ? 13.40304  1.32679   2.75040   1.000 58.82597  ? 54  GLY A CA  1 
ATOM 382  C C   . GLY A 1 54  ? 13.79594  2.52884   1.92531   1.000 47.66804  ? 54  GLY A C   1 
ATOM 383  O O   . GLY A 1 54  ? 13.53425  3.66004   2.35366   1.000 42.06020  ? 54  GLY A O   1 
ATOM 384  N N   . LYS A 1 55  ? 14.40285  2.32916   0.75650   1.000 43.86230  ? 55  LYS A N   1 
ATOM 385  C CA  . LYS A 1 55  ? 14.89747  3.44187   -0.04310  1.000 45.69307  ? 55  LYS A CA  1 
ATOM 386  C C   . LYS A 1 55  ? 13.75809  4.35112   -0.48161  1.000 55.89405  ? 55  LYS A C   1 
ATOM 387  O O   . LYS A 1 55  ? 12.75233  3.89118   -1.03019  1.000 57.49281  ? 55  LYS A O   1 
ATOM 388  C CB  . LYS A 1 55  ? 15.64954  2.91378   -1.26328  1.000 38.64027  ? 55  LYS A CB  1 
ATOM 389  C CG  . LYS A 1 55  ? 17.02800  2.38149   -0.94401  1.000 38.75559  ? 55  LYS A CG  1 
ATOM 390  C CD  . LYS A 1 55  ? 18.00541  3.51982   -0.72911  1.000 42.87065  ? 55  LYS A CD  1 
ATOM 391  C CE  . LYS A 1 55  ? 19.16840  3.08426   0.13980   1.000 55.76778  ? 55  LYS A CE  1 
ATOM 392  N NZ  . LYS A 1 55  ? 19.81886  1.84036   -0.35885  1.000 57.95953  ? 55  LYS A NZ  1 
ATOM 393  N N   . THR A 1 56  ? 13.92193  5.64735   -0.23250  1.000 53.57894  ? 56  THR A N   1 
ATOM 394  C CA  . THR A 1 56  ? 12.94998  6.62997   -0.67889  1.000 46.68418  ? 56  THR A CA  1 
ATOM 395  C C   . THR A 1 56  ? 12.97981  6.75125   -2.20035  1.000 48.78655  ? 56  THR A C   1 
ATOM 396  O O   . THR A 1 56  ? 13.91835  6.30979   -2.86950  1.000 48.42738  ? 56  THR A O   1 
ATOM 397  C CB  . THR A 1 56  ? 13.22881  7.99023   -0.03910  1.000 44.27787  ? 56  THR A CB  1 
ATOM 398  O OG1 . THR A 1 56  ? 14.57604  8.38463   -0.32514  1.000 58.80136  ? 56  THR A OG1 1 
ATOM 399  C CG2 . THR A 1 56  ? 13.03876  7.92064   1.46814   1.000 41.05097  ? 56  THR A CG2 1 
ATOM 400  N N   . ALA A 1 57  ? 11.92531  7.35956   -2.74770  1.000 48.60599  ? 57  ALA A N   1 
ATOM 401  C CA  . ALA A 1 57  ? 11.84951  7.53553   -4.19440  1.000 47.69820  ? 57  ALA A CA  1 
ATOM 402  C C   . ALA A 1 57  ? 12.94930  8.46147   -4.69566  1.000 45.34768  ? 57  ALA A C   1 
ATOM 403  O O   . ALA A 1 57  ? 13.49679  8.25235   -5.78434  1.000 48.10716  ? 57  ALA A O   1 
ATOM 404  C CB  . ALA A 1 57  ? 10.47404  8.07008   -4.59046  1.000 51.62289  ? 57  ALA A CB  1 
ATOM 405  N N   . GLU A 1 58  ? 13.28639  9.49059   -3.91640  1.000 47.89374  ? 58  GLU A N   1 
ATOM 406  C CA  . GLU A 1 58  ? 14.37709  10.37599  -4.30435  1.000 47.39426  ? 58  GLU A CA  1 
ATOM 407  C C   . GLU A 1 58  ? 15.71356  9.64753   -4.30301  1.000 54.50402  ? 58  GLU A C   1 
ATOM 408  O O   . GLU A 1 58  ? 16.60052  9.98318   -5.09630  1.000 64.26656  ? 58  GLU A O   1 
ATOM 409  C CB  . GLU A 1 58  ? 14.42570  11.58773  -3.37573  1.000 55.34513  ? 58  GLU A CB  1 
ATOM 410  C CG  . GLU A 1 58  ? 13.23904  12.53538  -3.50470  1.000 55.38549  ? 58  GLU A CG  1 
ATOM 411  C CD  . GLU A 1 58  ? 13.32268  13.43983  -4.72551  1.000 57.04291  ? 58  GLU A CD  1 
ATOM 412  O OE1 . GLU A 1 58  ? 14.18191  13.20274  -5.60223  1.000 46.99522  ? 58  GLU A OE1 1 
ATOM 413  O OE2 . GLU A 1 58  ? 12.52541  14.39862  -4.80390  1.000 60.13561  ? 58  GLU A OE2 1 
ATOM 414  N N   . GLU A 1 59  ? 15.87859  8.65757   -3.42169  1.000 51.30097  ? 59  GLU A N   1 
ATOM 415  C CA  . GLU A 1 59  ? 17.05350  7.79623   -3.49510  1.000 51.18709  ? 59  GLU A CA  1 
ATOM 416  C C   . GLU A 1 59  ? 17.08571  7.03130   -4.81129  1.000 53.23741  ? 59  GLU A C   1 
ATOM 417  O O   . GLU A 1 59  ? 18.14615  6.88761   -5.43013  1.000 57.71208  ? 59  GLU A O   1 
ATOM 418  C CB  . GLU A 1 59  ? 17.07305  6.82623   -2.31287  1.000 50.54634  ? 59  GLU A CB  1 
ATOM 419  C CG  . GLU A 1 59  ? 17.98052  7.23774   -1.16273  1.000 56.41356  ? 59  GLU A CG  1 
ATOM 420  C CD  . GLU A 1 59  ? 19.45253  7.19953   -1.53397  1.000 61.06000  ? 59  GLU A CD  1 
ATOM 421  O OE1 . GLU A 1 59  ? 19.92888  8.15083   -2.18988  1.000 69.50870  ? 59  GLU A OE1 1 
ATOM 422  O OE2 . GLU A 1 59  ? 20.13137  6.21274   -1.17582  1.000 46.92618  ? 59  GLU A OE2 1 
ATOM 423  N N   . ILE A 1 60  ? 15.92783  6.54301   -5.26139  1.000 48.85911  ? 60  ILE A N   1 
ATOM 424  C CA  . ILE A 1 60  ? 15.87649  5.79344   -6.51196  1.000 50.00110  ? 60  ILE A CA  1 
ATOM 425  C C   . ILE A 1 60  ? 16.01778  6.72992   -7.70501  1.000 51.54483  ? 60  ILE A C   1 
ATOM 426  O O   . ILE A 1 60  ? 16.46238  6.31329   -8.78231  1.000 51.85873  ? 60  ILE A O   1 
ATOM 427  C CB  . ILE A 1 60  ? 14.57970  4.96478   -6.57684  1.000 54.37949  ? 60  ILE A CB  1 
ATOM 428  C CG1 . ILE A 1 60  ? 14.43760  4.11532   -5.31175  1.000 57.61893  ? 60  ILE A CG1 1 
ATOM 429  C CG2 . ILE A 1 60  ? 14.56013  4.07559   -7.81274  1.000 45.08773  ? 60  ILE A CG2 1 
ATOM 430  C CD1 . ILE A 1 60  ? 15.69381  3.34379   -4.95053  1.000 57.93259  ? 60  ILE A CD1 1 
ATOM 431  N N   . ALA A 1 61  ? 15.65424  8.00488   -7.53865  1.000 50.37292  ? 61  ALA A N   1 
ATOM 432  C CA  . ALA A 1 61  ? 15.92694  8.98952   -8.57971  1.000 47.51626  ? 61  ALA A CA  1 
ATOM 433  C C   . ALA A 1 61  ? 17.41806  9.09397   -8.86303  1.000 54.83498  ? 61  ALA A C   1 
ATOM 434  O O   . ALA A 1 61  ? 17.81835  9.39249   -9.99432  1.000 60.48433  ? 61  ALA A O   1 
ATOM 435  C CB  . ALA A 1 61  ? 15.36441  10.35206  -8.17658  1.000 53.66457  ? 61  ALA A CB  1 
ATOM 436  N N   . GLU A 1 62  ? 18.24997  8.84307   -7.85519  1.000 58.45132  ? 62  GLU A N   1 
ATOM 437  C CA  . GLU A 1 62  ? 19.69670  8.83373   -8.00482  1.000 63.20750  ? 62  GLU A CA  1 
ATOM 438  C C   . GLU A 1 62  ? 20.27277  7.42460   -8.06781  1.000 49.33214  ? 62  GLU A C   1 
ATOM 439  O O   . GLU A 1 62  ? 21.49397  7.27199   -8.16073  1.000 58.33692  ? 62  GLU A O   1 
ATOM 440  C CB  . GLU A 1 62  ? 20.34187  9.61846   -6.85746  1.000 67.40363  ? 62  GLU A CB  1 
ATOM 441  C CG  . GLU A 1 62  ? 19.84170  11.05495  -6.75566  1.000 66.37704  ? 62  GLU A CG  1 
ATOM 442  C CD  . GLU A 1 62  ? 20.26440  11.74025  -5.47130  1.000 76.27178  ? 62  GLU A CD  1 
ATOM 443  O OE1 . GLU A 1 62  ? 20.96682  11.10369  -4.65756  1.000 89.42102  ? 62  GLU A OE1 1 
ATOM 444  O OE2 . GLU A 1 62  ? 19.88916  12.91603  -5.27398  1.000 64.52228  ? 62  GLU A OE2 1 
ATOM 445  N N   . ILE A 1 63  ? 19.42967  6.39779   -8.01362  1.000 46.98224  ? 63  ILE A N   1 
ATOM 446  C CA  . ILE A 1 63  ? 19.87923  5.02032   -8.19816  1.000 46.53764  ? 63  ILE A CA  1 
ATOM 447  C C   . ILE A 1 63  ? 19.74550  4.59011   -9.65161  1.000 52.09723  ? 63  ILE A C   1 
ATOM 448  O O   . ILE A 1 63  ? 20.67152  4.01787   -10.23320 1.000 50.42315  ? 63  ILE A O   1 
ATOM 449  C CB  . ILE A 1 63  ? 19.09496  4.07579   -7.26085  1.000 48.25317  ? 63  ILE A CB  1 
ATOM 450  C CG1 . ILE A 1 63  ? 19.63097  4.16205   -5.83280  1.000 54.74584  ? 63  ILE A CG1 1 
ATOM 451  C CG2 . ILE A 1 63  ? 19.16824  2.63871   -7.76128  1.000 54.85255  ? 63  ILE A CG2 1 
ATOM 452  C CD1 . ILE A 1 63  ? 20.99701  3.54536   -5.66924  1.000 48.60215  ? 63  ILE A CD1 1 
ATOM 453  N N   . LEU A 1 64  ? 18.59082  4.86252   -10.25528 1.000 59.62097  ? 64  LEU A N   1 
ATOM 454  C CA  . LEU A 1 64  ? 18.31625  4.50617   -11.63926 1.000 56.34220  ? 64  LEU A CA  1 
ATOM 455  C C   . LEU A 1 64  ? 18.45515  5.68596   -12.59223 1.000 52.92838  ? 64  LEU A C   1 
ATOM 456  O O   . LEU A 1 64  ? 18.26023  5.51580   -13.79994 1.000 46.80098  ? 64  LEU A O   1 
ATOM 457  C CB  . LEU A 1 64  ? 16.90985  3.90790   -11.75590 1.000 54.13680  ? 64  LEU A CB  1 
ATOM 458  C CG  . LEU A 1 64  ? 16.60055  2.72405   -10.83511 1.000 53.54339  ? 64  LEU A CG  1 
ATOM 459  C CD1 . LEU A 1 64  ? 15.18838  2.20869   -11.07024 1.000 54.83727  ? 64  LEU A CD1 1 
ATOM 460  C CD2 . LEU A 1 64  ? 17.61992  1.61151   -11.02467 1.000 54.71099  ? 64  LEU A CD2 1 
ATOM 461  N N   . GLY A 1 65  ? 18.78154  6.87288   -12.08182 1.000 52.82847  ? 65  GLY A N   1 
ATOM 462  C CA  . GLY A 1 65  ? 18.97294  8.04268   -12.91278 1.000 55.32840  ? 65  GLY A CA  1 
ATOM 463  C C   . GLY A 1 65  ? 17.71604  8.62505   -13.51615 1.000 51.65260  ? 65  GLY A C   1 
ATOM 464  O O   . GLY A 1 65  ? 17.80459  9.62057   -14.24458 1.000 53.02252  ? 65  GLY A O   1 
ATOM 465  N N   . LEU A 1 66  ? 16.55288  8.04422   -13.24338 1.000 48.87233  ? 66  LEU A N   1 
ATOM 466  C CA  . LEU A 1 66  ? 15.30781  8.54927   -13.79354 1.000 54.79046  ? 66  LEU A CA  1 
ATOM 467  C C   . LEU A 1 66  ? 14.84246  9.78506   -13.02869 1.000 53.92254  ? 66  LEU A C   1 
ATOM 468  O O   . LEU A 1 66  ? 15.18726  9.99894   -11.86252 1.000 47.53544  ? 66  LEU A O   1 
ATOM 469  C CB  . LEU A 1 66  ? 14.22619  7.46900   -13.75314 1.000 54.24149  ? 66  LEU A CB  1 
ATOM 470  C CG  . LEU A 1 66  ? 14.46113  6.21851   -14.60182 1.000 40.56430  ? 66  LEU A CG  1 
ATOM 471  C CD1 . LEU A 1 66  ? 13.95226  4.98516   -13.87699 1.000 46.32037  ? 66  LEU A CD1 1 
ATOM 472  C CD2 . LEU A 1 66  ? 13.77985  6.35783   -15.95144 1.000 40.28668  ? 66  LEU A CD2 1 
ATOM 473  N N   . SER A 1 67  ? 14.04878  10.60546  -13.71081 1.000 51.68263  ? 67  SER A N   1 
ATOM 474  C CA  . SER A 1 67  ? 13.46942  11.78615  -13.09333 1.000 48.00673  ? 67  SER A CA  1 
ATOM 475  C C   . SER A 1 67  ? 12.50594  11.39255  -11.97817 1.000 46.62533  ? 67  SER A C   1 
ATOM 476  O O   . SER A 1 67  ? 12.02764  10.25787  -11.90288 1.000 49.30124  ? 67  SER A O   1 
ATOM 477  C CB  . SER A 1 67  ? 12.73373  12.62629  -14.13688 1.000 43.27433  ? 67  SER A CB  1 
ATOM 478  O OG  . SER A 1 67  ? 11.92276  13.61195  -13.52188 1.000 46.96538  ? 67  SER A OG  1 
ATOM 479  N N   . VAL A 1 68  ? 12.22113  12.35402  -11.09652 1.000 43.09636  ? 68  VAL A N   1 
ATOM 480  C CA  . VAL A 1 68  ? 11.14789  12.14321  -10.13518 1.000 48.27489  ? 68  VAL A CA  1 
ATOM 481  C C   . VAL A 1 68  ? 9.79558   12.18459  -10.83113 1.000 51.18069  ? 68  VAL A C   1 
ATOM 482  O O   . VAL A 1 68  ? 8.81860   11.62216  -10.32255 1.000 56.53055  ? 68  VAL A O   1 
ATOM 483  C CB  . VAL A 1 68  ? 11.21240  13.17314  -8.99103  1.000 41.65822  ? 68  VAL A CB  1 
ATOM 484  C CG1 . VAL A 1 68  ? 10.50975  14.46262  -9.38335  1.000 41.60527  ? 68  VAL A CG1 1 
ATOM 485  C CG2 . VAL A 1 68  ? 10.60604  12.59240  -7.72362  1.000 43.18896  ? 68  VAL A CG2 1 
ATOM 486  N N   . ASP A 1 69  ? 9.71712   12.83798  -11.99349 1.000 45.26145  ? 69  ASP A N   1 
ATOM 487  C CA  . ASP A 1 69  ? 8.50356   12.78135  -12.79712 1.000 52.64417  ? 69  ASP A CA  1 
ATOM 488  C C   . ASP A 1 69  ? 8.32636   11.40922  -13.42812 1.000 54.81612  ? 69  ASP A C   1 
ATOM 489  O O   . ASP A 1 69  ? 7.19344   10.98591  -13.67855 1.000 60.15976  ? 69  ASP A O   1 
ATOM 490  C CB  . ASP A 1 69  ? 8.53984   13.86858  -13.87475 1.000 65.89201  ? 69  ASP A CB  1 
ATOM 491  C CG  . ASP A 1 69  ? 7.47212   13.67980  -14.94170 1.000 79.43197  ? 69  ASP A CG  1 
ATOM 492  O OD1 . ASP A 1 69  ? 6.27672   13.87356  -14.63479 1.000 65.68844  ? 69  ASP A OD1 1 
ATOM 493  O OD2 . ASP A 1 69  ? 7.83237   13.34430  -16.09185 1.000 85.84881  ? 69  ASP A OD2 1 
ATOM 494  N N   . GLU A 1 70  ? 9.42553   10.69732  -13.67112 1.000 54.44800  ? 70  GLU A N   1 
ATOM 495  C CA  . GLU A 1 70  ? 9.39760   9.41481   -14.35855 1.000 58.68117  ? 70  GLU A CA  1 
ATOM 496  C C   . GLU A 1 70  ? 9.37197   8.22154   -13.41331 1.000 58.42132  ? 70  GLU A C   1 
ATOM 497  O O   . GLU A 1 70  ? 9.25311   7.08482   -13.88140 1.000 69.03274  ? 70  GLU A O   1 
ATOM 498  C CB  . GLU A 1 70  ? 10.59767  9.29755   -15.30185 1.000 51.26388  ? 70  GLU A CB  1 
ATOM 499  C CG  . GLU A 1 70  ? 10.52377  10.21521  -16.51036 1.000 63.12842  ? 70  GLU A CG  1 
ATOM 500  C CD  . GLU A 1 70  ? 11.51907  9.82842   -17.58548 1.000 80.24083  ? 70  GLU A CD  1 
ATOM 501  O OE1 . GLU A 1 70  ? 12.32876  8.91233   -17.33448 1.000 59.44447  ? 70  GLU A OE1 1 
ATOM 502  O OE2 . GLU A 1 70  ? 11.49089  10.43125  -18.68024 1.000 109.50994 ? 70  GLU A OE2 1 
ATOM 503  N N   . ILE A 1 71  ? 9.48896   8.44241   -12.10510 1.000 48.17438  ? 71  ILE A N   1 
ATOM 504  C CA  . ILE A 1 71  ? 9.34311   7.35864   -11.13977 1.000 48.55457  ? 71  ILE A CA  1 
ATOM 505  C C   . ILE A 1 71  ? 7.91821   7.37996   -10.59969 1.000 60.12654  ? 71  ILE A C   1 
ATOM 506  O O   . ILE A 1 71  ? 7.34059   6.32864   -10.29809 1.000 54.93735  ? 71  ILE A O   1 
ATOM 507  C CB  . ILE A 1 71  ? 10.38560  7.46263   -10.01165 1.000 46.79060  ? 71  ILE A CB  1 
ATOM 508  C CG1 . ILE A 1 71  ? 11.79521  7.36323   -10.59535 1.000 39.79989  ? 71  ILE A CG1 1 
ATOM 509  C CG2 . ILE A 1 71  ? 10.17308  6.36759   -8.97183  1.000 42.01862  ? 71  ILE A CG2 1 
ATOM 510  C CD1 . ILE A 1 71  ? 12.88755  7.32424   -9.55298  1.000 48.00370  ? 71  ILE A CD1 1 
ATOM 511  N N   . LYS A 1 72  ? 7.33154   8.57698   -10.49349 1.000 59.01573  ? 72  LYS A N   1 
ATOM 512  C CA  . LYS A 1 72  ? 5.91929   8.67348   -10.14201 1.000 53.70939  ? 72  LYS A CA  1 
ATOM 513  C C   . LYS A 1 72  ? 5.03387   8.01785   -11.19327 1.000 54.89685  ? 72  LYS A C   1 
ATOM 514  O O   . LYS A 1 72  ? 3.88562   7.67216   -10.89492 1.000 54.83792  ? 72  LYS A O   1 
ATOM 515  C CB  . LYS A 1 72  ? 5.51286   10.13777  -9.95440  1.000 57.41936  ? 72  LYS A CB  1 
ATOM 516  C CG  . LYS A 1 72  ? 5.14068   10.83990  -11.25022 1.000 70.61376  ? 72  LYS A CG  1 
ATOM 517  C CD  . LYS A 1 72  ? 4.82311   12.30976  -11.03948 1.000 66.23165  ? 72  LYS A CD  1 
ATOM 518  C CE  . LYS A 1 72  ? 4.34111   12.94840  -12.33399 1.000 55.67004  ? 72  LYS A CE  1 
ATOM 519  N NZ  . LYS A 1 72  ? 4.26951   14.43309  -12.24461 1.000 70.21674  ? 72  LYS A NZ  1 
ATOM 520  N N   . GLU A 1 73  ? 5.54431   7.84269   -12.41671 1.000 55.19856  ? 73  GLU A N   1 
ATOM 521  C CA  . GLU A 1 73  ? 4.79864   7.12362   -13.44246 1.000 58.24190  ? 73  GLU A CA  1 
ATOM 522  C C   . GLU A 1 73  ? 4.62718   5.65661   -13.08030 1.000 64.17984  ? 73  GLU A C   1 
ATOM 523  O O   . GLU A 1 73  ? 3.59350   5.05616   -13.39555 1.000 57.25047  ? 73  GLU A O   1 
ATOM 524  C CB  . GLU A 1 73  ? 5.50880   7.23151   -14.79405 1.000 59.67350  ? 73  GLU A CB  1 
ATOM 525  C CG  . GLU A 1 73  ? 5.92055   8.63265   -15.21769 1.000 60.42391  ? 73  GLU A CG  1 
ATOM 526  C CD  . GLU A 1 73  ? 4.75968   9.48847   -15.68925 1.000 64.16503  ? 73  GLU A CD  1 
ATOM 527  O OE1 . GLU A 1 73  ? 3.85292   9.76939   -14.87706 1.000 63.13233  ? 73  GLU A OE1 1 
ATOM 528  O OE2 . GLU A 1 73  ? 4.75744   9.87974   -16.87730 1.000 59.52881  ? 73  GLU A OE2 1 
ATOM 529  N N   . LEU A 1 74  ? 5.62204   5.06942   -12.41789 1.000 58.18378  ? 74  LEU A N   1 
ATOM 530  C CA  . LEU A 1 74  ? 5.65907   3.63209   -12.18670 1.000 53.29564  ? 74  LEU A CA  1 
ATOM 531  C C   . LEU A 1 74  ? 4.97369   3.22887   -10.88763 1.000 58.23870  ? 74  LEU A C   1 
ATOM 532  O O   . LEU A 1 74  ? 4.30407   2.19127   -10.83938 1.000 60.57152  ? 74  LEU A O   1 
ATOM 533  C CB  . LEU A 1 74  ? 7.11119   3.14789   -12.17762 1.000 51.66565  ? 74  LEU A CB  1 
ATOM 534  C CG  . LEU A 1 74  ? 8.03942   3.80045   -13.20668 1.000 58.53637  ? 74  LEU A CG  1 
ATOM 535  C CD1 . LEU A 1 74  ? 9.46210   3.28897   -13.05664 1.000 59.59730  ? 74  LEU A CD1 1 
ATOM 536  C CD2 . LEU A 1 74  ? 7.53981   3.57248   -14.62342 1.000 60.92729  ? 74  LEU A CD2 1 
ATOM 537  N N   . ILE A 1 75  ? 5.12680   4.02794   -9.83348  1.000 62.82589  ? 75  ILE A N   1 
ATOM 538  C CA  . ILE A 1 75  ? 4.59272   3.66612   -8.52472  1.000 64.72051  ? 75  ILE A CA  1 
ATOM 539  C C   . ILE A 1 75  ? 3.07441   3.80231   -8.54395  1.000 50.53637  ? 75  ILE A C   1 
ATOM 540  O O   . ILE A 1 75  ? 2.53272   4.87289   -8.84249  1.000 42.64531  ? 75  ILE A O   1 
ATOM 541  C CB  . ILE A 1 75  ? 5.22540   4.52445   -7.42154  1.000 54.36587  ? 75  ILE A CB  1 
ATOM 542  C CG1 . ILE A 1 75  ? 5.22702   6.00008   -7.82527  1.000 51.01661  ? 75  ILE A CG1 1 
ATOM 543  C CG2 . ILE A 1 75  ? 6.64486   4.05454   -7.13463  1.000 42.12155  ? 75  ILE A CG2 1 
ATOM 544  C CD1 . ILE A 1 75  ? 5.90751   6.90914   -6.83088  1.000 54.83321  ? 75  ILE A CD1 1 
ATOM 545  N N   . GLY A 1 76  ? 2.38021   2.71134   -8.22780  1.000 49.11301  ? 76  GLY A N   1 
ATOM 546  C CA  . GLY A 1 76  ? 0.93024   2.70433   -8.24145  1.000 62.72257  ? 76  GLY A CA  1 
ATOM 547  C C   . GLY A 1 76  ? 0.31906   2.34335   -6.90328  1.000 59.84833  ? 76  GLY A C   1 
ATOM 548  O O   . GLY A 1 76  ? 0.94864   2.53048   -5.86004  1.000 56.44355  ? 76  GLY A O   1 
ATOM 549  N N   . ARG A 1 77  ? -0.91003  1.82177   -6.91470  1.000 56.71200  ? 77  ARG A N   1 
ATOM 550  C CA  . ARG A 1 77  ? -1.56618  1.45557   -5.66472  1.000 54.14887  ? 77  ARG A CA  1 
ATOM 551  C C   . ARG A 1 77  ? -0.93025  0.23714   -5.00972  1.000 57.98576  ? 77  ARG A C   1 
ATOM 552  O O   . ARG A 1 77  ? -1.15806  0.00295   -3.81801  1.000 55.49866  ? 77  ARG A O   1 
ATOM 553  C CB  . ARG A 1 77  ? -3.05240  1.18220   -5.89996  1.000 61.76320  ? 77  ARG A CB  1 
ATOM 554  C CG  . ARG A 1 77  ? -3.33124  -0.17723  -6.52246  1.000 57.80339  ? 77  ARG A CG  1 
ATOM 555  C CD  . ARG A 1 77  ? -4.78800  -0.58374  -6.37201  1.000 48.64132  ? 77  ARG A CD  1 
ATOM 556  N NE  . ARG A 1 77  ? -5.67809  0.21378   -7.20781  1.000 66.07957  ? 77  ARG A NE  1 
ATOM 557  C CZ  . ARG A 1 77  ? -6.45171  1.19367   -6.76046  1.000 62.02022  ? 77  ARG A CZ  1 
ATOM 558  N NH1 . ARG A 1 77  ? -6.47889  1.52244   -5.47938  1.000 65.38053  ? 77  ARG A NH1 1 
ATOM 559  N NH2 . ARG A 1 77  ? -7.22046  1.85775   -7.61974  1.000 47.56488  ? 77  ARG A NH2 1 
ATOM 560  N N   . ARG A 1 78  ? -0.14692  -0.54295  -5.75898  1.000 70.38548  ? 78  ARG A N   1 
ATOM 561  C CA  . ARG A 1 78  ? 0.43129   -1.76531  -5.20880  1.000 70.86418  ? 78  ARG A CA  1 
ATOM 562  C C   . ARG A 1 78  ? 1.39542   -1.45666  -4.07066  1.000 59.76503  ? 78  ARG A C   1 
ATOM 563  O O   . ARG A 1 78  ? 1.32690   -2.07065  -2.99977  1.000 53.75165  ? 78  ARG A O   1 
ATOM 564  C CB  . ARG A 1 78  ? 1.13419   -2.55777  -6.31148  1.000 71.18570  ? 78  ARG A CB  1 
ATOM 565  C CG  . ARG A 1 78  ? 0.24253   -3.56244  -7.02331  1.000 62.27778  ? 78  ARG A CG  1 
ATOM 566  C CD  . ARG A 1 78  ? 1.05927   -4.75517  -7.48824  1.000 66.85108  ? 78  ARG A CD  1 
ATOM 567  N NE  . ARG A 1 78  ? 2.09177   -5.09145  -6.51457  1.000 65.25348  ? 78  ARG A NE  1 
ATOM 568  C CZ  . ARG A 1 78  ? 1.90106   -5.85587  -5.44784  1.000 61.25818  ? 78  ARG A CZ  1 
ATOM 569  N NH1 . ARG A 1 78  ? 0.72833   -6.41502  -5.19726  1.000 79.10816  ? 78  ARG A NH1 1 
ATOM 570  N NH2 . ARG A 1 78  ? 2.91254   -6.06334  -4.61016  1.000 43.25711  ? 78  ARG A NH2 1 
ATOM 571  N N   . GLU A 1 79  ? 2.30615   -0.50481  -4.28538  1.000 65.80419  ? 79  GLU A N   1 
ATOM 572  C CA  . GLU A 1 79  ? 3.23745   -0.13254  -3.22709  1.000 61.14101  ? 79  GLU A CA  1 
ATOM 573  C C   . GLU A 1 79  ? 2.52502   0.55528   -2.06982  1.000 56.26489  ? 79  GLU A C   1 
ATOM 574  O O   . GLU A 1 79  ? 3.01872   0.52712   -0.93714  1.000 59.04626  ? 79  GLU A O   1 
ATOM 575  C CB  . GLU A 1 79  ? 4.34605   0.76011   -3.79059  1.000 65.77215  ? 79  GLU A CB  1 
ATOM 576  C CG  . GLU A 1 79  ? 3.86034   1.91754   -4.65372  1.000 66.62791  ? 79  GLU A CG  1 
ATOM 577  C CD  . GLU A 1 79  ? 3.37111   3.10377   -3.84096  1.000 75.91447  ? 79  GLU A CD  1 
ATOM 578  O OE1 . GLU A 1 79  ? 3.67689   3.17504   -2.63059  1.000 67.27766  ? 79  GLU A OE1 1 
ATOM 579  O OE2 . GLU A 1 79  ? 2.68429   3.97415   -4.41579  1.000 77.23037  ? 79  GLU A OE2 1 
ATOM 580  N N   . VAL A 1 80  ? 1.37530   1.18145   -2.33156  1.000 55.97823  ? 80  VAL A N   1 
ATOM 581  C CA  . VAL A 1 80  ? 0.61145   1.80490   -1.25464  1.000 60.21195  ? 80  VAL A CA  1 
ATOM 582  C C   . VAL A 1 80  ? 0.16166   0.75362   -0.24936  1.000 58.84228  ? 80  VAL A C   1 
ATOM 583  O O   . VAL A 1 80  ? 0.21256   0.97352   0.96634   1.000 64.08377  ? 80  VAL A O   1 
ATOM 584  C CB  . VAL A 1 80  ? -0.58213  2.59181   -1.82823  1.000 66.41865  ? 80  VAL A CB  1 
ATOM 585  C CG1 . VAL A 1 80  ? -1.43668  3.16323   -0.70538  1.000 64.16829  ? 80  VAL A CG1 1 
ATOM 586  C CG2 . VAL A 1 80  ? -0.09292  3.70226   -2.73956  1.000 62.22110  ? 80  VAL A CG2 1 
ATOM 587  N N   . ARG A 1 81  ? -0.27424  -0.40954  -0.73821  1.000 55.38608  ? 81  ARG A N   1 
ATOM 588  C CA  . ARG A 1 81  ? -0.66147  -1.48785  0.16491   1.000 53.86364  ? 81  ARG A CA  1 
ATOM 589  C C   . ARG A 1 81  ? 0.54260   -2.02668  0.92953   1.000 52.00740  ? 81  ARG A C   1 
ATOM 590  O O   . ARG A 1 81  ? 0.45494   -2.27713  2.13700   1.000 51.69007  ? 81  ARG A O   1 
ATOM 591  C CB  . ARG A 1 81  ? -1.35329  -2.60685  -0.61730  1.000 63.30985  ? 81  ARG A CB  1 
ATOM 592  C CG  . ARG A 1 81  ? -2.68181  -2.19867  -1.24655  1.000 63.72922  ? 81  ARG A CG  1 
ATOM 593  C CD  . ARG A 1 81  ? -3.51041  -3.41108  -1.65892  1.000 63.11504  ? 81  ARG A CD  1 
ATOM 594  N NE  . ARG A 1 81  ? -3.12289  -3.95247  -2.95713  1.000 73.34637  ? 81  ARG A NE  1 
ATOM 595  C CZ  . ARG A 1 81  ? -3.79768  -3.75728  -4.08277  1.000 69.89730  ? 81  ARG A CZ  1 
ATOM 596  N NH1 . ARG A 1 81  ? -4.90372  -3.03130  -4.10966  1.000 67.07684  ? 81  ARG A NH1 1 
ATOM 597  N NH2 . ARG A 1 81  ? -3.35472  -4.30882  -5.20900  1.000 66.74028  ? 81  ARG A NH2 1 
ATOM 598  N N   . GLU A 1 82  ? 1.67911   -2.19280  0.24743   1.000 55.95585  ? 82  GLU A N   1 
ATOM 599  C CA  . GLU A 1 82  ? 2.86889   -2.74259  0.89270   1.000 52.87678  ? 82  GLU A CA  1 
ATOM 600  C C   . GLU A 1 82  ? 3.35654   -1.83741  2.01851   1.000 52.35293  ? 82  GLU A C   1 
ATOM 601  O O   . GLU A 1 82  ? 3.63733   -2.30278  3.12931   1.000 50.43673  ? 82  GLU A O   1 
ATOM 602  C CB  . GLU A 1 82  ? 3.97456   -2.94946  -0.14343  1.000 43.46009  ? 82  GLU A CB  1 
ATOM 603  C CG  . GLU A 1 82  ? 3.54843   -3.74676  -1.36246  1.000 49.99965  ? 82  GLU A CG  1 
ATOM 604  C CD  . GLU A 1 82  ? 4.53928   -3.63688  -2.50510  1.000 59.14163  ? 82  GLU A CD  1 
ATOM 605  O OE1 . GLU A 1 82  ? 5.69829   -3.24206  -2.25424  1.000 52.10749  ? 82  GLU A OE1 1 
ATOM 606  O OE2 . GLU A 1 82  ? 4.15535   -3.93919  -3.65558  1.000 62.06086  ? 82  GLU A OE2 1 
ATOM 607  N N   . LEU A 1 83  ? 3.47055   -0.53553  1.74572   1.000 53.02168  ? 83  LEU A N   1 
ATOM 608  C CA  . LEU A 1 83  ? 3.95890   0.38948   2.76267   1.000 42.86896  ? 83  LEU A CA  1 
ATOM 609  C C   . LEU A 1 83  ? 2.95423   0.54439   3.89749   1.000 50.32540  ? 83  LEU A C   1 
ATOM 610  O O   . LEU A 1 83  ? 3.34272   0.60830   5.06911   1.000 68.95537  ? 83  LEU A O   1 
ATOM 611  C CB  . LEU A 1 83  ? 4.28031   1.74361   2.13087   1.000 42.91799  ? 83  LEU A CB  1 
ATOM 612  C CG  . LEU A 1 83  ? 5.37549   1.72406   1.06207   1.000 43.70961  ? 83  LEU A CG  1 
ATOM 613  C CD1 . LEU A 1 83  ? 5.60531   3.11228   0.48948   1.000 42.46287  ? 83  LEU A CD1 1 
ATOM 614  C CD2 . LEU A 1 83  ? 6.66623   1.15463   1.62648   1.000 43.93947  ? 83  LEU A CD2 1 
ATOM 615  N N   . ILE A 1 84  ? 1.65899   0.60304   3.57416   1.000 43.39149  ? 84  ILE A N   1 
ATOM 616  C CA  . ILE A 1 84  ? 0.63829   0.64167   4.61869   1.000 43.79453  ? 84  ILE A CA  1 
ATOM 617  C C   . ILE A 1 84  ? 0.72006   -0.60692  5.48660   1.000 45.57398  ? 84  ILE A C   1 
ATOM 618  O O   . ILE A 1 84  ? 0.45757   -0.55426  6.69594   1.000 46.54730  ? 84  ILE A O   1 
ATOM 619  C CB  . ILE A 1 84  ? -0.76123  0.81991   3.98959   1.000 47.99143  ? 84  ILE A CB  1 
ATOM 620  C CG1 . ILE A 1 84  ? -0.98539  2.27941   3.58918   1.000 41.66682  ? 84  ILE A CG1 1 
ATOM 621  C CG2 . ILE A 1 84  ? -1.86294  0.35892   4.93405   1.000 55.50343  ? 84  ILE A CG2 1 
ATOM 622  C CD1 . ILE A 1 84  ? -2.30757  2.53164   2.90521   1.000 43.83479  ? 84  ILE A CD1 1 
ATOM 623  N N   . GLU A 1 85  ? 1.12022   -1.73660  4.89734   1.000 44.14231  ? 85  GLU A N   1 
ATOM 624  C CA  . GLU A 1 85  ? 1.23346   -2.98361  5.64827   1.000 52.56449  ? 85  GLU A CA  1 
ATOM 625  C C   . GLU A 1 85  ? 2.34953   -2.91178  6.68384   1.000 55.85628  ? 85  GLU A C   1 
ATOM 626  O O   . GLU A 1 85  ? 2.12320   -3.17138  7.87041   1.000 67.44793  ? 85  GLU A O   1 
ATOM 627  C CB  . GLU A 1 85  ? 1.46404   -4.15372  4.69003   1.000 52.73893  ? 85  GLU A CB  1 
ATOM 628  C CG  . GLU A 1 85  ? 0.18618   -4.82488  4.22608   1.000 51.15657  ? 85  GLU A CG  1 
ATOM 629  C CD  . GLU A 1 85  ? 0.18401   -5.12091  2.74175   1.000 46.44466  ? 85  GLU A CD  1 
ATOM 630  O OE1 . GLU A 1 85  ? 1.26089   -5.42575  2.18715   1.000 48.50125  ? 85  GLU A OE1 1 
ATOM 631  O OE2 . GLU A 1 85  ? -0.89714  -5.02886  2.12639   1.000 41.86289  ? 85  GLU A OE2 1 
ATOM 632  N N   . GLU A 1 86  ? 3.56520   -2.56530  6.24954   1.000 44.64878  ? 86  GLU A N   1 
ATOM 633  C CA  . GLU A 1 86  ? 4.74173   -2.55388  7.11614   1.000 44.08408  ? 86  GLU A CA  1 
ATOM 634  C C   . GLU A 1 86  ? 4.48797   -1.81881  8.42599   1.000 54.51515  ? 86  GLU A C   1 
ATOM 635  O O   . GLU A 1 86  ? 4.28607   -2.44467  9.47091   1.000 50.20354  ? 86  GLU A O   1 
ATOM 636  C CB  . GLU A 1 86  ? 5.93089   -1.91069  6.40018   1.000 42.25033  ? 86  GLU A CB  1 
ATOM 637  C CG  . GLU A 1 86  ? 6.41073   -2.65224  5.16967   1.000 66.27562  ? 86  GLU A CG  1 
ATOM 638  C CD  . GLU A 1 86  ? 7.65383   -2.02278  4.56601   1.000 80.55826  ? 86  GLU A CD  1 
ATOM 639  O OE1 . GLU A 1 86  ? 8.27717   -1.17240  5.23775   1.000 70.00858  ? 86  GLU A OE1 1 
ATOM 640  O OE2 . GLU A 1 86  ? 8.00617   -2.37556  3.41967   1.000 74.59494  ? 86  GLU A OE2 1 
ATOM 641  N N   . GLY A 1 87  ? 4.49846   -0.49265  8.37706   1.000 49.30494  ? 87  GLY A N   1 
ATOM 642  C CA  . GLY A 1 87  ? 4.27746   0.31344   9.55836   1.000 43.55887  ? 87  GLY A CA  1 
ATOM 643  C C   . GLY A 1 87  ? 4.11058   1.76881   9.18838   1.000 48.21304  ? 87  GLY A C   1 
ATOM 644  O O   . GLY A 1 87  ? 3.92371   2.62986   10.05307  1.000 66.40511  ? 87  GLY A O   1 
ATOM 645  N N   . LYS A 1 88  ? 4.17610   2.04721   7.89085   1.000 40.95080  ? 88  LYS A N   1 
ATOM 646  C CA  . LYS A 1 88  ? 4.04536   3.40717   7.40033   1.000 53.32264  ? 88  LYS A CA  1 
ATOM 647  C C   . LYS A 1 88  ? 2.61324   3.90586   7.57641   1.000 61.42266  ? 88  LYS A C   1 
ATOM 648  O O   . LYS A 1 88  ? 1.65988   3.12784   7.67223   1.000 65.06418  ? 88  LYS A O   1 
ATOM 649  C CB  . LYS A 1 88  ? 4.46083   3.47998   5.93367   1.000 45.87797  ? 88  LYS A CB  1 
ATOM 650  C CG  . LYS A 1 88  ? 5.81965   2.86470   5.65696   1.000 59.41922  ? 88  LYS A CG  1 
ATOM 651  C CD  . LYS A 1 88  ? 6.89617   3.51505   6.50763   1.000 57.35835  ? 88  LYS A CD  1 
ATOM 652  C CE  . LYS A 1 88  ? 8.25948   2.92057   6.21178   1.000 54.51883  ? 88  LYS A CE  1 
ATOM 653  N NZ  . LYS A 1 88  ? 9.27639   3.98560   6.01499   1.000 57.26630  ? 88  LYS A NZ  1 
ATOM 654  N N   . THR A 1 89  ? 2.47148   5.23068   7.62178   1.000 57.67878  ? 89  THR A N   1 
ATOM 655  C CA  . THR A 1 89  ? 1.18365   5.84829   7.91402   1.000 52.67031  ? 89  THR A CA  1 
ATOM 656  C C   . THR A 1 89  ? 0.77548   6.84101   6.83195   1.000 53.99765  ? 89  THR A C   1 
ATOM 657  O O   . THR A 1 89  ? 1.00798   6.60628   5.64184   1.000 55.66252  ? 89  THR A O   1 
ATOM 658  C CB  . THR A 1 89  ? 1.22941   6.55092   9.27191   1.000 58.18562  ? 89  THR A CB  1 
ATOM 659  O OG1 . THR A 1 89  ? 2.17704   7.62400   9.21968   1.000 62.16866  ? 89  THR A OG1 1 
ATOM 660  C CG2 . THR A 1 89  ? 1.63996   5.57476   10.36645  1.000 66.24855  ? 89  THR A CG2 1 
ATOM 661  N N   . ALA A 1 90  ? 0.16479   7.95350   7.24168   1.000 56.20897  ? 90  ALA A N   1 
ATOM 662  C CA  . ALA A 1 90  ? -0.31255  8.97062   6.31235   1.000 57.09043  ? 90  ALA A CA  1 
ATOM 663  C C   . ALA A 1 90  ? 0.84534   9.72559   5.67402   1.000 57.57955  ? 90  ALA A C   1 
ATOM 664  O O   . ALA A 1 90  ? 1.28657   9.38304   4.57187   1.000 55.95959  ? 90  ALA A O   1 
ATOM 665  C CB  . ALA A 1 90  ? -1.24782  9.94808   7.02761   1.000 57.92569  ? 90  ALA A CB  1 
ATOM 666  N N   . GLU A 1 91  ? 1.33704   10.75961  6.36207   1.000 49.35520  ? 91  GLU A N   1 
ATOM 667  C CA  . GLU A 1 91  ? 2.45761   11.54293  5.85411   1.000 52.68188  ? 91  GLU A CA  1 
ATOM 668  C C   . GLU A 1 91  ? 3.71616   10.70751  5.66898   1.000 55.74840  ? 91  GLU A C   1 
ATOM 669  O O   . GLU A 1 91  ? 4.57825   11.08031  4.86644   1.000 57.54337  ? 91  GLU A O   1 
ATOM 670  C CB  . GLU A 1 91  ? 2.74213   12.71206  6.79828   1.000 47.92893  ? 91  GLU A CB  1 
ATOM 671  C CG  . GLU A 1 91  ? 2.27186   14.06403  6.28635   1.000 51.34185  ? 91  GLU A CG  1 
ATOM 672  C CD  . GLU A 1 91  ? 3.25378   14.68962  5.31497   1.000 66.98309  ? 91  GLU A CD  1 
ATOM 673  O OE1 . GLU A 1 91  ? 4.47534   14.60442  5.56572   1.000 65.17602  ? 91  GLU A OE1 1 
ATOM 674  O OE2 . GLU A 1 91  ? 2.80505   15.26388  4.30024   1.000 75.64977  ? 91  GLU A OE2 1 
ATOM 675  N N   . GLU A 1 92  ? 3.83645   9.58777   6.38534   1.000 47.57550  ? 92  GLU A N   1 
ATOM 676  C CA  . GLU A 1 92  ? 5.02681   8.75135   6.27153   1.000 51.31630  ? 92  GLU A CA  1 
ATOM 677  C C   . GLU A 1 92  ? 5.24005   8.28725   4.83555   1.000 55.69794  ? 92  GLU A C   1 
ATOM 678  O O   . GLU A 1 92  ? 6.34659   8.39146   4.29489   1.000 62.98123  ? 92  GLU A O   1 
ATOM 679  C CB  . GLU A 1 92  ? 4.91045   7.55529   7.21594   1.000 47.11605  ? 92  GLU A CB  1 
ATOM 680  C CG  . GLU A 1 92  ? 5.93039   7.54649   8.33982   1.000 55.82305  ? 92  GLU A CG  1 
ATOM 681  C CD  . GLU A 1 92  ? 5.34087   7.06873   9.65168   1.000 60.72807  ? 92  GLU A CD  1 
ATOM 682  O OE1 . GLU A 1 92  ? 4.25010   7.55072   10.02016  1.000 60.42565  ? 92  GLU A OE1 1 
ATOM 683  O OE2 . GLU A 1 92  ? 5.96272   6.21033   10.31234  1.000 69.36410  ? 92  GLU A OE2 1 
ATOM 684  N N   . ILE A 1 93  ? 4.18488   7.77710   4.19855   1.000 48.89173  ? 93  ILE A N   1 
ATOM 685  C CA  . ILE A 1 93  ? 4.30699   7.28790   2.82893   1.000 41.48277  ? 93  ILE A CA  1 
ATOM 686  C C   . ILE A 1 93  ? 4.52701   8.44246   1.86212   1.000 43.99814  ? 93  ILE A C   1 
ATOM 687  O O   . ILE A 1 93  ? 5.32788   8.34082   0.92469   1.000 46.93480  ? 93  ILE A O   1 
ATOM 688  C CB  . ILE A 1 93  ? 3.06367   6.46415   2.45196   1.000 40.81655  ? 93  ILE A CB  1 
ATOM 689  C CG1 . ILE A 1 93  ? 3.07515   5.13020   3.19299   1.000 46.95895  ? 93  ILE A CG1 1 
ATOM 690  C CG2 . ILE A 1 93  ? 2.98569   6.25510   0.94791   1.000 52.10217  ? 93  ILE A CG2 1 
ATOM 691  C CD1 . ILE A 1 93  ? 1.83739   4.30981   2.97899   1.000 53.16534  ? 93  ILE A CD1 1 
ATOM 692  N N   . ALA A 1 94  ? 3.82335   9.55753   2.07550   1.000 52.81104  ? 94  ALA A N   1 
ATOM 693  C CA  . ALA A 1 94  ? 3.90105   10.68327  1.15047   1.000 50.29739  ? 94  ALA A CA  1 
ATOM 694  C C   . ALA A 1 94  ? 5.32174   11.21922  1.02406   1.000 58.00964  ? 94  ALA A C   1 
ATOM 695  O O   . ALA A 1 94  ? 5.71700   11.67835  -0.05375  1.000 57.70273  ? 94  ALA A O   1 
ATOM 696  C CB  . ALA A 1 94  ? 2.95015   11.79261  1.60010   1.000 50.28257  ? 94  ALA A CB  1 
ATOM 697  N N   . GLU A 1 95  ? 6.10445   11.17082  2.10416   1.000 58.00970  ? 95  GLU A N   1 
ATOM 698  C CA  . GLU A 1 95  ? 7.48552   11.63353  2.02963   1.000 52.21712  ? 95  GLU A CA  1 
ATOM 699  C C   . GLU A 1 95  ? 8.38558   10.63302  1.31632   1.000 48.90337  ? 95  GLU A C   1 
ATOM 700  O O   . GLU A 1 95  ? 9.34598   11.03699  0.65105   1.000 55.76843  ? 95  GLU A O   1 
ATOM 701  C CB  . GLU A 1 95  ? 8.02867   11.91173  3.43083   1.000 56.31864  ? 95  GLU A CB  1 
ATOM 702  C CG  . GLU A 1 95  ? 7.14837   12.80901  4.27773   1.000 70.27499  ? 95  GLU A CG  1 
ATOM 703  C CD  . GLU A 1 95  ? 7.68850   12.98237  5.68210   1.000 79.46078  ? 95  GLU A CD  1 
ATOM 704  O OE1 . GLU A 1 95  ? 8.50810   13.90145  5.89642   1.000 84.72538  ? 95  GLU A OE1 1 
ATOM 705  O OE2 . GLU A 1 95  ? 7.30433   12.18834  6.56784   1.000 77.99134  ? 95  GLU A OE2 1 
ATOM 706  N N   . ILE A 1 96  ? 8.09657   9.33520   1.44297   1.000 47.79434  ? 96  ILE A N   1 
ATOM 707  C CA  . ILE A 1 96  ? 8.92528   8.32177   0.79830   1.000 51.14713  ? 96  ILE A CA  1 
ATOM 708  C C   . ILE A 1 96  ? 8.81455   8.41827   -0.71568  1.000 50.91773  ? 96  ILE A C   1 
ATOM 709  O O   . ILE A 1 96  ? 9.77648   8.12515   -1.43570  1.000 55.97828  ? 96  ILE A O   1 
ATOM 710  C CB  . ILE A 1 96  ? 8.53700   6.91821   1.30204   1.000 46.17610  ? 96  ILE A CB  1 
ATOM 711  C CG1 . ILE A 1 96  ? 8.63192   6.86017   2.82458   1.000 56.70714  ? 96  ILE A CG1 1 
ATOM 712  C CG2 . ILE A 1 96  ? 9.42384   5.84968   0.67838   1.000 44.83973  ? 96  ILE A CG2 1 
ATOM 713  C CD1 . ILE A 1 96  ? 9.96312   7.31919   3.34888   1.000 53.93006  ? 96  ILE A CD1 1 
ATOM 714  N N   . LEU A 1 97  ? 7.66034   8.84730   -1.22368  1.000 46.22282  ? 97  LEU A N   1 
ATOM 715  C CA  . LEU A 1 97  ? 7.38150   8.84450   -2.65267  1.000 51.83316  ? 97  LEU A CA  1 
ATOM 716  C C   . LEU A 1 97  ? 7.30642   10.24409  -3.24706  1.000 64.09716  ? 97  LEU A C   1 
ATOM 717  O O   . LEU A 1 97  ? 7.02570   10.38221  -4.44308  1.000 74.75721  ? 97  LEU A O   1 
ATOM 718  C CB  . LEU A 1 97  ? 6.07855   8.09493   -2.93199  1.000 49.94354  ? 97  LEU A CB  1 
ATOM 719  C CG  . LEU A 1 97  ? 6.09135   6.56915   -3.02791  1.000 48.50716  ? 97  LEU A CG  1 
ATOM 720  C CD1 . LEU A 1 97  ? 6.53772   5.89388   -1.74160  1.000 46.99477  ? 97  LEU A CD1 1 
ATOM 721  C CD2 . LEU A 1 97  ? 4.70068   6.13098   -3.39567  1.000 50.73642  ? 97  LEU A CD2 1 
ATOM 722  N N   . GLY A 1 98  ? 7.53794   11.28297  -2.44735  1.000 63.38842  ? 98  GLY A N   1 
ATOM 723  C CA  . GLY A 1 98  ? 7.50343   12.64285  -2.95006  1.000 64.20438  ? 98  GLY A CA  1 
ATOM 724  C C   . GLY A 1 98  ? 6.11077   13.11627  -3.30238  1.000 63.71430  ? 98  GLY A C   1 
ATOM 725  O O   . GLY A 1 98  ? 5.92205   14.25558  -3.73901  1.000 80.22561  ? 98  GLY A O   1 
ATOM 726  N N   . LEU A 1 99  ? 5.12828   12.24461  -3.12129  1.000 58.30028  ? 99  LEU A N   1 
ATOM 727  C CA  . LEU A 1 99  ? 3.75103   12.59704  -3.39891  1.000 69.21927  ? 99  LEU A CA  1 
ATOM 728  C C   . LEU A 1 99  ? 3.15221   13.35392  -2.21962  1.000 66.35687  ? 99  LEU A C   1 
ATOM 729  O O   . LEU A 1 99  ? 3.66869   13.32797  -1.09969  1.000 61.80396  ? 99  LEU A O   1 
ATOM 730  C CB  . LEU A 1 99  ? 2.92499   11.34318  -3.69026  1.000 67.27014  ? 99  LEU A CB  1 
ATOM 731  C CG  . LEU A 1 99  ? 3.20988   10.54139  -4.96403  1.000 53.23055  ? 99  LEU A CG  1 
ATOM 732  C CD1 . LEU A 1 99  ? 2.41276   9.24750   -4.94142  1.000 43.79464  ? 99  LEU A CD1 1 
ATOM 733  C CD2 . LEU A 1 99  ? 2.88353   11.34024  -6.22051  1.000 66.81980  ? 99  LEU A CD2 1 
ATOM 734  N N   . SER A 1 100 ? 2.04877   14.04063  -2.48760  1.000 57.94430  ? 100 SER A N   1 
ATOM 735  C CA  . SER A 1 100 ? 1.27583   14.62416  -1.40897  1.000 56.26568  ? 100 SER A CA  1 
ATOM 736  C C   . SER A 1 100 ? 0.47802   13.53320  -0.70169  1.000 55.95151  ? 100 SER A C   1 
ATOM 737  O O   . SER A 1 100 ? 0.28895   12.42947  -1.22156  1.000 60.78095  ? 100 SER A O   1 
ATOM 738  C CB  . SER A 1 100 ? 0.34040   15.70729  -1.94632  1.000 61.23092  ? 100 SER A CB  1 
ATOM 739  O OG  . SER A 1 100 ? -0.69584  15.14637  -2.73486  1.000 51.62172  ? 100 SER A OG  1 
ATOM 740  N N   . VAL A 1 101 ? 0.01138   13.84902  0.50791   1.000 55.43649  ? 101 VAL A N   1 
ATOM 741  C CA  . VAL A 1 101 ? -0.86117  12.91261  1.20774   1.000 53.45548  ? 101 VAL A CA  1 
ATOM 742  C C   . VAL A 1 101 ? -2.14227  12.69451  0.41982   1.000 63.13688  ? 101 VAL A C   1 
ATOM 743  O O   . VAL A 1 101 ? -2.69203  11.58651  0.40724   1.000 66.02490  ? 101 VAL A O   1 
ATOM 744  C CB  . VAL A 1 101 ? -1.15535  13.40756  2.63583   1.000 49.09540  ? 101 VAL A CB  1 
ATOM 745  C CG1 . VAL A 1 101 ? 0.03393   13.14423  3.53774   1.000 56.76975  ? 101 VAL A CG1 1 
ATOM 746  C CG2 . VAL A 1 101 ? -1.49852  14.88755  2.62067   1.000 67.09988  ? 101 VAL A CG2 1 
ATOM 747  N N   . ASP A 1 102 ? -2.63002  13.73596  -0.25984  1.000 58.75362  ? 102 ASP A N   1 
ATOM 748  C CA  . ASP A 1 102 ? -3.84324  13.59880  -1.05719  1.000 54.88051  ? 102 ASP A CA  1 
ATOM 749  C C   . ASP A 1 102 ? -3.65789  12.57432  -2.16692  1.000 49.61641  ? 102 ASP A C   1 
ATOM 750  O O   . ASP A 1 102 ? -4.55853  11.77200  -2.43480  1.000 51.58381  ? 102 ASP A O   1 
ATOM 751  C CB  . ASP A 1 102 ? -4.24613  14.95414  -1.63533  1.000 63.92401  ? 102 ASP A CB  1 
ATOM 752  C CG  . ASP A 1 102 ? -4.41670  16.01305  -0.56600  1.000 83.52127  ? 102 ASP A CG  1 
ATOM 753  O OD1 . ASP A 1 102 ? -3.39256  16.47520  -0.02072  1.000 79.29569  ? 102 ASP A OD1 1 
ATOM 754  O OD2 . ASP A 1 102 ? -5.57294  16.38016  -0.26772  1.000 109.08271 ? 102 ASP A OD2 1 
ATOM 755  N N   . GLU A 1 103 ? -2.49158  12.57940  -2.81859  1.000 54.35023  ? 103 GLU A N   1 
ATOM 756  C CA  . GLU A 1 103 ? -2.21446  11.56956  -3.83452  1.000 62.00744  ? 103 GLU A CA  1 
ATOM 757  C C   . GLU A 1 103 ? -2.30073  10.16462  -3.25561  1.000 59.68444  ? 103 GLU A C   1 
ATOM 758  O O   . GLU A 1 103 ? -2.70292  9.22884   -3.95590  1.000 61.83860  ? 103 GLU A O   1 
ATOM 759  C CB  . GLU A 1 103 ? -0.83887  11.81042  -4.45952  1.000 62.40094  ? 103 GLU A CB  1 
ATOM 760  C CG  . GLU A 1 103 ? -0.72572  13.12444  -5.22182  1.000 59.35296  ? 103 GLU A CG  1 
ATOM 761  C CD  . GLU A 1 103 ? -1.60522  13.16416  -6.45967  1.000 67.90949  ? 103 GLU A CD  1 
ATOM 762  O OE1 . GLU A 1 103 ? -1.29310  12.45035  -7.43737  1.000 65.73890  ? 103 GLU A OE1 1 
ATOM 763  O OE2 . GLU A 1 103 ? -2.61307  13.90367  -6.45159  1.000 64.44312  ? 103 GLU A OE2 1 
ATOM 764  N N   . ILE A 1 104 ? -1.94103  9.99865   -1.98038  1.000 50.38780  ? 104 ILE A N   1 
ATOM 765  C CA  . ILE A 1 104 ? -2.12871  8.70797   -1.32864  1.000 53.89280  ? 104 ILE A CA  1 
ATOM 766  C C   . ILE A 1 104 ? -3.60215  8.48408   -1.01214  1.000 61.22436  ? 104 ILE A C   1 
ATOM 767  O O   . ILE A 1 104 ? -4.08558  7.34529   -1.04549  1.000 62.85373  ? 104 ILE A O   1 
ATOM 768  C CB  . ILE A 1 104 ? -1.25256  8.60911   -0.06687  1.000 48.19475  ? 104 ILE A CB  1 
ATOM 769  C CG1 . ILE A 1 104 ? 0.13626   9.18888   -0.33757  1.000 48.49250  ? 104 ILE A CG1 1 
ATOM 770  C CG2 . ILE A 1 104 ? -1.12710  7.16189   0.38104   1.000 48.74912  ? 104 ILE A CG2 1 
ATOM 771  C CD1 . ILE A 1 104 ? 0.91501   8.44503   -1.39799  1.000 45.31491  ? 104 ILE A CD1 1 
ATOM 772  N N   . LYS A 1 105 ? -4.34154  9.55485   -0.70457  1.000 54.32451  ? 105 LYS A N   1 
ATOM 773  C CA  . LYS A 1 105 ? -5.78995  9.43283   -0.57041  1.000 58.50339  ? 105 LYS A CA  1 
ATOM 774  C C   . LYS A 1 105 ? -6.43920  9.07606   -1.90036  1.000 56.80960  ? 105 LYS A C   1 
ATOM 775  O O   . LYS A 1 105 ? -7.43445  8.34349   -1.92744  1.000 49.64611  ? 105 LYS A O   1 
ATOM 776  C CB  . LYS A 1 105 ? -6.38961  10.73075  -0.03036  1.000 58.35491  ? 105 LYS A CB  1 
ATOM 777  C CG  . LYS A 1 105 ? -5.66940  11.31251  1.17287   1.000 59.18550  ? 105 LYS A CG  1 
ATOM 778  C CD  . LYS A 1 105 ? -5.82123  10.44138  2.40125   1.000 62.54294  ? 105 LYS A CD  1 
ATOM 779  C CE  . LYS A 1 105 ? -4.84868  10.87366  3.48844   1.000 64.68995  ? 105 LYS A CE  1 
ATOM 780  N NZ  . LYS A 1 105 ? -4.88239  12.34411  3.72919   1.000 63.84934  ? 105 LYS A NZ  1 
ATOM 781  N N   . GLU A 1 106 ? -5.89511  9.58043   -3.00728  1.000 54.03385  ? 106 GLU A N   1 
ATOM 782  C CA  . GLU A 1 106 ? -6.38888  9.22515   -4.32992  1.000 56.95921  ? 106 GLU A CA  1 
ATOM 783  C C   . GLU A 1 106 ? -5.89106  7.86441   -4.79507  1.000 55.62616  ? 106 GLU A C   1 
ATOM 784  O O   . GLU A 1 106 ? -6.20538  7.46035   -5.91939  1.000 55.34809  ? 106 GLU A O   1 
ATOM 785  C CB  . GLU A 1 106 ? -5.99533  10.29399  -5.35520  1.000 59.19637  ? 106 GLU A CB  1 
ATOM 786  C CG  . GLU A 1 106 ? -6.30920  11.73948  -4.95783  1.000 79.12855  ? 106 GLU A CG  1 
ATOM 787  C CD  . GLU A 1 106 ? -7.78894  12.02024  -4.71711  1.000 75.99396  ? 106 GLU A CD  1 
ATOM 788  O OE1 . GLU A 1 106 ? -8.64318  11.18049  -5.07228  1.000 73.02273  ? 106 GLU A OE1 1 
ATOM 789  O OE2 . GLU A 1 106 ? -8.09696  13.10070  -4.16859  1.000 60.87993  ? 106 GLU A OE2 1 
ATOM 790  N N   . LEU A 1 107 ? -5.12441  7.15693   -3.96527  1.000 55.11849  ? 107 LEU A N   1 
ATOM 791  C CA  . LEU A 1 107 ? -4.69851  5.78949   -4.23709  1.000 60.97771  ? 107 LEU A CA  1 
ATOM 792  C C   . LEU A 1 107 ? -5.18937  4.83733   -3.15099  1.000 60.78799  ? 107 LEU A C   1 
ATOM 793  O O   . LEU A 1 107 ? -4.55365  3.81835   -2.87299  1.000 66.27173  ? 107 LEU A O   1 
ATOM 794  C CB  . LEU A 1 107 ? -3.17769  5.70691   -4.37440  1.000 53.52891  ? 107 LEU A CB  1 
ATOM 795  C CG  . LEU A 1 107 ? -2.57897  5.81015   -5.77939  1.000 44.44493  ? 107 LEU A CG  1 
ATOM 796  C CD1 . LEU A 1 107 ? -2.83523  7.17520   -6.39720  1.000 54.57558  ? 107 LEU A CD1 1 
ATOM 797  C CD2 . LEU A 1 107 ? -1.08944  5.50683   -5.75177  1.000 43.35368  ? 107 LEU A CD2 1 
ATOM 798  N N   . ILE A 1 108 ? -6.31698  5.16087   -2.53035  1.000 58.79299  ? 108 ILE A N   1 
ATOM 799  C CA  . ILE A 1 108 ? -6.85107  4.37610   -1.43664  1.000 67.70587  ? 108 ILE A CA  1 
ATOM 800  C C   . ILE A 1 108 ? -8.03334  3.55522   -1.94283  1.000 68.45615  ? 108 ILE A C   1 
ATOM 801  O O   . ILE A 1 108 ? -8.55482  3.77697   -3.03311  1.000 67.34895  ? 108 ILE A O   1 
ATOM 802  C CB  . ILE A 1 108 ? -7.25161  5.27001   -0.23055  1.000 61.39074  ? 108 ILE A CB  1 
ATOM 803  C CG1 . ILE A 1 108 ? -7.11328  4.50126   1.08597   1.000 49.34559  ? 108 ILE A CG1 1 
ATOM 804  C CG2 . ILE A 1 108 ? -8.66682  5.80577   -0.40104  1.000 59.93160  ? 108 ILE A CG2 1 
ATOM 805  C CD1 . ILE A 1 108 ? -5.69113  4.10930   1.41087   1.000 44.27164  ? 108 ILE A CD1 1 
ATOM 806  N N   . GLY A 1 109 ? -8.45624  2.57902   -1.14711  1.000 58.95750  ? 109 GLY A N   1 
ATOM 807  C CA  . GLY A 1 109 ? -9.60557  1.76495   -1.50008  1.000 55.49625  ? 109 GLY A CA  1 
ATOM 808  C C   . GLY A 1 109 ? -9.98029  0.85390   -0.35271  1.000 50.98412  ? 109 GLY A C   1 
ATOM 809  O O   . GLY A 1 109 ? -9.36597  0.87742   0.71751   1.000 45.41307  ? 109 GLY A O   1 
ATOM 810  N N   . ARG A 1 110 ? -11.01382 0.04288   -0.59324  1.000 45.45251  ? 110 ARG A N   1 
ATOM 811  C CA  . ARG A 1 110 ? -11.43751 -0.92051  0.41636   1.000 45.73189  ? 110 ARG A CA  1 
ATOM 812  C C   . ARG A 1 110 ? -10.35152 -1.95468  0.68353   1.000 46.72944  ? 110 ARG A C   1 
ATOM 813  O O   . ARG A 1 110 ? -10.14136 -2.35471  1.83418   1.000 54.86974  ? 110 ARG A O   1 
ATOM 814  C CB  . ARG A 1 110 ? -12.73753 -1.60589  -0.00925  1.000 44.38966  ? 110 ARG A CB  1 
ATOM 815  C CG  . ARG A 1 110 ? -13.99140 -1.02520  0.63838   1.000 55.05457  ? 110 ARG A CG  1 
ATOM 816  C CD  . ARG A 1 110 ? -15.17772 -1.97837  0.53052   1.000 60.38601  ? 110 ARG A CD  1 
ATOM 817  N NE  . ARG A 1 110 ? -15.79076 -1.96027  -0.79190  1.000 60.08701  ? 110 ARG A NE  1 
ATOM 818  C CZ  . ARG A 1 110 ? -16.91245 -1.31805  -1.08958  1.000 55.06237  ? 110 ARG A CZ  1 
ATOM 819  N NH1 . ARG A 1 110 ? -17.58307 -0.63616  -0.17579  1.000 43.82059  ? 110 ARG A NH1 1 
ATOM 820  N NH2 . ARG A 1 110 ? -17.37321 -1.36133  -2.33637  1.000 58.54296  ? 110 ARG A NH2 1 
ATOM 821  N N   . ARG A 1 111 ? -9.64803  -2.39640  -0.36346  1.000 48.93073  ? 111 ARG A N   1 
ATOM 822  C CA  . ARG A 1 111 ? -8.60452  -3.40047  -0.17835  1.000 52.31166  ? 111 ARG A CA  1 
ATOM 823  C C   . ARG A 1 111 ? -7.48513  -2.88949  0.71998   1.000 59.85606  ? 111 ARG A C   1 
ATOM 824  O O   . ARG A 1 111 ? -6.89745  -3.66600  1.48280   1.000 61.38631  ? 111 ARG A O   1 
ATOM 825  C CB  . ARG A 1 111 ? -8.04939  -3.84071  -1.53382  1.000 56.34608  ? 111 ARG A CB  1 
ATOM 826  C CG  . ARG A 1 111 ? -6.86433  -4.78940  -1.43439  1.000 76.22412  ? 111 ARG A CG  1 
ATOM 827  C CD  . ARG A 1 111 ? -6.62984  -5.54246  -2.73029  1.000 68.62225  ? 111 ARG A CD  1 
ATOM 828  N NE  . ARG A 1 111 ? -5.38188  -6.29532  -2.70276  1.000 65.00417  ? 111 ARG A NE  1 
ATOM 829  C CZ  . ARG A 1 111 ? -5.00628  -7.15596  -3.63856  1.000 71.56198  ? 111 ARG A CZ  1 
ATOM 830  N NH1 . ARG A 1 111 ? -5.77140  -7.41520  -4.68607  1.000 76.19064  ? 111 ARG A NH1 1 
ATOM 831  N NH2 . ARG A 1 111 ? -3.83470  -7.77404  -3.51919  1.000 82.09595  ? 111 ARG A NH2 1 
ATOM 832  N N   . GLU A 1 112 ? -7.18339  -1.59129  0.65651   1.000 63.69668  ? 112 GLU A N   1 
ATOM 833  C CA  . GLU A 1 112 ? -6.21702  -1.00131  1.57484   1.000 61.88500  ? 112 GLU A CA  1 
ATOM 834  C C   . GLU A 1 112 ? -6.71167  -0.97842  3.01497   1.000 64.03992  ? 112 GLU A C   1 
ATOM 835  O O   . GLU A 1 112 ? -5.90190  -0.77316  3.92471   1.000 73.69759  ? 112 GLU A O   1 
ATOM 836  C CB  . GLU A 1 112 ? -5.86713  0.42280   1.13435   1.000 54.60388  ? 112 GLU A CB  1 
ATOM 837  C CG  . GLU A 1 112 ? -4.95502  0.51247   -0.08227  1.000 58.29437  ? 112 GLU A CG  1 
ATOM 838  C CD  . GLU A 1 112 ? -5.70267  0.41055   -1.39922  1.000 65.65005  ? 112 GLU A CD  1 
ATOM 839  O OE1 . GLU A 1 112 ? -6.86348  -0.05155  -1.40208  1.000 74.56462  ? 112 GLU A OE1 1 
ATOM 840  O OE2 . GLU A 1 112 ? -5.12574  0.80121   -2.43587  1.000 62.88490  ? 112 GLU A OE2 1 
ATOM 841  N N   . VAL A 1 113 ? -8.00715  -1.18988  3.24284   1.000 58.95816  ? 113 VAL A N   1 
ATOM 842  C CA  . VAL A 1 113 ? -8.59102  -1.12232  4.57839   1.000 54.79046  ? 113 VAL A CA  1 
ATOM 843  C C   . VAL A 1 113 ? -8.69019  -2.52340  5.17256   1.000 59.55376  ? 113 VAL A C   1 
ATOM 844  O O   . VAL A 1 113 ? -8.53867  -2.70621  6.38626   1.000 59.46730  ? 113 VAL A O   1 
ATOM 845  C CB  . VAL A 1 113 ? -9.96813  -0.42992  4.53518   1.000 54.93941  ? 113 VAL A CB  1 
ATOM 846  C CG1 . VAL A 1 113 ? -10.64873 -0.46367  5.89875   1.000 55.34909  ? 113 VAL A CG1 1 
ATOM 847  C CG2 . VAL A 1 113 ? -9.81903  1.00520   4.05191   1.000 51.06977  ? 113 VAL A CG2 1 
ATOM 848  N N   . ARG A 1 114 ? -8.93336  -3.52276  4.31853   1.000 60.42183  ? 114 ARG A N   1 
ATOM 849  C CA  . ARG A 1 114 ? -9.11616  -4.88962  4.80123   1.000 56.54679  ? 114 ARG A CA  1 
ATOM 850  C C   . ARG A 1 114 ? -7.88939  -5.38492  5.55679   1.000 62.35123  ? 114 ARG A C   1 
ATOM 851  O O   . ARG A 1 114 ? -8.01485  -5.99128  6.62754   1.000 66.83629  ? 114 ARG A O   1 
ATOM 852  C CB  . ARG A 1 114 ? -9.42582  -5.82485  3.63302   1.000 56.05845  ? 114 ARG A CB  1 
ATOM 853  C CG  . ARG A 1 114 ? -10.56567 -5.36886  2.74276   1.000 60.30430  ? 114 ARG A CG  1 
ATOM 854  C CD  . ARG A 1 114 ? -11.12514 -6.52226  1.92430   1.000 64.56027  ? 114 ARG A CD  1 
ATOM 855  N NE  . ARG A 1 114 ? -11.89182 -7.44735  2.75106   1.000 67.60496  ? 114 ARG A NE  1 
ATOM 856  C CZ  . ARG A 1 114 ? -11.41508 -8.57287  3.26554   1.000 55.82976  ? 114 ARG A CZ  1 
ATOM 857  N NH1 . ARG A 1 114 ? -10.17282 -8.96587  3.03804   1.000 61.32456  ? 114 ARG A NH1 1 
ATOM 858  N NH2 . ARG A 1 114 ? -12.20529 -9.32269  4.02819   1.000 59.40003  ? 114 ARG A NH2 1 
ATOM 859  N N   . GLU A 1 115 ? -6.69418  -5.13130  5.01401   1.000 56.34678  ? 115 GLU A N   1 
ATOM 860  C CA  . GLU A 1 115 ? -5.46234  -5.60173  5.64166   1.000 52.28933  ? 115 GLU A CA  1 
ATOM 861  C C   . GLU A 1 115 ? -5.32660  -5.10529  7.07413   1.000 63.22179  ? 115 GLU A C   1 
ATOM 862  O O   . GLU A 1 115 ? -4.74876  -5.79878  7.91963   1.000 67.88408  ? 115 GLU A O   1 
ATOM 863  C CB  . GLU A 1 115 ? -4.25796  -5.15480  4.81600   1.000 51.76136  ? 115 GLU A CB  1 
ATOM 864  C CG  . GLU A 1 115 ? -4.40058  -3.75212  4.24937   1.000 54.86110  ? 115 GLU A CG  1 
ATOM 865  C CD  . GLU A 1 115 ? -3.06448  -3.09250  3.98046   1.000 62.58699  ? 115 GLU A CD  1 
ATOM 866  O OE1 . GLU A 1 115 ? -2.25586  -2.98453  4.92583   1.000 62.87663  ? 115 GLU A OE1 1 
ATOM 867  O OE2 . GLU A 1 115 ? -2.82062  -2.68615  2.82482   1.000 68.21315  ? 115 GLU A OE2 1 
ATOM 868  N N   . LEU A 1 116 ? -5.84808  -3.91312  7.36475   1.000 62.10481  ? 116 LEU A N   1 
ATOM 869  C CA  . LEU A 1 116 ? -5.77986  -3.37421  8.71647   1.000 56.24927  ? 116 LEU A CA  1 
ATOM 870  C C   . LEU A 1 116 ? -6.82635  -3.99889  9.62879   1.000 59.56836  ? 116 LEU A C   1 
ATOM 871  O O   . LEU A 1 116 ? -6.58529  -4.14591  10.83202  1.000 60.96032  ? 116 LEU A O   1 
ATOM 872  C CB  . LEU A 1 116 ? -5.93624  -1.85770  8.66818   1.000 45.91108  ? 116 LEU A CB  1 
ATOM 873  C CG  . LEU A 1 116 ? -4.90265  -1.19795  7.75491   1.000 43.90196  ? 116 LEU A CG  1 
ATOM 874  C CD1 . LEU A 1 116 ? -5.30915  0.21385   7.41172   1.000 44.36624  ? 116 LEU A CD1 1 
ATOM 875  C CD2 . LEU A 1 116 ? -3.53012  -1.21529  8.40479   1.000 45.11184  ? 116 LEU A CD2 1 
ATOM 876  N N   . ILE A 1 117 ? -7.98572  -4.36871  9.08069   1.000 59.20519  ? 117 ILE A N   1 
ATOM 877  C CA  . ILE A 1 117 ? -8.92819  -5.18939  9.83247   1.000 63.65131  ? 117 ILE A CA  1 
ATOM 878  C C   . ILE A 1 117 ? -8.37158  -6.59621  10.00417  1.000 49.73574  ? 117 ILE A C   1 
ATOM 879  O O   . ILE A 1 117 ? -8.70607  -7.29658  10.96816  1.000 47.18935  ? 117 ILE A O   1 
ATOM 880  C CB  . ILE A 1 117 ? -10.29830 -5.18430  9.12947   1.000 68.88193  ? 117 ILE A CB  1 
ATOM 881  C CG1 . ILE A 1 117 ? -10.82171 -3.75112  9.03578   1.000 68.27660  ? 117 ILE A CG1 1 
ATOM 882  C CG2 . ILE A 1 117 ? -11.30008 -6.06357  9.86669   1.000 74.58405  ? 117 ILE A CG2 1 
ATOM 883  C CD1 . ILE A 1 117 ? -11.72097 -3.50585  7.85794   1.000 65.74292  ? 117 ILE A CD1 1 
ATOM 884  N N   . GLU A 1 118 ? -7.49848  -7.02250  9.09257   1.000 44.92321  ? 118 GLU A N   1 
ATOM 885  C CA  . GLU A 1 118 ? -6.80632  -8.29776  9.18895   1.000 48.79806  ? 118 GLU A CA  1 
ATOM 886  C C   . GLU A 1 118 ? -5.51712  -8.20402  9.99971   1.000 52.94887  ? 118 GLU A C   1 
ATOM 887  O O   . GLU A 1 118 ? -4.67173  -9.10180  9.91230   1.000 55.79426  ? 118 GLU A O   1 
ATOM 888  C CB  . GLU A 1 118 ? -6.52033  -8.84055  7.78839   1.000 56.20225  ? 118 GLU A CB  1 
ATOM 889  C CG  . GLU A 1 118 ? -7.77912  -9.16565  7.00085   1.000 58.91801  ? 118 GLU A CG  1 
ATOM 890  C CD  . GLU A 1 118 ? -7.53592  -9.22490  5.50781   1.000 64.31763  ? 118 GLU A CD  1 
ATOM 891  O OE1 . GLU A 1 118 ? -6.35845  -9.19309  5.09455   1.000 63.05515  ? 118 GLU A OE1 1 
ATOM 892  O OE2 . GLU A 1 118 ? -8.52401  -9.29563  4.74713   1.000 65.58346  ? 118 GLU A OE2 1 
ATOM 893  N N   . GLU A 1 119 ? -5.34513  -7.13010  10.77489  1.000 61.88642  ? 119 GLU A N   1 
ATOM 894  C CA  . GLU A 1 119 ? -4.25646  -7.02401  11.73823  1.000 66.96824  ? 119 GLU A CA  1 
ATOM 895  C C   . GLU A 1 119 ? -4.76059  -6.54875  13.09840  1.000 58.50724  ? 119 GLU A C   1 
ATOM 896  O O   . GLU A 1 119 ? -3.94965  -6.22839  13.97570  1.000 56.61693  ? 119 GLU A O   1 
ATOM 897  C CB  . GLU A 1 119 ? -3.15142  -6.09538  11.20833  1.000 64.14581  ? 119 GLU A CB  1 
ATOM 898  C CG  . GLU A 1 119 ? -1.77619  -6.22686  11.88859  1.000 62.66262  ? 119 GLU A CG  1 
ATOM 899  C CD  . GLU A 1 119 ? -1.29810  -7.66558  12.03674  1.000 69.24731  ? 119 GLU A CD  1 
ATOM 900  O OE1 . GLU A 1 119 ? -1.75489  -8.36322  12.96810  1.000 67.84139  ? 119 GLU A OE1 1 
ATOM 901  O OE2 . GLU A 1 119 ? -0.45405  -8.09883  11.22519  1.000 77.28634  ? 119 GLU A OE2 1 
ATOM 902  N N   . GLY A 1 120 ? -6.07518  -6.50053  13.29662  1.000 55.52226  ? 120 GLY A N   1 
ATOM 903  C CA  . GLY A 1 120 ? -6.65038  -6.19454  14.58847  1.000 68.35280  ? 120 GLY A CA  1 
ATOM 904  C C   . GLY A 1 120 ? -6.87793  -4.72951  14.87958  1.000 70.58941  ? 120 GLY A C   1 
ATOM 905  O O   . GLY A 1 120 ? -7.22297  -4.38958  16.01798  1.000 71.97659  ? 120 GLY A O   1 
ATOM 906  N N   . LYS A 1 121 ? -6.70097  -3.85265  13.89792  1.000 65.71322  ? 121 LYS A N   1 
ATOM 907  C CA  . LYS A 1 121 ? -6.90495  -2.43202  14.12013  1.000 62.51137  ? 121 LYS A CA  1 
ATOM 908  C C   . LYS A 1 121 ? -8.39618  -2.10747  14.17138  1.000 60.38778  ? 121 LYS A C   1 
ATOM 909  O O   . LYS A 1 121 ? -9.24473  -2.88704  13.73097  1.000 72.02606  ? 121 LYS A O   1 
ATOM 910  C CB  . LYS A 1 121 ? -6.22626  -1.61779  13.02045  1.000 66.55533  ? 121 LYS A CB  1 
ATOM 911  C CG  . LYS A 1 121 ? -4.85580  -2.13363  12.61914  1.000 63.92168  ? 121 LYS A CG  1 
ATOM 912  C CD  . LYS A 1 121 ? -3.79498  -1.75332  13.63107  1.000 65.32353  ? 121 LYS A CD  1 
ATOM 913  C CE  . LYS A 1 121 ? -2.56804  -2.63315  13.48036  1.000 68.60719  ? 121 LYS A CE  1 
ATOM 914  N NZ  . LYS A 1 121 ? -2.81968  -4.00149  14.00675  1.000 74.47909  ? 121 LYS A NZ  1 
ATOM 915  N N   . THR A 1 122 ? -8.70932  -0.93798  14.71875  1.000 50.03117  ? 122 THR A N   1 
ATOM 916  C CA  . THR A 1 122 ? -10.08160 -0.46354  14.81137  1.000 53.08807  ? 122 THR A CA  1 
ATOM 917  C C   . THR A 1 122 ? -10.34527 0.60950   13.76148  1.000 58.62546  ? 122 THR A C   1 
ATOM 918  O O   . THR A 1 122 ? -9.43722  1.08798   13.07867  1.000 58.46915  ? 122 THR A O   1 
ATOM 919  C CB  . THR A 1 122 ? -10.37411 0.09383   16.20603  1.000 60.59850  ? 122 THR A CB  1 
ATOM 920  O OG1 . THR A 1 122 ? -9.93318  1.45512   16.27656  1.000 66.70411  ? 122 THR A OG1 1 
ATOM 921  C CG2 . THR A 1 122 ? -9.64411  -0.70848  17.25500  1.000 67.64442  ? 122 THR A CG2 1 
ATOM 922  N N   . ALA A 1 123 ? -11.61960 0.99076   13.64632  1.000 64.73766  ? 123 ALA A N   1 
ATOM 923  C CA  . ALA A 1 123 ? -11.99546 2.05683   12.72317  1.000 61.36262  ? 123 ALA A CA  1 
ATOM 924  C C   . ALA A 1 123 ? -11.29551 3.36123   13.08322  1.000 58.33380  ? 123 ALA A C   1 
ATOM 925  O O   . ALA A 1 123 ? -10.69966 4.01852   12.22256  1.000 49.67441  ? 123 ALA A O   1 
ATOM 926  C CB  . ALA A 1 123 ? -13.51370 2.23813   12.72137  1.000 60.73347  ? 123 ALA A CB  1 
ATOM 927  N N   . GLU A 1 124 ? -11.35260 3.74930   14.35977  1.000 74.28376  ? 124 GLU A N   1 
ATOM 928  C CA  . GLU A 1 124 ? -10.64738 4.94392   14.80737  1.000 72.16970  ? 124 GLU A CA  1 
ATOM 929  C C   . GLU A 1 124 ? -9.13770  4.74649   14.81213  1.000 72.73833  ? 124 GLU A C   1 
ATOM 930  O O   . GLU A 1 124 ? -8.39606  5.73135   14.72715  1.000 78.27990  ? 124 GLU A O   1 
ATOM 931  C CB  . GLU A 1 124 ? -11.13358 5.35146   16.20154  1.000 77.33675  ? 124 GLU A CB  1 
ATOM 932  C CG  . GLU A 1 124 ? -10.91929 6.82394   16.54294  1.000 75.34993  ? 124 GLU A CG  1 
ATOM 933  C CD  . GLU A 1 124 ? -9.55679  7.10332   17.14921  1.000 72.21084  ? 124 GLU A CD  1 
ATOM 934  O OE1 . GLU A 1 124 ? -9.06120  6.25637   17.92149  1.000 80.99501  ? 124 GLU A OE1 1 
ATOM 935  O OE2 . GLU A 1 124 ? -8.97991  8.17009   16.85096  1.000 68.80561  ? 124 GLU A OE2 1 
ATOM 936  N N   . GLU A 1 125 ? -8.66600  3.50080   14.90291  1.000 60.68959  ? 125 GLU A N   1 
ATOM 937  C CA  . GLU A 1 125 ? -7.23077  3.25373   14.82249  1.000 57.95047  ? 125 GLU A CA  1 
ATOM 938  C C   . GLU A 1 125 ? -6.71237  3.49680   13.41067  1.000 58.75065  ? 125 GLU A C   1 
ATOM 939  O O   . GLU A 1 125 ? -5.68754  4.16111   13.22401  1.000 58.06027  ? 125 GLU A O   1 
ATOM 940  C CB  . GLU A 1 125 ? -6.90647  1.83152   15.28333  1.000 66.22883  ? 125 GLU A CB  1 
ATOM 941  C CG  . GLU A 1 125 ? -6.54150  1.73277   16.75840  1.000 70.74185  ? 125 GLU A CG  1 
ATOM 942  C CD  . GLU A 1 125 ? -5.96035  0.38092   17.14007  1.000 69.00928  ? 125 GLU A CD  1 
ATOM 943  O OE1 . GLU A 1 125 ? -6.48307  -0.65030  16.67259  1.000 71.73514  ? 125 GLU A OE1 1 
ATOM 944  O OE2 . GLU A 1 125 ? -4.97492  0.34912   17.90744  1.000 64.79317  ? 125 GLU A OE2 1 
ATOM 945  N N   . ILE A 1 126 ? -7.41261  2.97737   12.40006  1.000 60.05302  ? 126 ILE A N   1 
ATOM 946  C CA  . ILE A 1 126 ? -6.95251  3.17058   11.02791  1.000 59.25512  ? 126 ILE A CA  1 
ATOM 947  C C   . ILE A 1 126 ? -7.30451  4.56246   10.51844  1.000 53.65602  ? 126 ILE A C   1 
ATOM 948  O O   . ILE A 1 126 ? -6.62135  5.09026   9.63403   1.000 47.40755  ? 126 ILE A O   1 
ATOM 949  C CB  . ILE A 1 126 ? -7.51956  2.08441   10.09851  1.000 50.22213  ? 126 ILE A CB  1 
ATOM 950  C CG1 . ILE A 1 126 ? -9.01304  2.29646   9.85867   1.000 51.23591  ? 126 ILE A CG1 1 
ATOM 951  C CG2 . ILE A 1 126 ? -7.28698  0.71675   10.68434  1.000 50.66238  ? 126 ILE A CG2 1 
ATOM 952  C CD1 . ILE A 1 126 ? -9.62416  1.25964   8.95160   1.000 52.54839  ? 126 ILE A CD1 1 
ATOM 953  N N   . ALA A 1 127 ? -8.36074  5.17936   11.05425  1.000 56.51758  ? 127 ALA A N   1 
ATOM 954  C CA  . ALA A 1 127 ? -8.71744  6.52636   10.62360  1.000 49.68686  ? 127 ALA A CA  1 
ATOM 955  C C   . ALA A 1 127 ? -7.57223  7.49865   10.86802  1.000 52.52095  ? 127 ALA A C   1 
ATOM 956  O O   . ALA A 1 127 ? -7.34297  8.41370   10.06866  1.000 51.27457  ? 127 ALA A O   1 
ATOM 957  C CB  . ALA A 1 127 ? -9.98393  6.99208   11.34034  1.000 57.80692  ? 127 ALA A CB  1 
ATOM 958  N N   . GLU A 1 128 ? -6.83043  7.30477   11.95923  1.000 56.02389  ? 128 GLU A N   1 
ATOM 959  C CA  . GLU A 1 128 ? -5.67686  8.14147   12.25663  1.000 63.11654  ? 128 GLU A CA  1 
ATOM 960  C C   . GLU A 1 128 ? -4.38221  7.59949   11.66913  1.000 62.24518  ? 128 GLU A C   1 
ATOM 961  O O   . GLU A 1 128 ? -3.40264  8.34792   11.57211  1.000 61.43141  ? 128 GLU A O   1 
ATOM 962  C CB  . GLU A 1 128 ? -5.52686  8.32173   13.77332  1.000 61.60706  ? 128 GLU A CB  1 
ATOM 963  C CG  . GLU A 1 128 ? -5.28207  7.03983   14.55125  1.000 60.42753  ? 128 GLU A CG  1 
ATOM 964  C CD  . GLU A 1 128 ? -5.35413  7.25043   16.05299  1.000 69.32923  ? 128 GLU A CD  1 
ATOM 965  O OE1 . GLU A 1 128 ? -6.11105  8.14215   16.49118  1.000 66.43435  ? 128 GLU A OE1 1 
ATOM 966  O OE2 . GLU A 1 128 ? -4.65354  6.52961   16.79519  1.000 69.12353  ? 128 GLU A OE2 1 
ATOM 967  N N   . ILE A 1 129 ? -4.35485  6.33010   11.26650  1.000 58.73097  ? 129 ILE A N   1 
ATOM 968  C CA  . ILE A 1 129 ? -3.15729  5.77122   10.64578  1.000 54.20569  ? 129 ILE A CA  1 
ATOM 969  C C   . ILE A 1 129 ? -3.00564  6.28241   9.21794   1.000 52.72822  ? 129 ILE A C   1 
ATOM 970  O O   . ILE A 1 129 ? -1.97759  6.86702   8.85649   1.000 46.73178  ? 129 ILE A O   1 
ATOM 971  C CB  . ILE A 1 129 ? -3.18772  4.23198   10.69970  1.000 54.31140  ? 129 ILE A CB  1 
ATOM 972  C CG1 . ILE A 1 129 ? -2.83808  3.73966   12.10665  1.000 49.83179  ? 129 ILE A CG1 1 
ATOM 973  C CG2 . ILE A 1 129 ? -2.22266  3.63912   9.68642   1.000 61.39494  ? 129 ILE A CG2 1 
ATOM 974  C CD1 . ILE A 1 129 ? -2.97793  2.24597   12.28386  1.000 51.71198  ? 129 ILE A CD1 1 
ATOM 975  N N   . LEU A 1 130 ? -4.03265  6.08185   8.38794   1.000 59.03300  ? 130 LEU A N   1 
ATOM 976  C CA  . LEU A 1 130 ? -3.98040  6.53852   7.00404   1.000 61.21495  ? 130 LEU A CA  1 
ATOM 977  C C   . LEU A 1 130 ? -4.21796  8.03500   6.86396   1.000 54.19537  ? 130 LEU A C   1 
ATOM 978  O O   . LEU A 1 130 ? -3.95765  8.58514   5.78853   1.000 50.42033  ? 130 LEU A O   1 
ATOM 979  C CB  . LEU A 1 130 ? -5.00486  5.79322   6.13990   1.000 50.57705  ? 130 LEU A CB  1 
ATOM 980  C CG  . LEU A 1 130 ? -4.95427  4.26702   6.01155   1.000 49.10292  ? 130 LEU A CG  1 
ATOM 981  C CD1 . LEU A 1 130 ? -3.54119  3.71451   6.17917   1.000 55.87778  ? 130 LEU A CD1 1 
ATOM 982  C CD2 . LEU A 1 130 ? -5.91604  3.62273   6.98881   1.000 51.32778  ? 130 LEU A CD2 1 
ATOM 983  N N   . GLY A 1 131 ? -4.70961  8.69936   7.90784   1.000 56.92143  ? 131 GLY A N   1 
ATOM 984  C CA  . GLY A 1 131 ? -4.95762  10.12698  7.85318   1.000 63.29431  ? 131 GLY A CA  1 
ATOM 985  C C   . GLY A 1 131 ? -6.17881  10.50067  7.03792   1.000 62.23091  ? 131 GLY A C   1 
ATOM 986  O O   . GLY A 1 131 ? -6.50806  9.82323   6.05921   1.000 53.12627  ? 131 GLY A O   1 
ATOM 987  N N   . LEU A 1 132 ? -6.85168  11.58178  7.43087   1.000 67.34277  ? 132 LEU A N   1 
ATOM 988  C CA  . LEU A 1 132 ? -8.05260  12.07332  6.75565   1.000 61.79719  ? 132 LEU A CA  1 
ATOM 989  C C   . LEU A 1 132 ? -9.07431  10.94540  6.58505   1.000 72.61557  ? 132 LEU A C   1 
ATOM 990  O O   . LEU A 1 132 ? -9.31984  10.43507  5.49198   1.000 78.87081  ? 132 LEU A O   1 
ATOM 991  C CB  . LEU A 1 132 ? -7.69381  12.71456  5.40981   1.000 60.99109  ? 132 LEU A CB  1 
ATOM 992  C CG  . LEU A 1 132 ? -8.80825  13.43477  4.64265   1.000 65.16113  ? 132 LEU A CG  1 
ATOM 993  C CD1 . LEU A 1 132 ? -9.49569  14.45529  5.53467   1.000 89.84283  ? 132 LEU A CD1 1 
ATOM 994  C CD2 . LEU A 1 132 ? -8.26623  14.09868  3.38119   1.000 51.31475  ? 132 LEU A CD2 1 
ATOM 995  N N   . SER A 1 133 ? -9.64875  10.55492  7.72008   1.000 67.67289  ? 133 SER A N   1 
ATOM 996  C CA  . SER A 1 133 ? -10.63097 9.48213   7.75184   1.000 60.90720  ? 133 SER A CA  1 
ATOM 997  C C   . SER A 1 133 ? -11.39286 9.56046   9.06388   1.000 57.00695  ? 133 SER A C   1 
ATOM 998  O O   . SER A 1 133 ? -10.81508 9.89403   10.10010  1.000 65.39942  ? 133 SER A O   1 
ATOM 999  C CB  . SER A 1 133 ? -9.96560  8.11021   7.60064   1.000 72.97105  ? 133 SER A CB  1 
ATOM 1000 O OG  . SER A 1 133 ? -9.36019  7.97347   6.32621   1.000 90.07150  ? 133 SER A OG  1 
ATOM 1001 N N   . VAL A 1 134 ? -12.68697 9.25218   9.00960   1.000 58.17400  ? 134 VAL A N   1 
ATOM 1002 C CA  . VAL A 1 134 ? -13.54659 9.33387   10.18452  1.000 65.08867  ? 134 VAL A CA  1 
ATOM 1003 C C   . VAL A 1 134 ? -14.80398 8.50323   9.93412   1.000 74.77460  ? 134 VAL A C   1 
ATOM 1004 O O   . VAL A 1 134 ? -14.85125 7.32005   10.28887  1.000 74.71013  ? 134 VAL A O   1 
ATOM 1005 C CB  . VAL A 1 134 ? -13.84788 10.80860  10.53328  1.000 67.19032  ? 134 VAL A CB  1 
ATOM 1006 C CG1 . VAL A 1 134 ? -14.15319 11.64469  9.27954   1.000 76.28190  ? 134 VAL A CG1 1 
ATOM 1007 C CG2 . VAL A 1 134 ? -14.93542 10.93042  11.58758  1.000 68.20887  ? 134 VAL A CG2 1 
ATOM 1008 N N   . ASP A 1 135 ? -15.82575 9.10138   9.31683   1.000 79.81307  ? 135 ASP A N   1 
ATOM 1009 C CA  . ASP A 1 135 ? -16.97878 8.34318   8.85586   1.000 59.96297  ? 135 ASP A CA  1 
ATOM 1010 C C   . ASP A 1 135 ? -16.72933 7.72659   7.49188   1.000 57.74011  ? 135 ASP A C   1 
ATOM 1011 O O   . ASP A 1 135 ? -17.43453 6.78793   7.10722   1.000 60.11407  ? 135 ASP A O   1 
ATOM 1012 C CB  . ASP A 1 135 ? -18.21529 9.24100   8.80207   1.000 63.12079  ? 135 ASP A CB  1 
ATOM 1013 C CG  . ASP A 1 135 ? -18.04449 10.41084  7.85169   1.000 78.19292  ? 135 ASP A CG  1 
ATOM 1014 O OD1 . ASP A 1 135 ? -16.88739 10.76428  7.53969   1.000 77.88567  ? 135 ASP A OD1 1 
ATOM 1015 O OD2 . ASP A 1 135 ? -19.06798 10.97990  7.41695   1.000 81.56568  ? 135 ASP A OD2 1 
ATOM 1016 N N   . GLU A 1 136 ? -15.73517 8.24221   6.76466   1.000 61.91625  ? 136 GLU A N   1 
ATOM 1017 C CA  . GLU A 1 136 ? -15.35430 7.67421   5.47849   1.000 68.10697  ? 136 GLU A CA  1 
ATOM 1018 C C   . GLU A 1 136 ? -14.94193 6.21672   5.61578   1.000 62.97782  ? 136 GLU A C   1 
ATOM 1019 O O   . GLU A 1 136 ? -15.21221 5.40711   4.72096   1.000 69.31156  ? 136 GLU A O   1 
ATOM 1020 C CB  . GLU A 1 136 ? -14.22170 8.50304   4.87536   1.000 76.63838  ? 136 GLU A CB  1 
ATOM 1021 C CG  . GLU A 1 136 ? -14.51198 10.00002  4.85640   1.000 80.46258  ? 136 GLU A CG  1 
ATOM 1022 C CD  . GLU A 1 136 ? -13.26688 10.83591  4.65263   1.000 78.84932  ? 136 GLU A CD  1 
ATOM 1023 O OE1 . GLU A 1 136 ? -12.15401 10.29047  4.80507   1.000 76.97231  ? 136 GLU A OE1 1 
ATOM 1024 O OE2 . GLU A 1 136 ? -13.40220 12.03825  4.34232   1.000 80.14646  ? 136 GLU A OE2 1 
ATOM 1025 N N   . ILE A 1 137 ? -14.28324 5.86579   6.72111   1.000 60.00520  ? 137 ILE A N   1 
ATOM 1026 C CA  . ILE A 1 137 ? -14.02417 4.46049   7.01310   1.000 57.74263  ? 137 ILE A CA  1 
ATOM 1027 C C   . ILE A 1 137 ? -15.33571 3.72515   7.25147   1.000 63.19030  ? 137 ILE A C   1 
ATOM 1028 O O   . ILE A 1 137 ? -15.59759 2.67706   6.65055   1.000 60.95732  ? 137 ILE A O   1 
ATOM 1029 C CB  . ILE A 1 137 ? -13.07757 4.32666   8.21854   1.000 54.97372  ? 137 ILE A CB  1 
ATOM 1030 C CG1 . ILE A 1 137 ? -11.72834 4.97862   7.91364   1.000 65.56514  ? 137 ILE A CG1 1 
ATOM 1031 C CG2 . ILE A 1 137 ? -12.89898 2.86326   8.59788   1.000 63.92509  ? 137 ILE A CG2 1 
ATOM 1032 C CD1 . ILE A 1 137 ? -11.00882 4.37137   6.72896   1.000 53.68848  ? 137 ILE A CD1 1 
ATOM 1033 N N   . LYS A 1 138 ? -16.18129 4.27001   8.13054   1.000 64.30914  ? 138 LYS A N   1 
ATOM 1034 C CA  . LYS A 1 138 ? -17.49378 3.67882   8.37046   1.000 65.67551  ? 138 LYS A CA  1 
ATOM 1035 C C   . LYS A 1 138 ? -18.31768 3.62547   7.08962   1.000 73.09369  ? 138 LYS A C   1 
ATOM 1036 O O   . LYS A 1 138 ? -19.07655 2.67330   6.86905   1.000 74.49903  ? 138 LYS A O   1 
ATOM 1037 C CB  . LYS A 1 138 ? -18.22990 4.47204   9.44901   1.000 69.27442  ? 138 LYS A CB  1 
ATOM 1038 C CG  . LYS A 1 138 ? -19.68417 4.07836   9.63210   1.000 80.26850  ? 138 LYS A CG  1 
ATOM 1039 C CD  . LYS A 1 138 ? -20.50264 5.25796   10.12133  1.000 80.53623  ? 138 LYS A CD  1 
ATOM 1040 C CE  . LYS A 1 138 ? -20.44127 6.40793   9.13136   1.000 77.73893  ? 138 LYS A CE  1 
ATOM 1041 N NZ  . LYS A 1 138 ? -21.12070 7.62785   9.64561   1.000 89.97217  ? 138 LYS A NZ  1 
ATOM 1042 N N   . GLU A 1 139 ? -18.18189 4.64259   6.23234   1.000 72.57154  ? 139 GLU A N   1 
ATOM 1043 C CA  . GLU A 1 139 ? -18.86972 4.62336   4.94546   1.000 63.01422  ? 139 GLU A CA  1 
ATOM 1044 C C   . GLU A 1 139 ? -18.39242 3.47392   4.07009   1.000 61.25810  ? 139 GLU A C   1 
ATOM 1045 O O   . GLU A 1 139 ? -19.17762 2.92199   3.29279   1.000 64.97945  ? 139 GLU A O   1 
ATOM 1046 C CB  . GLU A 1 139 ? -18.67088 5.95037   4.20952   1.000 67.09680  ? 139 GLU A CB  1 
ATOM 1047 C CG  . GLU A 1 139 ? -19.61545 7.06500   4.62693   1.000 79.43874  ? 139 GLU A CG  1 
ATOM 1048 C CD  . GLU A 1 139 ? -19.49723 8.28972   3.73389   1.000 73.62060  ? 139 GLU A CD  1 
ATOM 1049 O OE1 . GLU A 1 139 ? -18.70686 8.25242   2.76578   1.000 54.37522  ? 139 GLU A OE1 1 
ATOM 1050 O OE2 . GLU A 1 139 ? -20.19540 9.29056   3.99987   1.000 72.54919  ? 139 GLU A OE2 1 
ATOM 1051 N N   . LEU A 1 140 ? -17.11897 3.09772   4.17830   1.000 56.76018  ? 140 LEU A N   1 
ATOM 1052 C CA  . LEU A 1 140 ? -16.56635 2.06467   3.31150   1.000 52.03508  ? 140 LEU A CA  1 
ATOM 1053 C C   . LEU A 1 140 ? -16.06932 0.86442   4.10927   1.000 47.96065  ? 140 LEU A C   1 
ATOM 1054 O O   . LEU A 1 140 ? -14.95690 0.37627   3.88286   1.000 47.43937  ? 140 LEU A O   1 
ATOM 1055 C CB  . LEU A 1 140 ? -15.43908 2.63920   2.44930   1.000 55.92325  ? 140 LEU A CB  1 
ATOM 1056 C CG  . LEU A 1 140 ? -15.85054 3.42357   1.19633   1.000 66.67806  ? 140 LEU A CG  1 
ATOM 1057 C CD1 . LEU A 1 140 ? -16.84765 2.62353   0.36397   1.000 67.86464  ? 140 LEU A CD1 1 
ATOM 1058 C CD2 . LEU A 1 140 ? -16.40209 4.80895   1.52723   1.000 46.41641  ? 140 LEU A CD2 1 
ATOM 1059 N N   . ILE A 1 141 ? -16.88105 0.39608   5.05338   1.000 54.86302  ? 141 ILE A N   1 
ATOM 1060 C CA  . ILE A 1 141 ? -16.67796 -0.88863  5.71388   1.000 49.97155  ? 141 ILE A CA  1 
ATOM 1061 C C   . ILE A 1 141 ? -17.64615 -1.87754  5.08249   1.000 49.44778  ? 141 ILE A C   1 
ATOM 1062 O O   . ILE A 1 141 ? -18.86676 -1.68257  5.13368   1.000 50.37137  ? 141 ILE A O   1 
ATOM 1063 C CB  . ILE A 1 141 ? -16.89312 -0.79142  7.23276   1.000 48.44796  ? 141 ILE A CB  1 
ATOM 1064 C CG1 . ILE A 1 141 ? -15.66977 -0.17679  7.91344   1.000 52.23172  ? 141 ILE A CG1 1 
ATOM 1065 C CG2 . ILE A 1 141 ? -17.17421 -2.16345  7.82029   1.000 49.90157  ? 141 ILE A CG2 1 
ATOM 1066 C CD1 . ILE A 1 141 ? -14.43653 -1.04752  7.85420   1.000 59.89417  ? 141 ILE A CD1 1 
ATOM 1067 N N   . GLY A 1 142 ? -17.10731 -2.93282  4.47843   1.000 49.78205  ? 142 GLY A N   1 
ATOM 1068 C CA  . GLY A 1 142 ? -17.93202 -3.83706  3.71089   1.000 61.45929  ? 142 GLY A CA  1 
ATOM 1069 C C   . GLY A 1 142 ? -18.62523 -4.88679  4.55778   1.000 64.23131  ? 142 GLY A C   1 
ATOM 1070 O O   . GLY A 1 142 ? -18.25796 -5.15380  5.70206   1.000 63.52824  ? 142 GLY A O   1 
ATOM 1071 N N   . ARG A 1 143 ? -19.66001 -5.48498  3.96051   1.000 65.06640  ? 143 ARG A N   1 
ATOM 1072 C CA  . ARG A 1 143 ? -20.36657 -6.58651  4.60669   1.000 67.67014  ? 143 ARG A CA  1 
ATOM 1073 C C   . ARG A 1 143 ? -19.42023 -7.73317  4.93393   1.000 66.72871  ? 143 ARG A C   1 
ATOM 1074 O O   . ARG A 1 143 ? -19.55110 -8.37790  5.98135   1.000 70.99907  ? 143 ARG A O   1 
ATOM 1075 C CB  . ARG A 1 143 ? -21.50024 -7.07597  3.70497   1.000 68.47559  ? 143 ARG A CB  1 
ATOM 1076 C CG  . ARG A 1 143 ? -22.00253 -8.47348  4.03243   1.000 68.80298  ? 143 ARG A CG  1 
ATOM 1077 C CD  . ARG A 1 143 ? -22.71344 -9.09199  2.84210   1.000 74.00641  ? 143 ARG A CD  1 
ATOM 1078 N NE  . ARG A 1 143 ? -21.82834 -9.23388  1.69124   1.000 86.65929  ? 143 ARG A NE  1 
ATOM 1079 C CZ  . ARG A 1 143 ? -21.16125 -10.33949 1.38745   1.000 88.98017  ? 143 ARG A CZ  1 
ATOM 1080 N NH1 . ARG A 1 143 ? -21.25532 -11.43029 2.13034   1.000 80.40201  ? 143 ARG A NH1 1 
ATOM 1081 N NH2 . ARG A 1 143 ? -20.38195 -10.35181 0.30931   1.000 85.48029  ? 143 ARG A NH2 1 
ATOM 1082 N N   . ARG A 1 144 ? -18.45600 -7.99744  4.04940   1.000 70.36793  ? 144 ARG A N   1 
ATOM 1083 C CA  . ARG A 1 144 ? -17.55151 -9.12388  4.25009   1.000 67.36988  ? 144 ARG A CA  1 
ATOM 1084 C C   . ARG A 1 144 ? -16.75813 -8.97854  5.54232   1.000 63.81826  ? 144 ARG A C   1 
ATOM 1085 O O   . ARG A 1 144 ? -16.47746 -9.97384  6.21796   1.000 74.84807  ? 144 ARG A O   1 
ATOM 1086 C CB  . ARG A 1 144 ? -16.61132 -9.25659  3.05334   1.000 59.11336  ? 144 ARG A CB  1 
ATOM 1087 C CG  . ARG A 1 144 ? -15.61436 -10.39756 3.16480   1.000 62.46673  ? 144 ARG A CG  1 
ATOM 1088 C CD  . ARG A 1 144 ? -14.62920 -10.35495 2.01626   1.000 57.65011  ? 144 ARG A CD  1 
ATOM 1089 N NE  . ARG A 1 144 ? -14.80918 -9.15133  1.21529   1.000 54.56257  ? 144 ARG A NE  1 
ATOM 1090 C CZ  . ARG A 1 144 ? -13.94473 -8.71478  0.31068   1.000 64.64543  ? 144 ARG A CZ  1 
ATOM 1091 N NH1 . ARG A 1 144 ? -12.81187 -9.35495  0.07074   1.000 74.03161  ? 144 ARG A NH1 1 
ATOM 1092 N NH2 . ARG A 1 144 ? -14.22196 -7.60531  -0.36655  1.000 56.55868  ? 144 ARG A NH2 1 
ATOM 1093 N N   . GLU A 1 145 ? -16.39502 -7.74658  5.90836   1.000 55.48384  ? 145 GLU A N   1 
ATOM 1094 C CA  . GLU A 1 145 ? -15.64737 -7.53804  7.14539   1.000 69.01952  ? 145 GLU A CA  1 
ATOM 1095 C C   . GLU A 1 145 ? -16.48097 -7.90696  8.36643   1.000 64.62022  ? 145 GLU A C   1 
ATOM 1096 O O   . GLU A 1 145 ? -15.96032 -8.48004  9.33072   1.000 57.62111  ? 145 GLU A O   1 
ATOM 1097 C CB  . GLU A 1 145 ? -15.16931 -6.09040  7.23573   1.000 71.65326  ? 145 GLU A CB  1 
ATOM 1098 C CG  . GLU A 1 145 ? -13.94447 -5.79788  6.39382   1.000 68.89138  ? 145 GLU A CG  1 
ATOM 1099 C CD  . GLU A 1 145 ? -14.23607 -5.81661  4.91052   1.000 64.73359  ? 145 GLU A CD  1 
ATOM 1100 O OE1 . GLU A 1 145 ? -15.05918 -4.99567  4.45606   1.000 61.51609  ? 145 GLU A OE1 1 
ATOM 1101 O OE2 . GLU A 1 145 ? -13.64992 -6.65967  4.20126   1.000 74.00944  ? 145 GLU A OE2 1 
ATOM 1102 N N   . VAL A 1 146 ? -17.77372 -7.58375  8.34687   1.000 63.17891  ? 146 VAL A N   1 
ATOM 1103 C CA  . VAL A 1 146 ? -18.65869 -8.04606  9.40830   1.000 57.06431  ? 146 VAL A CA  1 
ATOM 1104 C C   . VAL A 1 146 ? -18.96058 -9.53098  9.24153   1.000 65.63409  ? 146 VAL A C   1 
ATOM 1105 O O   . VAL A 1 146 ? -19.16523 -10.24275 10.23134  1.000 72.68701  ? 146 VAL A O   1 
ATOM 1106 C CB  . VAL A 1 146 ? -19.94611 -7.20648  9.42974   1.000 58.88135  ? 146 VAL A CB  1 
ATOM 1107 C CG1 . VAL A 1 146 ? -20.78446 -7.54467  10.64969  1.000 64.14757  ? 146 VAL A CG1 1 
ATOM 1108 C CG2 . VAL A 1 146 ? -19.60678 -5.72896  9.40551   1.000 56.27783  ? 146 VAL A CG2 1 
ATOM 1109 N N   . ARG A 1 147 ? -18.99097 -10.02191 8.00082   1.000 70.02093  ? 147 ARG A N   1 
ATOM 1110 C CA  . ARG A 1 147 ? -19.17150 -11.44802 7.76110   1.000 67.92851  ? 147 ARG A CA  1 
ATOM 1111 C C   . ARG A 1 147 ? -17.89224 -12.22826 8.04061   1.000 71.92690  ? 147 ARG A C   1 
ATOM 1112 O O   . ARG A 1 147 ? -17.95441 -13.42396 8.34974   1.000 84.61358  ? 147 ARG A O   1 
ATOM 1113 C CB  . ARG A 1 147 ? -19.63542 -11.67902 6.31911   1.000 72.09074  ? 147 ARG A CB  1 
ATOM 1114 C CG  . ARG A 1 147 ? -20.15930 -13.08004 6.02160   1.000 73.37597  ? 147 ARG A CG  1 
ATOM 1115 C CD  . ARG A 1 147 ? -21.61956 -13.24864 6.42745   1.000 75.10595  ? 147 ARG A CD  1 
ATOM 1116 N NE  . ARG A 1 147 ? -22.45101 -13.67881 5.30766   1.000 87.51021  ? 147 ARG A NE  1 
ATOM 1117 C CZ  . ARG A 1 147 ? -23.32526 -12.90378 4.67877   1.000 92.17559  ? 147 ARG A CZ  1 
ATOM 1118 N NH1 . ARG A 1 147 ? -23.54286 -11.65563 5.06020   1.000 93.01213  ? 147 ARG A NH1 1 
ATOM 1119 N NH2 . ARG A 1 147 ? -24.00128 -13.39457 3.64324   1.000 89.83457  ? 147 ARG A NH2 1 
ATOM 1120 N N   . GLU A 1 148 ? -16.73145 -11.57180 7.93480   1.000 73.25158  ? 148 GLU A N   1 
ATOM 1121 C CA  . GLU A 1 148 ? -15.46730 -12.21871 8.27560   1.000 76.72715  ? 148 GLU A CA  1 
ATOM 1122 C C   . GLU A 1 148 ? -15.44191 -12.65219 9.73324   1.000 80.26312  ? 148 GLU A C   1 
ATOM 1123 O O   . GLU A 1 148 ? -14.75416 -13.61791 10.08622  1.000 88.60773  ? 148 GLU A O   1 
ATOM 1124 C CB  . GLU A 1 148 ? -14.30204 -11.27022 7.98428   1.000 74.42696  ? 148 GLU A CB  1 
ATOM 1125 C CG  . GLU A 1 148 ? -12.92222 -11.87048 8.18038   1.000 75.43559  ? 148 GLU A CG  1 
ATOM 1126 C CD  . GLU A 1 148 ? -11.81190 -10.88268 7.87220   1.000 74.51008  ? 148 GLU A CD  1 
ATOM 1127 O OE1 . GLU A 1 148 ? -12.10043 -9.67083  7.77750   1.000 65.68317  ? 148 GLU A OE1 1 
ATOM 1128 O OE2 . GLU A 1 148 ? -10.65071 -11.31745 7.72058   1.000 72.78707  ? 148 GLU A OE2 1 
ATOM 1129 N N   . LEU A 1 149 ? -16.19144 -11.95954 10.58860  1.000 79.49450  ? 149 LEU A N   1 
ATOM 1130 C CA  . LEU A 1 149 ? -16.25245 -12.26094 12.00936  1.000 83.97013  ? 149 LEU A CA  1 
ATOM 1131 C C   . LEU A 1 149 ? -17.51076 -13.03649 12.38612  1.000 86.95483  ? 149 LEU A C   1 
ATOM 1132 O O   . LEU A 1 149 ? -17.93959 -12.98106 13.54317  1.000 105.78846 ? 149 LEU A O   1 
ATOM 1133 C CB  . LEU A 1 149 ? -16.16203 -10.96710 12.82000  1.000 78.30967  ? 149 LEU A CB  1 
ATOM 1134 C CG  . LEU A 1 149 ? -15.08520 -9.97107  12.37759  1.000 79.13778  ? 149 LEU A CG  1 
ATOM 1135 C CD1 . LEU A 1 149 ? -15.10453 -8.72576  13.25446  1.000 74.74033  ? 149 LEU A CD1 1 
ATOM 1136 C CD2 . LEU A 1 149 ? -13.70637 -10.61573 12.38377  1.000 76.69058  ? 149 LEU A CD2 1 
ATOM 1137 N N   . ILE A 1 150 ? -18.11655 -13.75424 11.43476  1.000 70.16986  ? 150 ILE A N   1 
ATOM 1138 C CA  . ILE A 1 150 ? -19.27366 -14.57594 11.77137  1.000 82.40849  ? 150 ILE A CA  1 
ATOM 1139 C C   . ILE A 1 150 ? -18.85174 -15.81453 12.54870  1.000 96.26947  ? 150 ILE A C   1 
ATOM 1140 O O   . ILE A 1 150 ? -19.66017 -16.38145 13.29446  1.000 109.46174 ? 150 ILE A O   1 
ATOM 1141 C CB  . ILE A 1 150 ? -20.07500 -14.94669 10.50574  1.000 95.46733  ? 150 ILE A CB  1 
ATOM 1142 C CG1 . ILE A 1 150 ? -21.56444 -14.67026 10.72725  1.000 90.95720  ? 150 ILE A CG1 1 
ATOM 1143 C CG2 . ILE A 1 150 ? -19.86497 -16.40791 10.12055  1.000 96.21713  ? 150 ILE A CG2 1 
ATOM 1144 C CD1 . ILE A 1 150 ? -22.43838 -14.98374 9.53104   1.000 74.97596  ? 150 ILE A CD1 1 
ATOM 1145 N N   . GLU A 1 151 ? -17.59480 -16.24249 12.40577  1.000 89.07386  ? 151 GLU A N   1 
ATOM 1146 C CA  . GLU A 1 151 ? -17.06542 -17.30803 13.24456  1.000 87.01143  ? 151 GLU A CA  1 
ATOM 1147 C C   . GLU A 1 151 ? -16.72341 -16.82507 14.64849  1.000 84.54407  ? 151 GLU A C   1 
ATOM 1148 O O   . GLU A 1 151 ? -16.55448 -17.65420 15.54859  1.000 79.08000  ? 151 GLU A O   1 
ATOM 1149 C CB  . GLU A 1 151 ? -15.83131 -17.93699 12.58765  1.000 79.66133  ? 151 GLU A CB  1 
ATOM 1150 C CG  . GLU A 1 151 ? -15.07269 -17.00987 11.64357  1.000 85.42579  ? 151 GLU A CG  1 
ATOM 1151 C CD  . GLU A 1 151 ? -14.99367 -17.55168 10.22406  1.000 99.23956  ? 151 GLU A CD  1 
ATOM 1152 O OE1 . GLU A 1 151 ? -15.82101 -18.41853 9.87138   1.000 103.58405 ? 151 GLU A OE1 1 
ATOM 1153 O OE2 . GLU A 1 151 ? -14.10283 -17.11438 9.46252   1.000 87.80546  ? 151 GLU A OE2 1 
ATOM 1154 N N   . GLU A 1 152 ? -16.63847 -15.49913 14.86170  1.000 81.94158  ? 152 GLU A N   1 
ATOM 1155 C CA  . GLU A 1 152 ? -16.30149 -14.91539 16.15928  1.000 77.48489  ? 152 GLU A CA  1 
ATOM 1156 C C   . GLU A 1 152 ? -17.16307 -13.66377 16.35998  1.000 74.78953  ? 152 GLU A C   1 
ATOM 1157 O O   . GLU A 1 152 ? -16.68513 -12.53098 16.37189  1.000 82.12605  ? 152 GLU A O   1 
ATOM 1158 C CB  . GLU A 1 152 ? -14.80815 -14.58947 16.25891  1.000 79.57122  ? 152 GLU A CB  1 
ATOM 1159 C CG  . GLU A 1 152 ? -14.34166 -14.24154 17.66667  1.000 75.23582  ? 152 GLU A CG  1 
ATOM 1160 C CD  . GLU A 1 152 ? -13.67528 -15.40915 18.36469  1.000 75.88057  ? 152 GLU A CD  1 
ATOM 1161 O OE1 . GLU A 1 152 ? -12.48531 -15.66750 18.08877  1.000 76.38909  ? 152 GLU A OE1 1 
ATOM 1162 O OE2 . GLU A 1 152 ? -14.34188 -16.07429 19.18290  1.000 74.36436  ? 152 GLU A OE2 1 
ATOM 1163 N N   . GLY A 1 153 ? -18.46990 -13.87280 16.50710  1.000 75.31909  ? 153 GLY A N   1 
ATOM 1164 C CA  . GLY A 1 153 ? -19.40283 -12.79676 16.75613  1.000 84.72116  ? 153 GLY A CA  1 
ATOM 1165 C C   . GLY A 1 153 ? -19.78549 -12.77411 18.22238  1.000 83.77209  ? 153 GLY A C   1 
ATOM 1166 O O   . GLY A 1 153 ? -20.32515 -13.75102 18.74708  1.000 92.45549  ? 153 GLY A O   1 
ATOM 1167 N N   . LYS A 1 154 ? -19.50235 -11.65100 18.88020  1.000 69.21515  ? 154 LYS A N   1 
ATOM 1168 C CA  . LYS A 1 154 ? -19.45865 -11.67780 20.33477  1.000 81.91360  ? 154 LYS A CA  1 
ATOM 1169 C C   . LYS A 1 154 ? -19.39283 -10.31885 21.02337  1.000 97.21869  ? 154 LYS A C   1 
ATOM 1170 O O   . LYS A 1 154 ? -18.61352 -10.16600 21.96745  1.000 100.95692 ? 154 LYS A O   1 
ATOM 1171 C CB  . LYS A 1 154 ? -18.23954 -12.49417 20.76613  1.000 73.35214  ? 154 LYS A CB  1 
ATOM 1172 C CG  . LYS A 1 154 ? -16.99147 -12.16369 19.96073  1.000 73.59714  ? 154 LYS A CG  1 
ATOM 1173 C CD  . LYS A 1 154 ? -15.71903 -12.30263 20.75502  1.000 76.57878  ? 154 LYS A CD  1 
ATOM 1174 C CE  . LYS A 1 154 ? -14.82257 -11.09517 20.54544  1.000 79.76017  ? 154 LYS A CE  1 
ATOM 1175 N NZ  . LYS A 1 154 ? -15.43898 -9.86707  21.12311  1.000 90.08004  ? 154 LYS A NZ  1 
ATOM 1176 N N   . THR A 1 155 ? -20.17010 -9.32401  20.59357  1.000 96.68798  ? 155 THR A N   1 
ATOM 1177 C CA  . THR A 1 155 ? -20.17506 -8.07390  21.35044  1.000 80.96920  ? 155 THR A CA  1 
ATOM 1178 C C   . THR A 1 155 ? -21.44345 -7.27475  21.09423  1.000 77.92981  ? 155 THR A C   1 
ATOM 1179 O O   . THR A 1 155 ? -22.16784 -7.50256  20.12197  1.000 92.22682  ? 155 THR A O   1 
ATOM 1180 C CB  . THR A 1 155 ? -18.96681 -7.18379  21.03485  1.000 86.50547  ? 155 THR A CB  1 
ATOM 1181 O OG1 . THR A 1 155 ? -17.93706 -7.94652  20.39702  1.000 97.59797  ? 155 THR A OG1 1 
ATOM 1182 C CG2 . THR A 1 155 ? -18.42634 -6.60052  22.31789  1.000 85.81462  ? 155 THR A CG2 1 
ATOM 1183 N N   . ALA A 1 156 ? -21.68538 -6.31636  21.99437  1.000 65.68175  ? 156 ALA A N   1 
ATOM 1184 C CA  . ALA A 1 156 ? -22.74242 -5.33135  21.79163  1.000 82.34591  ? 156 ALA A CA  1 
ATOM 1185 C C   . ALA A 1 156 ? -22.35875 -4.34017  20.70328  1.000 90.55432  ? 156 ALA A C   1 
ATOM 1186 O O   . ALA A 1 156 ? -23.12025 -4.10838  19.75623  1.000 83.49704  ? 156 ALA A O   1 
ATOM 1187 C CB  . ALA A 1 156 ? -23.02458 -4.59093  23.09883  1.000 68.08740  ? 156 ALA A CB  1 
ATOM 1188 N N   . GLU A 1 157 ? -21.17614 -3.74057  20.82900  1.000 90.78370  ? 157 GLU A N   1 
ATOM 1189 C CA  . GLU A 1 157 ? -20.75133 -2.73961  19.85976  1.000 83.23725  ? 157 GLU A CA  1 
ATOM 1190 C C   . GLU A 1 157 ? -19.24366 -2.72521  19.63279  1.000 80.87991  ? 157 GLU A C   1 
ATOM 1191 O O   . GLU A 1 157 ? -18.75869 -1.80103  18.97124  1.000 72.24264  ? 157 GLU A O   1 
ATOM 1192 C CB  . GLU A 1 157 ? -21.22599 -1.34468  20.30280  1.000 88.70577  ? 157 GLU A CB  1 
ATOM 1193 C CG  . GLU A 1 157 ? -20.82120 -0.95914  21.71894  1.000 104.65315 ? 157 GLU A CG  1 
ATOM 1194 C CD  . GLU A 1 157 ? -21.44518 0.35106   22.17015  1.000 112.23665 ? 157 GLU A CD  1 
ATOM 1195 O OE1 . GLU A 1 157 ? -22.25800 0.91908   21.40898  1.000 97.87524  ? 157 GLU A OE1 1 
ATOM 1196 O OE2 . GLU A 1 157 ? -21.12296 0.81205   23.28675  1.000 112.30863 ? 157 GLU A OE2 1 
ATOM 1197 N N   . GLU A 1 158 ? -18.48241 -3.69621  20.14594  1.000 92.26198  ? 158 GLU A N   1 
ATOM 1198 C CA  . GLU A 1 158 ? -17.04690 -3.73511  19.88481  1.000 92.49948  ? 158 GLU A CA  1 
ATOM 1199 C C   . GLU A 1 158 ? -16.69612 -4.57415  18.66329  1.000 77.23370  ? 158 GLU A C   1 
ATOM 1200 O O   . GLU A 1 158 ? -15.66430 -4.32505  18.03125  1.000 67.04586  ? 158 GLU A O   1 
ATOM 1201 C CB  . GLU A 1 158 ? -16.28611 -4.25592  21.10751  1.000 82.62612  ? 158 GLU A CB  1 
ATOM 1202 C CG  . GLU A 1 158 ? -16.62080 -3.53260  22.40627  1.000 72.59736  ? 158 GLU A CG  1 
ATOM 1203 C CD  . GLU A 1 158 ? -16.16868 -2.08735  22.41058  1.000 70.78550  ? 158 GLU A CD  1 
ATOM 1204 O OE1 . GLU A 1 158 ? -15.11672 -1.78922  21.80728  1.000 76.83883  ? 158 GLU A OE1 1 
ATOM 1205 O OE2 . GLU A 1 158 ? -16.86767 -1.24867  23.01699  1.000 67.28773  ? 158 GLU A OE2 1 
ATOM 1206 N N   . ILE A 1 159 ? -17.53078 -5.55054  18.30024  1.000 69.64683  ? 159 ILE A N   1 
ATOM 1207 C CA  . ILE A 1 159 ? -17.44548 -6.14634  16.97083  1.000 69.82776  ? 159 ILE A CA  1 
ATOM 1208 C C   . ILE A 1 159 ? -17.99128 -5.11590  15.99500  1.000 71.00647  ? 159 ILE A C   1 
ATOM 1209 O O   . ILE A 1 159 ? -17.96762 -5.31550  14.77578  1.000 82.83417  ? 159 ILE A O   1 
ATOM 1210 C CB  . ILE A 1 159 ? -18.20952 -7.47960  16.86411  1.000 66.79279  ? 159 ILE A CB  1 
ATOM 1211 C CG1 . ILE A 1 159 ? -19.57941 -7.37900  17.53989  1.000 64.18416  ? 159 ILE A CG1 1 
ATOM 1212 C CG2 . ILE A 1 159 ? -17.37306 -8.62502  17.41921  1.000 66.12427  ? 159 ILE A CG2 1 
ATOM 1213 C CD1 . ILE A 1 159 ? -20.41540 -8.63521  17.41249  1.000 67.47217  ? 159 ILE A CD1 1 
ATOM 1214 N N   . ALA A 1 160 ? -18.50409 -4.01117  16.53962  1.000 64.79928  ? 160 ALA A N   1 
ATOM 1215 C CA  . ALA A 1 160 ? -18.87546 -2.84377  15.76221  1.000 82.20164  ? 160 ALA A CA  1 
ATOM 1216 C C   . ALA A 1 160 ? -18.01148 -1.62450  16.05052  1.000 75.46595  ? 160 ALA A C   1 
ATOM 1217 O O   . ALA A 1 160 ? -18.02411 -0.68494  15.25312  1.000 77.29874  ? 160 ALA A O   1 
ATOM 1218 C CB  . ALA A 1 160 ? -20.34716 -2.48802  16.00895  1.000 82.51513  ? 160 ALA A CB  1 
ATOM 1219 N N   . GLU A 1 161 ? -17.27001 -1.61080  17.16355  1.000 70.52891  ? 161 GLU A N   1 
ATOM 1220 C CA  . GLU A 1 161 ? -16.31367 -0.53324  17.40701  1.000 76.97119  ? 161 GLU A CA  1 
ATOM 1221 C C   . GLU A 1 161 ? -15.05618 -0.72276  16.57026  1.000 79.10835  ? 161 GLU A C   1 
ATOM 1222 O O   . GLU A 1 161 ? -14.47879 0.25387   16.07852  1.000 70.06635  ? 161 GLU A O   1 
ATOM 1223 C CB  . GLU A 1 161 ? -15.95244 -0.46147  18.89238  1.000 77.50601  ? 161 GLU A CB  1 
ATOM 1224 C CG  . GLU A 1 161 ? -15.57286 0.92777   19.38132  1.000 72.72548  ? 161 GLU A CG  1 
ATOM 1225 C CD  . GLU A 1 161 ? -16.78339 1.80700   19.62697  1.000 66.08409  ? 161 GLU A CD  1 
ATOM 1226 O OE1 . GLU A 1 161 ? -17.83775 1.26832   20.02415  1.000 67.81417  ? 161 GLU A OE1 1 
ATOM 1227 O OE2 . GLU A 1 161 ? -16.68287 3.03450   19.41919  1.000 71.54243  ? 161 GLU A OE2 1 
ATOM 1228 N N   . ILE A 1 162 ? -14.61653 -1.97435  16.41086  1.000 82.54330  ? 162 ILE A N   1 
ATOM 1229 C CA  . ILE A 1 162 ? -13.56323 -2.28638  15.45101  1.000 75.97907  ? 162 ILE A CA  1 
ATOM 1230 C C   . ILE A 1 162 ? -14.00404 -1.90134  14.04631  1.000 70.04463  ? 162 ILE A C   1 
ATOM 1231 O O   . ILE A 1 162 ? -13.17322 -1.57209  13.19003  1.000 66.78191  ? 162 ILE A O   1 
ATOM 1232 C CB  . ILE A 1 162 ? -13.19361 -3.78194  15.54570  1.000 77.74116  ? 162 ILE A CB  1 
ATOM 1233 C CG1 . ILE A 1 162 ? -12.77565 -4.13983  16.97265  1.000 67.78130  ? 162 ILE A CG1 1 
ATOM 1234 C CG2 . ILE A 1 162 ? -12.08060 -4.13630  14.57125  1.000 75.54758  ? 162 ILE A CG2 1 
ATOM 1235 C CD1 . ILE A 1 162 ? -12.64941 -5.62974  17.21919  1.000 60.65791  ? 162 ILE A CD1 1 
ATOM 1236 N N   . LEU A 1 163 ? -15.31399 -1.91136  13.79230  1.000 61.92852  ? 163 LEU A N   1 
ATOM 1237 C CA  . LEU A 1 163 ? -15.87349 -1.58560  12.48727  1.000 59.49829  ? 163 LEU A CA  1 
ATOM 1238 C C   . LEU A 1 163 ? -16.82058 -0.39077  12.55923  1.000 59.25783  ? 163 LEU A C   1 
ATOM 1239 O O   . LEU A 1 163 ? -17.82221 -0.34060  11.84289  1.000 59.33896  ? 163 LEU A O   1 
ATOM 1240 C CB  . LEU A 1 163 ? -16.58460 -2.79830  11.88793  1.000 58.53550  ? 163 LEU A CB  1 
ATOM 1241 C CG  . LEU A 1 163 ? -15.70141 -4.00374  11.54904  1.000 67.12163  ? 163 LEU A CG  1 
ATOM 1242 C CD1 . LEU A 1 163 ? -15.51985 -4.93197  12.74486  1.000 70.17504  ? 163 LEU A CD1 1 
ATOM 1243 C CD2 . LEU A 1 163 ? -16.26225 -4.76230  10.36242  1.000 63.35701  ? 163 LEU A CD2 1 
ATOM 1244 N N   . GLY A 1 164 ? -16.52421 0.57418   13.42723  1.000 68.68898  ? 164 GLY A N   1 
ATOM 1245 C CA  . GLY A 1 164 ? -17.28051 1.81087   13.44232  1.000 72.24039  ? 164 GLY A CA  1 
ATOM 1246 C C   . GLY A 1 164 ? -17.99883 2.14316   14.73513  1.000 81.60364  ? 164 GLY A C   1 
ATOM 1247 O O   . GLY A 1 164 ? -17.52195 2.97288   15.51590  1.000 81.41631  ? 164 GLY A O   1 
ATOM 1248 N N   . LEU A 1 165 ? -19.15468 1.51597   14.97188  1.000 78.45286  ? 165 LEU A N   1 
ATOM 1249 C CA  . LEU A 1 165 ? -20.04012 1.97549   16.03723  1.000 79.05560  ? 165 LEU A CA  1 
ATOM 1250 C C   . LEU A 1 165 ? -20.75479 0.84941   16.77940  1.000 73.50049  ? 165 LEU A C   1 
ATOM 1251 O O   . LEU A 1 165 ? -20.15315 0.18156   17.62610  1.000 83.22617  ? 165 LEU A O   1 
ATOM 1252 C CB  . LEU A 1 165 ? -21.07365 2.94868   15.46707  1.000 95.00276  ? 165 LEU A CB  1 
ATOM 1253 C CG  . LEU A 1 165 ? -20.58908 4.32913   15.01968  1.000 98.76577  ? 165 LEU A CG  1 
ATOM 1254 C CD1 . LEU A 1 165 ? -20.15902 4.34802   13.55926  1.000 70.84855  ? 165 LEU A CD1 1 
ATOM 1255 C CD2 . LEU A 1 165 ? -21.69667 5.30392   15.24419  1.000 94.39632  ? 165 LEU A CD2 1 
ATOM 1256 N N   . SER A 1 166 ? -22.03663 0.64876   16.48809  1.000 70.64727  ? 166 SER A N   1 
ATOM 1257 C CA  . SER A 1 166 ? -22.88759 -0.23161  17.28296  1.000 88.70111  ? 166 SER A CA  1 
ATOM 1258 C C   . SER A 1 166 ? -23.61443 -1.21452  16.36645  1.000 68.74702  ? 166 SER A C   1 
ATOM 1259 O O   . SER A 1 166 ? -23.24934 -1.42202  15.20221  1.000 67.79514  ? 166 SER A O   1 
ATOM 1260 C CB  . SER A 1 166 ? -23.85729 0.60342   18.13178  1.000 96.34228  ? 166 SER A CB  1 
ATOM 1261 O OG  . SER A 1 166 ? -24.81773 -0.22089  18.76947  1.000 89.08666  ? 166 SER A OG  1 
ATOM 1262 N N   . VAL A 1 167 ? -24.66407 -1.84487  16.90220  1.000 66.48699  ? 167 VAL A N   1 
ATOM 1263 C CA  . VAL A 1 167 ? -25.45794 -2.79468  16.13325  1.000 70.58146  ? 167 VAL A CA  1 
ATOM 1264 C C   . VAL A 1 167 ? -26.10751 -2.13740  14.92938  1.000 71.83989  ? 167 VAL A C   1 
ATOM 1265 O O   . VAL A 1 167 ? -26.47572 -2.83083  13.97789  1.000 67.65133  ? 167 VAL A O   1 
ATOM 1266 C CB  . VAL A 1 167 ? -26.52616 -3.45454  17.02802  1.000 85.45201  ? 167 VAL A CB  1 
ATOM 1267 C CG1 . VAL A 1 167 ? -25.86857 -4.31591  18.09218  1.000 85.38636  ? 167 VAL A CG1 1 
ATOM 1268 C CG2 . VAL A 1 167 ? -27.41245 -2.39179  17.66373  1.000 82.80153  ? 167 VAL A CG2 1 
ATOM 1269 N N   . ASP A 1 168 ? -26.27149 -0.81073  14.95409  1.000 79.01962  ? 168 ASP A N   1 
ATOM 1270 C CA  . ASP A 1 168 ? -26.75886 -0.09205  13.78069  1.000 84.26317  ? 168 ASP A CA  1 
ATOM 1271 C C   . ASP A 1 168 ? -25.96474 -0.47261  12.53765  1.000 95.41206  ? 168 ASP A C   1 
ATOM 1272 O O   . ASP A 1 168 ? -26.53925 -0.70271  11.46774  1.000 104.23101 ? 168 ASP A O   1 
ATOM 1273 C CB  . ASP A 1 168 ? -26.69685 1.41727   14.03836  1.000 72.66537  ? 168 ASP A CB  1 
ATOM 1274 C CG  . ASP A 1 168 ? -26.76322 2.24018   12.76458  1.000 91.08430  ? 168 ASP A CG  1 
ATOM 1275 O OD1 . ASP A 1 168 ? -25.72506 2.37674   12.08225  1.000 91.68638  ? 168 ASP A OD1 1 
ATOM 1276 O OD2 . ASP A 1 168 ? -27.85503 2.75677   12.44720  1.000 108.13184 ? 168 ASP A OD2 1 
ATOM 1277 N N   . GLU A 1 169 ? -24.64050 -0.56583  12.66531  1.000 91.62381  ? 169 GLU A N   1 
ATOM 1278 C CA  . GLU A 1 169 ? -23.82871 -1.02863  11.54581  1.000 82.59868  ? 169 GLU A CA  1 
ATOM 1279 C C   . GLU A 1 169 ? -24.01173 -2.52390  11.31922  1.000 79.92232  ? 169 GLU A C   1 
ATOM 1280 O O   . GLU A 1 169 ? -24.11506 -2.97504  10.17306  1.000 78.41266  ? 169 GLU A O   1 
ATOM 1281 C CB  . GLU A 1 169 ? -22.35610 -0.69090  11.78701  1.000 82.12124  ? 169 GLU A CB  1 
ATOM 1282 C CG  . GLU A 1 169 ? -22.00021 0.77861   11.57542  1.000 82.29306  ? 169 GLU A CG  1 
ATOM 1283 C CD  . GLU A 1 169 ? -22.67128 1.70582   12.57376  1.000 88.82066  ? 169 GLU A CD  1 
ATOM 1284 O OE1 . GLU A 1 169 ? -23.09730 1.22568   13.64659  1.000 92.25300  ? 169 GLU A OE1 1 
ATOM 1285 O OE2 . GLU A 1 169 ? -22.77556 2.91607   12.28218  1.000 88.31684  ? 169 GLU A OE2 1 
ATOM 1286 N N   . ILE A 1 170 ? -24.08632 -3.30357  12.39832  1.000 81.33575  ? 170 ILE A N   1 
ATOM 1287 C CA  . ILE A 1 170 ? -24.21224 -4.75525  12.30721  1.000 77.98006  ? 170 ILE A CA  1 
ATOM 1288 C C   . ILE A 1 170 ? -25.67966 -5.12256  12.11322  1.000 79.53085  ? 170 ILE A C   1 
ATOM 1289 O O   . ILE A 1 170 ? -26.12921 -6.19559  12.53104  1.000 87.50602  ? 170 ILE A O   1 
ATOM 1290 C CB  . ILE A 1 170 ? -23.61781 -5.44076  13.55224  1.000 68.89753  ? 170 ILE A CB  1 
ATOM 1291 C CG1 . ILE A 1 170 ? -22.38247 -4.67913  14.03500  1.000 68.21161  ? 170 ILE A CG1 1 
ATOM 1292 C CG2 . ILE A 1 170 ? -23.22980 -6.88115  13.24570  1.000 71.17609  ? 170 ILE A CG2 1 
ATOM 1293 C CD1 . ILE A 1 170 ? -21.21474 -4.72000  13.06843  1.000 66.48791  ? 170 ILE A CD1 1 
ATOM 1294 N N   . LYS A 1 171 ? -26.43846 -4.22538  11.48622  1.000 77.58229  ? 171 LYS A N   1 
ATOM 1295 C CA  . LYS A 1 171 ? -27.81535 -4.50582  11.10061  1.000 87.34077  ? 171 LYS A CA  1 
ATOM 1296 C C   . LYS A 1 171 ? -28.00189 -4.19884  9.62146   1.000 87.09835  ? 171 LYS A C   1 
ATOM 1297 O O   . LYS A 1 171 ? -28.78664 -4.86105  8.93523   1.000 85.42382  ? 171 LYS A O   1 
ATOM 1298 C CB  . LYS A 1 171 ? -28.79911 -3.69679  11.94932  1.000 95.00761  ? 171 LYS A CB  1 
ATOM 1299 C CG  . LYS A 1 171 ? -29.08328 -4.29758  13.31710  1.000 91.80777  ? 171 LYS A CG  1 
ATOM 1300 C CD  . LYS A 1 171 ? -29.89013 -3.34624  14.18650  1.000 87.92971  ? 171 LYS A CD  1 
ATOM 1301 C CE  . LYS A 1 171 ? -30.15287 -3.93875  15.56272  1.000 81.57909  ? 171 LYS A CE  1 
ATOM 1302 N NZ  . LYS A 1 171 ? -30.93311 -3.00495  16.42210  1.000 67.03868  ? 171 LYS A NZ  1 
ATOM 1303 N N   . GLU A 1 172 ? -27.28132 -3.19266  9.12371   1.000 81.96970  ? 172 GLU A N   1 
ATOM 1304 C CA  . GLU A 1 172 ? -27.30443 -2.87884  7.70187   1.000 80.11481  ? 172 GLU A CA  1 
ATOM 1305 C C   . GLU A 1 172 ? -26.35468 -3.75285  6.89584   1.000 76.55723  ? 172 GLU A C   1 
ATOM 1306 O O   . GLU A 1 172 ? -26.51872 -3.86272  5.67585   1.000 60.56094  ? 172 GLU A O   1 
ATOM 1307 C CB  . GLU A 1 172 ? -26.95423 -1.40681  7.48050   1.000 76.95401  ? 172 GLU A CB  1 
ATOM 1308 C CG  . GLU A 1 172 ? -28.10656 -0.44405  7.70863   1.000 87.63829  ? 172 GLU A CG  1 
ATOM 1309 C CD  . GLU A 1 172 ? -28.37098 -0.15578  9.17154   1.000 78.98031  ? 172 GLU A CD  1 
ATOM 1310 O OE1 . GLU A 1 172 ? -28.85800 -1.05787  9.88428   1.000 79.57720  ? 172 GLU A OE1 1 
ATOM 1311 O OE2 . GLU A 1 172 ? -28.08867 0.97915   9.61007   1.000 69.03213  ? 172 GLU A OE2 1 
ATOM 1312 N N   . LEU A 1 173 ? -25.37219 -4.37199  7.54846   1.000 77.92863  ? 173 LEU A N   1 
ATOM 1313 C CA  . LEU A 1 173 ? -24.38278 -5.20716  6.88528   1.000 66.34550  ? 173 LEU A CA  1 
ATOM 1314 C C   . LEU A 1 173 ? -24.60566 -6.69302  7.13403   1.000 81.97696  ? 173 LEU A C   1 
ATOM 1315 O O   . LEU A 1 173 ? -23.81300 -7.51218  6.65376   1.000 82.22479  ? 173 LEU A O   1 
ATOM 1316 C CB  . LEU A 1 173 ? -22.97547 -4.80303  7.33977   1.000 62.55413  ? 173 LEU A CB  1 
ATOM 1317 C CG  . LEU A 1 173 ? -22.70516 -3.29474  7.33380   1.000 61.52948  ? 173 LEU A CG  1 
ATOM 1318 C CD1 . LEU A 1 173 ? -21.47529 -2.95610  8.15694   1.000 70.20685  ? 173 LEU A CD1 1 
ATOM 1319 C CD2 . LEU A 1 173 ? -22.55281 -2.77083  5.91890   1.000 64.98322  ? 173 LEU A CD2 1 
ATOM 1320 N N   . ILE A 1 174 ? -25.65879 -7.05778  7.86225   1.000 84.13496  ? 174 ILE A N   1 
ATOM 1321 C CA  . ILE A 1 174 ? -25.96409 -8.45646  8.14776   1.000 86.62203  ? 174 ILE A CA  1 
ATOM 1322 C C   . ILE A 1 174 ? -27.37591 -8.52097  8.71023   1.000 89.08797  ? 174 ILE A C   1 
ATOM 1323 O O   . ILE A 1 174 ? -27.90695 -7.51688  9.19748   1.000 81.63199  ? 174 ILE A O   1 
ATOM 1324 C CB  . ILE A 1 174 ? -24.91845 -9.04938  9.13070   1.000 82.71026  ? 174 ILE A CB  1 
ATOM 1325 C CG1 . ILE A 1 174 ? -24.88106 -10.57398 9.01911   1.000 89.20269  ? 174 ILE A CG1 1 
ATOM 1326 C CG2 . ILE A 1 174 ? -25.21498 -8.61775  10.55946  1.000 76.20152  ? 174 ILE A CG2 1 
ATOM 1327 C CD1 . ILE A 1 174 ? -23.70118 -11.20593 9.72019   1.000 78.43979  ? 174 ILE A CD1 1 
ATOM 1328 N N   . GLY A 1 175 ? -27.99087 -9.70163  8.63780   1.000 99.15648  ? 175 GLY A N   1 
ATOM 1329 C CA  . GLY A 1 175 ? -29.33910 -9.88724  9.12900   1.000 96.02307  ? 175 GLY A CA  1 
ATOM 1330 C C   . GLY A 1 175 ? -29.40162 -9.99555  10.64094  1.000 92.38946  ? 175 GLY A C   1 
ATOM 1331 O O   . GLY A 1 175 ? -28.41039 -9.84562  11.35549  1.000 89.07342  ? 175 GLY A O   1 
ATOM 1332 N N   . GLU A 1 176 ? -30.61117 -10.26345 11.13475  1.000 92.42564  ? 176 GLU A N   1 
ATOM 1333 C CA  . GLU A 1 176 ? -30.82263 -10.40524 12.57003  1.000 103.98846 ? 176 GLU A CA  1 
ATOM 1334 C C   . GLU A 1 176 ? -30.62647 -11.83216 13.05577  1.000 97.98670  ? 176 GLU A C   1 
ATOM 1335 O O   . GLU A 1 176 ? -30.25040 -12.03422 14.21640  1.000 96.33641  ? 176 GLU A O   1 
ATOM 1336 C CB  . GLU A 1 176 ? -32.22462 -9.92865  12.95449  1.000 112.74913 ? 176 GLU A CB  1 
ATOM 1337 C CG  . GLU A 1 176 ? -32.53860 -8.51884  12.50464  1.000 111.64382 ? 176 GLU A CG  1 
ATOM 1338 C CD  . GLU A 1 176 ? -31.60581 -7.48042  13.09386  1.000 116.66878 ? 176 GLU A CD  1 
ATOM 1339 O OE1 . GLU A 1 176 ? -31.15608 -7.66382  14.24453  1.000 118.62257 ? 176 GLU A OE1 1 
ATOM 1340 O OE2 . GLU A 1 176 ? -31.32041 -6.48041  12.40101  1.000 109.17664 ? 176 GLU A OE2 1 
ATOM 1341 N N   . GLU A 1 177 ? -30.87900 -12.82803 12.20192  1.000 96.35597  ? 177 GLU A N   1 
ATOM 1342 C CA  . GLU A 1 177 ? -30.57451 -14.20333 12.58067  1.000 111.39378 ? 177 GLU A CA  1 
ATOM 1343 C C   . GLU A 1 177 ? -29.07903 -14.40523 12.76869  1.000 104.83508 ? 177 GLU A C   1 
ATOM 1344 O O   . GLU A 1 177 ? -28.65928 -15.29714 13.51575  1.000 97.36970  ? 177 GLU A O   1 
ATOM 1345 C CB  . GLU A 1 177 ? -31.12177 -15.18093 11.53775  1.000 115.07878 ? 177 GLU A CB  1 
ATOM 1346 C CG  . GLU A 1 177 ? -30.92879 -14.77805 10.09109  1.000 107.84602 ? 177 GLU A CG  1 
ATOM 1347 C CD  . GLU A 1 177 ? -31.82007 -15.57531 9.15617   1.000 102.76613 ? 177 GLU A CD  1 
ATOM 1348 O OE1 . GLU A 1 177 ? -33.05466 -15.38051 9.19831   1.000 100.92651 ? 177 GLU A OE1 1 
ATOM 1349 O OE2 . GLU A 1 177 ? -31.28843 -16.40817 8.39255   1.000 101.30646 ? 177 GLU A OE2 1 
ATOM 1350 N N   . GLU A 1 178 ? -28.26401 -13.58729 12.10760  1.000 103.19729 ? 178 GLU A N   1 
ATOM 1351 C CA  . GLU A 1 178 ? -26.81979 -13.62219 12.26717  1.000 103.27489 ? 178 GLU A CA  1 
ATOM 1352 C C   . GLU A 1 178 ? -26.30220 -12.49359 13.15102  1.000 102.05034 ? 178 GLU A C   1 
ATOM 1353 O O   . GLU A 1 178 ? -25.08479 -12.32215 13.26989  1.000 90.82116  ? 178 GLU A O   1 
ATOM 1354 C CB  . GLU A 1 178 ? -26.13953 -13.58936 10.89792  1.000 111.21059 ? 178 GLU A CB  1 
ATOM 1355 C CG  . GLU A 1 178 ? -26.21898 -14.91153 10.14327  1.000 95.31762  ? 178 GLU A CG  1 
ATOM 1356 C CD  . GLU A 1 178 ? -26.94905 -14.79441 8.81857   1.000 100.33013 ? 178 GLU A CD  1 
ATOM 1357 O OE1 . GLU A 1 178 ? -27.99711 -14.11609 8.76935   1.000 89.40663  ? 178 GLU A OE1 1 
ATOM 1358 O OE2 . GLU A 1 178 ? -26.46934 -15.37909 7.82395   1.000 109.46444 ? 178 GLU A OE2 1 
ATOM 1359 N N   . ILE A 1 179 ? -27.19633 -11.71689 13.76860  1.000 113.32224 ? 179 ILE A N   1 
ATOM 1360 C CA  . ILE A 1 179 ? -26.76962 -10.82425 14.84154  1.000 114.21522 ? 179 ILE A CA  1 
ATOM 1361 C C   . ILE A 1 179 ? -26.31510 -11.63963 16.04488  1.000 106.33690 ? 179 ILE A C   1 
ATOM 1362 O O   . ILE A 1 179 ? -25.35651 -11.27528 16.73792  1.000 108.71460 ? 179 ILE A O   1 
ATOM 1363 C CB  . ILE A 1 179 ? -27.89597 -9.83618  15.20658  1.000 99.51658  ? 179 ILE A CB  1 
ATOM 1364 C CG1 . ILE A 1 179 ? -27.79698 -8.57519  14.33976  1.000 91.34332  ? 179 ILE A CG1 1 
ATOM 1365 C CG2 . ILE A 1 179 ? -27.87717 -9.50043  16.70340  1.000 84.81037  ? 179 ILE A CG2 1 
ATOM 1366 C CD1 . ILE A 1 179 ? -28.13183 -7.28761  15.07308  1.000 77.61581  ? 179 ILE A CD1 1 
ATOM 1367 N N   . LYS A 1 180 ? -26.97263 -12.76695 16.29126  1.000 99.42473  ? 180 LYS A N   1 
ATOM 1368 C CA  . LYS A 1 180 ? -26.62361 -13.68340 17.37176  1.000 93.80495  ? 180 LYS A CA  1 
ATOM 1369 C C   . LYS A 1 180 ? -26.24020 -15.02728 16.75684  1.000 92.36640  ? 180 LYS A C   1 
ATOM 1370 O O   . LYS A 1 180 ? -26.96696 -16.01596 16.89076  1.000 89.30205  ? 180 LYS A O   1 
ATOM 1371 C CB  . LYS A 1 180 ? -27.78677 -13.82879 18.35408  1.000 97.82893  ? 180 LYS A CB  1 
ATOM 1372 C CG  . LYS A 1 180 ? -28.62878 -12.57593 18.51182  1.000 95.27366  ? 180 LYS A CG  1 
ATOM 1373 C CD  . LYS A 1 180 ? -29.82688 -12.83851 19.40486  1.000 90.20710  ? 180 LYS A CD  1 
ATOM 1374 C CE  . LYS A 1 180 ? -30.62627 -14.03818 18.91853  1.000 72.89856  ? 180 LYS A CE  1 
ATOM 1375 N NZ  . LYS A 1 180 ? -31.75851 -14.35526 19.83111  1.000 69.51796  ? 180 LYS A NZ  1 
ATOM 1376 N N   . LYS A 1 181 ? -25.10016 -15.05908 16.07500  1.000 90.69432  ? 181 LYS A N   1 
ATOM 1377 C CA  . LYS A 1 181 ? -24.62469 -16.28656 15.44952  1.000 80.19585  ? 181 LYS A CA  1 
ATOM 1378 C C   . LYS A 1 181 ? -23.10650 -16.38471 15.54494  1.000 81.69491  ? 181 LYS A C   1 
ATOM 1379 O O   . LYS A 1 181 ? -22.55862 -17.46988 15.73661  1.000 91.66143  ? 181 LYS A O   1 
ATOM 1380 C CB  . LYS A 1 181 ? -25.07772 -16.35337 13.98788  1.000 83.49127  ? 181 LYS A CB  1 
ATOM 1381 C CG  . LYS A 1 181 ? -24.88493 -17.71059 13.32508  1.000 82.79531  ? 181 LYS A CG  1 
ATOM 1382 C CD  . LYS A 1 181 ? -23.57534 -17.78522 12.55535  1.000 79.94349  ? 181 LYS A CD  1 
ATOM 1383 C CE  . LYS A 1 181 ? -23.38597 -19.15413 11.92614  1.000 94.61933  ? 181 LYS A CE  1 
ATOM 1384 N NZ  . LYS A 1 181 ? -22.14461 -19.21833 11.10632  1.000 101.31883 ? 181 LYS A NZ  1 
# 
